data_6QU3
#
_entry.id   6QU3
#
_cell.length_a   166.154
_cell.length_b   150.561
_cell.length_c   83.993
_cell.angle_alpha   90.00
_cell.angle_beta   90.00
_cell.angle_gamma   90.00
#
_symmetry.space_group_name_H-M   'P 21 21 2'
#
loop_
_entity.id
_entity.type
_entity.pdbx_description
1 polymer 'ATP-dependent 6-phosphofructokinase'
2 non-polymer 1-[(3,4-dichlorophenyl)methyl]-7~{H}-pyrrolo[3,2-c]pyridin-4-one
3 non-polymer 'CITRIC ACID'
4 non-polymer GLYCEROL
5 non-polymer PHOSPHOSERINE
6 water water
#
_entity_poly.entity_id   1
_entity_poly.type   'polypeptide(L)'
_entity_poly.pdbx_seq_one_letter_code
;MGSSHHHHHHSSGLVPRGSHMAVESRSRVTSKLVKAHRAMLNSVTQEDLKVDRLPGADYPNPSKKYSSRTEFRDKTDYIM
YNPRPRDEPSSENPVSVSPLLCELAAARSRIHFNPTETTIGIVTCGGICPGLNDVIRSITLTGINVYNVKRVIGFRFGYW
GLSKKGSQTAIELHRGRVTNIHHYGGTILGSSRGPQDPKEMVDTLERLGVNILFTVGGDGTQRGALVISQEAKRRGVDIS
VFGVPKTIDNDLSFSHRTFGFQTAVEKAVQAIRAAYAEAVSANYGVGVVKLMGRDSGFIAAQAAVASAQANICLVPENPI
SEQEVMSLLERRFCHSRSCVIIVAEGFGQDWGRGSGGYDASGNKKLIDIGVILTEKVKAFLKANKSRYPDSTVKYIDPSY
MIRACPPSANDALFCATLATLAVHEAMAGATGCIIAMRHNNYILVPIKVATSVRRVLDLRGQLWRQVREITVDLGSDVRL
ARKLEIRRELEAINRNRDRLHEELAKL
;
_entity_poly.pdbx_strand_id   A,B,C,D
#
# COMPACT_ATOMS: atom_id res chain seq x y z
N ALA A 39 47.39 -19.11 2.45
CA ALA A 39 46.07 -18.42 2.34
C ALA A 39 46.22 -17.22 1.42
N MET A 40 45.14 -16.86 0.68
CA MET A 40 45.08 -15.70 -0.25
C MET A 40 44.40 -14.54 0.48
N LEU A 41 45.15 -13.46 0.76
CA LEU A 41 44.60 -12.18 1.27
C LEU A 41 44.58 -11.18 0.13
N ASN A 42 43.57 -10.31 0.11
CA ASN A 42 43.50 -9.12 -0.77
C ASN A 42 44.62 -8.16 -0.34
N SER A 43 45.23 -7.44 -1.27
CA SER A 43 46.47 -6.65 -1.03
C SER A 43 46.21 -5.15 -1.08
N VAL A 44 45.02 -4.68 -0.68
CA VAL A 44 44.58 -3.26 -0.77
C VAL A 44 45.46 -2.40 0.16
N THR A 45 46.10 -1.39 -0.43
CA THR A 45 46.90 -0.33 0.22
C THR A 45 46.20 1.00 0.02
N GLN A 46 46.63 2.05 0.72
CA GLN A 46 46.11 3.43 0.55
C GLN A 46 46.18 3.84 -0.94
N GLU A 47 47.27 3.49 -1.62
CA GLU A 47 47.49 3.81 -3.06
C GLU A 47 46.31 3.27 -3.88
N ASP A 48 45.85 2.04 -3.56
CA ASP A 48 44.76 1.36 -4.30
C ASP A 48 43.43 2.13 -4.12
N LEU A 49 43.30 2.94 -3.07
CA LEU A 49 42.06 3.68 -2.72
C LEU A 49 42.11 5.11 -3.25
N LYS A 50 43.24 5.57 -3.81
CA LYS A 50 43.34 6.90 -4.46
C LYS A 50 42.47 6.88 -5.72
N VAL A 51 41.47 7.77 -5.80
CA VAL A 51 40.59 7.82 -7.00
C VAL A 51 41.23 8.79 -8.00
N ASP A 52 41.36 8.31 -9.24
CA ASP A 52 41.85 9.03 -10.44
C ASP A 52 41.08 10.34 -10.62
N ARG A 53 41.81 11.43 -10.91
CA ARG A 53 41.25 12.73 -11.35
C ARG A 53 41.79 13.03 -12.74
N LEU A 54 40.91 13.40 -13.68
CA LEU A 54 41.33 13.97 -14.98
C LEU A 54 42.15 15.23 -14.71
N PRO A 55 43.22 15.48 -15.48
CA PRO A 55 44.13 16.60 -15.20
C PRO A 55 43.49 17.98 -15.37
N GLY A 56 43.61 18.84 -14.35
CA GLY A 56 43.11 20.23 -14.34
C GLY A 56 41.72 20.34 -13.73
N ALA A 57 41.53 21.32 -12.85
CA ALA A 57 40.22 21.83 -12.39
C ALA A 57 40.20 23.36 -12.58
N ASP A 58 39.96 23.80 -13.82
CA ASP A 58 40.21 25.20 -14.27
C ASP A 58 38.95 26.05 -14.13
N TYR A 59 37.82 25.49 -13.72
CA TYR A 59 36.53 26.24 -13.69
C TYR A 59 35.95 26.30 -12.28
N PRO A 60 35.34 27.44 -11.90
CA PRO A 60 34.65 27.55 -10.62
C PRO A 60 33.34 26.78 -10.68
N ASN A 61 32.91 26.22 -9.54
CA ASN A 61 31.63 25.48 -9.43
C ASN A 61 30.52 26.52 -9.29
N PRO A 62 29.54 26.56 -10.23
CA PRO A 62 28.44 27.53 -10.13
C PRO A 62 27.47 27.33 -8.96
N SER A 63 27.47 26.15 -8.31
CA SER A 63 26.64 25.79 -7.13
C SER A 63 27.44 25.75 -5.81
N LYS A 64 28.77 25.66 -5.85
CA LYS A 64 29.64 25.61 -4.63
C LYS A 64 30.72 26.71 -4.71
N LYS A 65 30.40 27.91 -4.21
CA LYS A 65 31.30 29.09 -4.16
C LYS A 65 32.26 28.92 -2.97
N TYR A 66 33.57 28.85 -3.25
CA TYR A 66 34.65 28.73 -2.24
C TYR A 66 34.40 29.65 -1.05
N SER A 67 33.89 30.86 -1.31
CA SER A 67 33.61 31.94 -0.33
C SER A 67 32.35 31.66 0.51
N SER A 68 31.65 30.53 0.31
CA SER A 68 30.51 30.07 1.14
C SER A 68 30.96 28.94 2.09
N ARG A 69 32.25 28.56 2.04
CA ARG A 69 32.95 27.78 3.09
C ARG A 69 33.19 28.70 4.30
N THR A 70 33.48 28.12 5.47
CA THR A 70 33.87 28.85 6.71
C THR A 70 35.38 28.68 6.98
N GLU A 71 36.04 27.74 6.31
CA GLU A 71 37.51 27.49 6.43
C GLU A 71 38.14 27.37 5.05
N PHE A 72 39.47 27.41 4.99
CA PHE A 72 40.27 27.29 3.76
C PHE A 72 40.47 25.80 3.40
N ARG A 73 40.91 25.60 2.15
CA ARG A 73 41.43 24.35 1.57
C ARG A 73 40.26 23.45 1.12
N ASP A 74 39.63 23.81 -0.01
CA ASP A 74 38.59 22.96 -0.66
C ASP A 74 39.31 21.92 -1.51
N LYS A 75 39.35 20.71 -0.95
CA LYS A 75 40.07 19.52 -1.49
C LYS A 75 39.63 18.30 -0.67
N THR A 76 40.39 17.21 -0.73
CA THR A 76 39.91 15.83 -0.42
C THR A 76 39.94 15.62 1.10
N ASP A 77 38.77 15.30 1.69
CA ASP A 77 38.60 14.83 3.08
C ASP A 77 38.39 13.30 3.06
N TYR A 78 38.68 12.65 4.18
CA TYR A 78 38.73 11.18 4.32
C TYR A 78 37.89 10.72 5.50
N ILE A 79 37.44 9.46 5.45
CA ILE A 79 36.86 8.71 6.59
C ILE A 79 37.66 7.40 6.74
N MET A 80 37.78 6.90 7.97
CA MET A 80 38.45 5.62 8.27
C MET A 80 37.63 4.46 7.69
N TYR A 81 38.30 3.52 7.02
CA TYR A 81 37.70 2.26 6.54
C TYR A 81 37.11 1.50 7.73
N ASN A 82 37.84 1.46 8.85
CA ASN A 82 37.41 0.73 10.07
C ASN A 82 37.48 1.69 11.26
N PRO A 83 36.34 2.16 11.79
CA PRO A 83 36.35 3.11 12.91
C PRO A 83 36.48 2.47 14.31
N ARG A 84 37.01 1.26 14.40
CA ARG A 84 37.25 0.56 15.68
C ARG A 84 38.69 0.78 16.11
N PRO A 85 38.94 1.04 17.41
CA PRO A 85 40.28 1.36 17.90
C PRO A 85 41.13 0.10 18.08
N ARG A 86 42.45 0.25 18.12
CA ARG A 86 43.42 -0.81 18.49
C ARG A 86 43.38 -1.05 20.03
N ASP A 87 43.28 0.01 20.83
CA ASP A 87 43.54 -0.03 22.31
C ASP A 87 42.30 0.40 23.10
N GLU A 88 42.33 0.13 24.41
CA GLU A 88 41.36 0.65 25.42
C GLU A 88 41.38 2.17 25.37
N PRO A 89 40.36 2.87 25.91
CA PRO A 89 40.46 4.31 26.14
C PRO A 89 41.71 4.68 26.95
N SER A 90 42.45 5.71 26.52
CA SER A 90 43.72 6.19 27.15
C SER A 90 43.85 7.71 26.96
N SER A 91 44.93 8.29 27.46
CA SER A 91 45.25 9.75 27.39
C SER A 91 45.45 10.19 25.93
N GLU A 92 45.79 9.27 25.02
CA GLU A 92 46.00 9.62 23.59
C GLU A 92 44.77 9.22 22.76
N ASN A 93 44.52 9.94 21.66
CA ASN A 93 43.42 9.67 20.69
C ASN A 93 43.54 8.23 20.17
N PRO A 94 42.40 7.54 19.97
CA PRO A 94 42.41 6.16 19.47
C PRO A 94 42.91 6.03 18.02
N VAL A 95 43.48 4.86 17.72
CA VAL A 95 44.14 4.53 16.43
C VAL A 95 43.31 3.43 15.75
N SER A 96 43.03 3.57 14.46
CA SER A 96 42.21 2.60 13.68
C SER A 96 42.93 1.26 13.63
N VAL A 97 42.17 0.17 13.71
CA VAL A 97 42.64 -1.22 13.48
C VAL A 97 43.11 -1.37 12.02
N SER A 98 42.58 -0.59 11.08
CA SER A 98 42.99 -0.59 9.64
C SER A 98 43.82 0.66 9.31
N PRO A 99 44.80 0.55 8.39
CA PRO A 99 45.52 1.73 7.90
C PRO A 99 44.79 2.49 6.79
N LEU A 100 43.64 1.98 6.32
CA LEU A 100 42.97 2.49 5.10
C LEU A 100 42.07 3.70 5.44
N LEU A 101 42.14 4.71 4.57
CA LEU A 101 41.24 5.90 4.54
C LEU A 101 40.52 5.94 3.19
N CYS A 102 39.21 6.19 3.20
CA CYS A 102 38.35 6.34 1.99
C CYS A 102 38.06 7.82 1.76
N GLU A 103 38.16 8.26 0.50
CA GLU A 103 37.87 9.65 0.09
C GLU A 103 36.35 9.88 0.14
N LEU A 104 35.92 10.94 0.85
CA LEU A 104 34.49 11.33 0.98
C LEU A 104 34.03 12.05 -0.30
N ALA A 105 32.82 11.75 -0.77
CA ALA A 105 32.18 12.38 -1.95
C ALA A 105 31.53 13.70 -1.53
N ALA A 106 31.69 14.75 -2.34
CA ALA A 106 31.16 16.11 -2.03
C ALA A 106 31.27 17.03 -3.24
N ALA A 107 30.38 18.02 -3.33
CA ALA A 107 30.47 19.18 -4.25
C ALA A 107 31.81 19.90 -4.01
N ARG A 108 32.59 20.12 -5.07
CA ARG A 108 33.92 20.76 -4.98
C ARG A 108 33.81 22.20 -5.49
N SER A 109 34.66 23.11 -5.00
CA SER A 109 34.70 24.55 -5.40
C SER A 109 35.32 24.69 -6.79
N ARG A 110 36.19 23.77 -7.22
CA ARG A 110 36.84 23.77 -8.56
C ARG A 110 36.40 22.51 -9.32
N ILE A 111 36.04 22.64 -10.60
CA ILE A 111 35.58 21.50 -11.44
C ILE A 111 36.46 21.39 -12.69
N HIS A 112 36.53 20.19 -13.28
CA HIS A 112 37.41 19.84 -14.43
C HIS A 112 36.71 20.21 -15.75
N PHE A 113 35.41 19.89 -15.85
CA PHE A 113 34.58 20.11 -17.06
C PHE A 113 33.97 21.51 -17.00
N ASN A 114 34.02 22.19 -18.14
CA ASN A 114 33.36 23.51 -18.36
C ASN A 114 31.86 23.25 -18.52
N PRO A 115 31.01 23.61 -17.53
CA PRO A 115 29.63 23.16 -17.48
C PRO A 115 28.86 23.23 -18.81
N THR A 116 28.84 24.39 -19.47
CA THR A 116 27.97 24.67 -20.64
C THR A 116 28.50 23.97 -21.91
N GLU A 117 29.71 23.41 -21.87
CA GLU A 117 30.30 22.61 -22.99
C GLU A 117 30.21 21.10 -22.70
N THR A 118 29.63 20.70 -21.57
CA THR A 118 29.68 19.31 -21.05
C THR A 118 28.46 18.52 -21.54
N THR A 119 28.70 17.34 -22.11
CA THR A 119 27.66 16.33 -22.46
C THR A 119 27.80 15.16 -21.48
N ILE A 120 26.69 14.84 -20.78
CA ILE A 120 26.58 13.68 -19.85
C ILE A 120 25.86 12.54 -20.59
N GLY A 121 26.42 11.32 -20.51
CA GLY A 121 25.78 10.09 -21.00
C GLY A 121 25.43 9.16 -19.84
N ILE A 122 24.38 8.36 -20.02
CA ILE A 122 23.89 7.37 -18.99
C ILE A 122 23.57 6.05 -19.68
N VAL A 123 23.96 4.94 -19.05
CA VAL A 123 23.60 3.56 -19.51
C VAL A 123 23.27 2.70 -18.28
N THR A 124 22.19 1.90 -18.37
CA THR A 124 21.72 0.96 -17.33
C THR A 124 21.86 -0.46 -17.88
N CYS A 125 22.51 -1.36 -17.13
CA CYS A 125 22.90 -2.73 -17.58
C CYS A 125 22.45 -3.78 -16.55
N GLY A 126 22.19 -5.00 -17.02
CA GLY A 126 21.86 -6.16 -16.17
C GLY A 126 20.41 -6.16 -15.72
N GLY A 127 20.07 -7.03 -14.77
CA GLY A 127 18.73 -7.16 -14.20
C GLY A 127 18.26 -5.83 -13.63
N ILE A 128 16.98 -5.51 -13.75
CA ILE A 128 16.42 -4.26 -13.17
C ILE A 128 16.40 -4.39 -11.65
N CYS A 129 16.23 -3.24 -10.99
CA CYS A 129 16.42 -3.04 -9.55
C CYS A 129 15.61 -1.80 -9.19
N PRO A 130 14.87 -1.74 -8.07
CA PRO A 130 14.07 -0.56 -7.76
C PRO A 130 14.98 0.67 -7.63
N GLY A 131 14.61 1.76 -8.31
CA GLY A 131 15.32 3.06 -8.23
C GLY A 131 16.18 3.35 -9.45
N LEU A 132 16.21 2.49 -10.48
CA LEU A 132 16.99 2.79 -11.71
C LEU A 132 16.51 4.13 -12.27
N ASN A 133 15.20 4.36 -12.33
CA ASN A 133 14.61 5.59 -12.89
C ASN A 133 14.97 6.79 -12.00
N ASP A 134 15.05 6.59 -10.68
CA ASP A 134 15.46 7.65 -9.73
C ASP A 134 16.90 8.10 -10.03
N VAL A 135 17.80 7.16 -10.31
CA VAL A 135 19.22 7.46 -10.64
C VAL A 135 19.26 8.20 -11.97
N ILE A 136 18.54 7.74 -13.00
CA ILE A 136 18.49 8.40 -14.34
C ILE A 136 17.97 9.82 -14.16
N ARG A 137 16.87 9.99 -13.43
CA ARG A 137 16.21 11.31 -13.22
C ARG A 137 17.18 12.27 -12.53
N SER A 138 17.80 11.84 -11.43
CA SER A 138 18.63 12.71 -10.55
C SER A 138 19.95 13.06 -11.23
N ILE A 139 20.56 12.14 -11.98
CA ILE A 139 21.76 12.44 -12.81
C ILE A 139 21.38 13.54 -13.81
N THR A 140 20.25 13.36 -14.51
CA THR A 140 19.75 14.30 -15.55
C THR A 140 19.49 15.67 -14.92
N LEU A 141 18.73 15.75 -13.83
CA LEU A 141 18.28 17.05 -13.24
C LEU A 141 19.44 17.74 -12.53
N THR A 142 20.39 17.01 -11.94
CA THR A 142 21.61 17.61 -11.35
C THR A 142 22.43 18.26 -12.46
N GLY A 143 22.68 17.53 -13.54
CA GLY A 143 23.38 18.02 -14.74
C GLY A 143 22.76 19.31 -15.25
N ILE A 144 21.44 19.29 -15.48
CA ILE A 144 20.69 20.39 -16.15
C ILE A 144 20.46 21.55 -15.15
N ASN A 145 19.88 21.28 -13.98
CA ASN A 145 19.41 22.33 -13.04
C ASN A 145 20.58 22.92 -12.22
N VAL A 146 21.59 22.14 -11.87
CA VAL A 146 22.67 22.59 -10.93
C VAL A 146 23.88 23.07 -11.72
N TYR A 147 24.32 22.31 -12.74
CA TYR A 147 25.53 22.60 -13.54
C TYR A 147 25.15 23.22 -14.89
N ASN A 148 23.90 23.14 -15.31
CA ASN A 148 23.41 23.75 -16.58
C ASN A 148 24.23 23.18 -17.74
N VAL A 149 24.46 21.86 -17.75
CA VAL A 149 25.27 21.16 -18.80
C VAL A 149 24.58 21.37 -20.15
N LYS A 150 25.34 21.20 -21.24
CA LYS A 150 24.84 21.40 -22.63
C LYS A 150 23.73 20.38 -22.91
N ARG A 151 23.92 19.12 -22.52
CA ARG A 151 23.11 17.99 -23.08
C ARG A 151 23.31 16.72 -22.23
N VAL A 152 22.24 15.92 -22.12
CA VAL A 152 22.22 14.59 -21.43
C VAL A 152 21.65 13.55 -22.40
N ILE A 153 22.40 12.47 -22.63
CA ILE A 153 22.05 11.36 -23.58
C ILE A 153 21.79 10.09 -22.75
N GLY A 154 20.68 9.40 -23.03
CA GLY A 154 20.38 8.07 -22.48
C GLY A 154 20.63 6.99 -23.51
N PHE A 155 21.67 6.17 -23.30
CA PHE A 155 21.97 5.00 -24.17
C PHE A 155 21.04 3.85 -23.77
N ARG A 156 20.52 3.13 -24.76
CA ARG A 156 19.39 2.17 -24.56
C ARG A 156 19.90 0.73 -24.46
N PHE A 157 19.28 -0.07 -23.59
CA PHE A 157 19.47 -1.54 -23.51
C PHE A 157 20.94 -1.84 -23.22
N GLY A 158 21.49 -1.16 -22.21
CA GLY A 158 22.85 -1.42 -21.71
C GLY A 158 23.91 -1.03 -22.71
N TYR A 159 25.04 -1.75 -22.73
CA TYR A 159 26.24 -1.41 -23.53
C TYR A 159 25.91 -1.54 -25.02
N TRP A 160 24.94 -2.39 -25.39
CA TRP A 160 24.37 -2.47 -26.76
C TRP A 160 24.09 -1.05 -27.28
N GLY A 161 23.61 -0.16 -26.42
CA GLY A 161 23.19 1.22 -26.77
C GLY A 161 24.33 2.11 -27.19
N LEU A 162 25.58 1.74 -26.88
CA LEU A 162 26.82 2.49 -27.28
C LEU A 162 27.50 1.83 -28.49
N SER A 163 27.03 0.66 -28.95
CA SER A 163 27.52 0.02 -30.20
C SER A 163 27.08 0.87 -31.41
N LYS A 164 27.71 0.67 -32.57
CA LYS A 164 27.43 1.43 -33.81
C LYS A 164 25.93 1.28 -34.16
N LYS A 165 25.44 0.04 -34.22
CA LYS A 165 24.00 -0.30 -34.49
C LYS A 165 23.12 0.37 -33.42
N GLY A 166 23.38 0.09 -32.13
CA GLY A 166 22.52 0.47 -30.99
C GLY A 166 22.45 1.97 -30.76
N SER A 167 23.49 2.72 -31.11
CA SER A 167 23.63 4.18 -30.83
C SER A 167 22.54 4.99 -31.55
N GLN A 168 21.92 4.44 -32.60
CA GLN A 168 20.82 5.09 -33.37
C GLN A 168 19.62 5.31 -32.44
N THR A 169 19.44 4.44 -31.43
CA THR A 169 18.26 4.39 -30.52
C THR A 169 18.43 5.36 -29.35
N ALA A 170 19.60 5.99 -29.21
CA ALA A 170 19.97 6.86 -28.06
C ALA A 170 18.93 7.98 -27.92
N ILE A 171 18.54 8.32 -26.70
CA ILE A 171 17.43 9.28 -26.45
C ILE A 171 17.99 10.55 -25.80
N GLU A 172 17.35 11.69 -26.09
CA GLU A 172 17.63 13.00 -25.47
C GLU A 172 16.92 13.08 -24.12
N LEU A 173 17.68 13.20 -23.04
CA LEU A 173 17.15 13.35 -21.65
C LEU A 173 17.10 14.84 -21.30
N HIS A 174 15.90 15.42 -21.36
CA HIS A 174 15.56 16.80 -20.93
C HIS A 174 14.60 16.71 -19.74
N ARG A 175 14.22 17.84 -19.15
CA ARG A 175 13.34 17.93 -17.96
C ARG A 175 12.04 17.15 -18.19
N GLY A 176 11.42 17.35 -19.35
CA GLY A 176 10.12 16.77 -19.74
C GLY A 176 10.18 15.25 -19.84
N ARG A 177 11.31 14.68 -20.23
CA ARG A 177 11.48 13.22 -20.47
C ARG A 177 11.64 12.45 -19.15
N VAL A 178 12.00 13.12 -18.05
CA VAL A 178 12.31 12.45 -16.75
C VAL A 178 11.35 12.90 -15.63
N THR A 179 10.34 13.74 -15.92
CA THR A 179 9.53 14.44 -14.88
C THR A 179 9.02 13.47 -13.80
N ASN A 180 8.39 12.35 -14.18
CA ASN A 180 7.73 11.40 -13.25
C ASN A 180 8.29 9.97 -13.38
N ILE A 181 9.42 9.76 -14.05
CA ILE A 181 9.88 8.38 -14.38
C ILE A 181 10.22 7.61 -13.09
N HIS A 182 10.53 8.31 -12.00
CA HIS A 182 10.88 7.71 -10.69
C HIS A 182 9.66 7.07 -10.01
N HIS A 183 8.43 7.28 -10.50
CA HIS A 183 7.20 6.66 -9.95
C HIS A 183 7.02 5.23 -10.50
N TYR A 184 7.88 4.78 -11.41
CA TYR A 184 7.75 3.48 -12.14
C TYR A 184 8.98 2.62 -11.92
N GLY A 185 8.78 1.30 -11.83
CA GLY A 185 9.86 0.31 -11.84
C GLY A 185 10.48 0.18 -13.22
N GLY A 186 11.58 -0.57 -13.32
CA GLY A 186 12.33 -0.77 -14.57
C GLY A 186 13.24 0.40 -14.88
N THR A 187 13.59 0.58 -16.16
CA THR A 187 14.45 1.67 -16.68
C THR A 187 13.86 2.13 -18.00
N ILE A 188 13.60 3.43 -18.14
CA ILE A 188 13.13 4.05 -19.42
C ILE A 188 14.21 3.86 -20.49
N LEU A 189 15.48 3.68 -20.11
CA LEU A 189 16.57 3.47 -21.10
C LEU A 189 16.53 2.03 -21.60
N GLY A 190 15.99 1.12 -20.81
CA GLY A 190 16.12 -0.33 -21.05
C GLY A 190 17.49 -0.82 -20.63
N SER A 191 17.64 -2.13 -20.51
CA SER A 191 18.84 -2.81 -20.00
C SER A 191 19.17 -4.03 -20.88
N SER A 192 20.41 -4.51 -20.86
CA SER A 192 20.85 -5.80 -21.44
C SER A 192 22.05 -6.33 -20.64
N ARG A 193 22.30 -7.63 -20.71
CA ARG A 193 23.50 -8.28 -20.10
C ARG A 193 24.62 -8.34 -21.13
N GLY A 194 25.86 -8.35 -20.66
CA GLY A 194 27.02 -8.75 -21.47
C GLY A 194 27.63 -7.60 -22.26
N PRO A 195 28.87 -7.78 -22.77
CA PRO A 195 29.70 -6.66 -23.20
C PRO A 195 29.51 -6.25 -24.66
N GLN A 196 30.19 -5.17 -25.04
CA GLN A 196 30.34 -4.71 -26.44
C GLN A 196 31.81 -4.37 -26.66
N ASP A 197 32.22 -4.20 -27.92
CA ASP A 197 33.59 -3.79 -28.32
C ASP A 197 33.89 -2.41 -27.74
N PRO A 198 34.89 -2.28 -26.83
CA PRO A 198 35.22 -0.98 -26.23
C PRO A 198 35.57 0.08 -27.27
N LYS A 199 36.21 -0.32 -28.38
CA LYS A 199 36.63 0.57 -29.49
C LYS A 199 35.38 1.25 -30.09
N GLU A 200 34.37 0.44 -30.46
CA GLU A 200 33.05 0.91 -30.99
C GLU A 200 32.43 1.91 -30.00
N MET A 201 32.40 1.55 -28.71
CA MET A 201 31.69 2.34 -27.67
C MET A 201 32.36 3.72 -27.53
N VAL A 202 33.70 3.77 -27.50
CA VAL A 202 34.45 5.07 -27.40
C VAL A 202 34.26 5.85 -28.72
N ASP A 203 34.16 5.14 -29.86
CA ASP A 203 33.78 5.75 -31.16
C ASP A 203 32.46 6.53 -30.95
N THR A 204 31.44 5.88 -30.40
CA THR A 204 30.10 6.48 -30.12
C THR A 204 30.26 7.71 -29.21
N LEU A 205 30.99 7.55 -28.10
CA LEU A 205 31.16 8.64 -27.08
C LEU A 205 31.81 9.86 -27.74
N GLU A 206 32.87 9.66 -28.54
CA GLU A 206 33.59 10.73 -29.28
C GLU A 206 32.64 11.40 -30.27
N ARG A 207 31.94 10.60 -31.08
CA ARG A 207 31.00 11.07 -32.13
C ARG A 207 29.94 11.99 -31.51
N LEU A 208 29.38 11.64 -30.36
CA LEU A 208 28.27 12.38 -29.70
C LEU A 208 28.82 13.49 -28.78
N GLY A 209 30.16 13.54 -28.60
CA GLY A 209 30.83 14.54 -27.75
C GLY A 209 30.53 14.33 -26.27
N VAL A 210 30.40 13.07 -25.84
CA VAL A 210 30.10 12.70 -24.41
C VAL A 210 31.36 12.92 -23.59
N ASN A 211 31.28 13.75 -22.54
CA ASN A 211 32.41 14.09 -21.63
C ASN A 211 32.37 13.24 -20.35
N ILE A 212 31.18 12.86 -19.88
CA ILE A 212 31.00 11.99 -18.68
C ILE A 212 29.99 10.87 -19.01
N LEU A 213 30.41 9.61 -18.87
CA LEU A 213 29.49 8.44 -18.97
C LEU A 213 29.29 7.84 -17.58
N PHE A 214 28.02 7.79 -17.13
CA PHE A 214 27.60 7.11 -15.89
C PHE A 214 27.18 5.67 -16.21
N THR A 215 27.89 4.70 -15.66
CA THR A 215 27.63 3.25 -15.81
C THR A 215 26.88 2.75 -14.59
N VAL A 216 25.57 2.50 -14.76
CA VAL A 216 24.66 1.94 -13.71
C VAL A 216 24.53 0.45 -13.95
N GLY A 217 25.14 -0.37 -13.08
CA GLY A 217 25.14 -1.83 -13.20
C GLY A 217 26.02 -2.48 -12.15
N GLY A 218 26.16 -3.81 -12.23
CA GLY A 218 26.90 -4.64 -11.25
C GLY A 218 28.37 -4.75 -11.59
N ASP A 219 29.02 -5.74 -10.97
CA ASP A 219 30.48 -6.03 -11.02
C ASP A 219 30.93 -6.05 -12.50
N GLY A 220 30.24 -6.83 -13.32
CA GLY A 220 30.53 -7.01 -14.76
C GLY A 220 30.50 -5.69 -15.53
N THR A 221 29.51 -4.85 -15.23
CA THR A 221 29.30 -3.53 -15.88
C THR A 221 30.47 -2.61 -15.56
N GLN A 222 30.90 -2.56 -14.29
CA GLN A 222 31.94 -1.61 -13.82
C GLN A 222 33.31 -2.07 -14.34
N ARG A 223 33.57 -3.39 -14.46
CA ARG A 223 34.80 -3.91 -15.13
C ARG A 223 34.85 -3.35 -16.55
N GLY A 224 33.70 -3.32 -17.23
CA GLY A 224 33.56 -2.77 -18.60
C GLY A 224 33.80 -1.27 -18.61
N ALA A 225 33.30 -0.56 -17.61
CA ALA A 225 33.48 0.91 -17.42
C ALA A 225 34.98 1.23 -17.40
N LEU A 226 35.76 0.44 -16.66
CA LEU A 226 37.23 0.66 -16.50
C LEU A 226 37.91 0.43 -17.85
N VAL A 227 37.47 -0.57 -18.62
CA VAL A 227 38.00 -0.87 -19.98
C VAL A 227 37.67 0.31 -20.92
N ILE A 228 36.48 0.90 -20.83
CA ILE A 228 36.09 2.12 -21.62
C ILE A 228 37.01 3.27 -21.24
N SER A 229 37.19 3.51 -19.94
CA SER A 229 38.03 4.59 -19.35
C SER A 229 39.43 4.56 -19.97
N GLN A 230 40.02 3.35 -20.07
CA GLN A 230 41.42 3.12 -20.50
C GLN A 230 41.53 3.27 -22.03
N GLU A 231 40.49 2.89 -22.78
CA GLU A 231 40.43 3.09 -24.25
C GLU A 231 40.39 4.60 -24.54
N ALA A 232 39.65 5.36 -23.73
CA ALA A 232 39.58 6.85 -23.80
C ALA A 232 40.98 7.43 -23.51
N LYS A 233 41.61 7.03 -22.41
CA LYS A 233 42.95 7.50 -22.00
C LYS A 233 43.95 7.21 -23.13
N ARG A 234 43.87 6.02 -23.73
CA ARG A 234 44.74 5.54 -24.84
C ARG A 234 44.69 6.52 -26.02
N ARG A 235 43.49 7.02 -26.39
CA ARG A 235 43.31 7.99 -27.50
C ARG A 235 43.47 9.44 -27.01
N GLY A 236 43.68 9.64 -25.70
CA GLY A 236 43.80 10.97 -25.08
C GLY A 236 42.52 11.78 -25.19
N VAL A 237 41.35 11.14 -25.11
CA VAL A 237 40.02 11.81 -25.11
C VAL A 237 39.65 12.15 -23.65
N ASP A 238 39.12 13.36 -23.44
CA ASP A 238 38.76 13.94 -22.12
C ASP A 238 37.38 13.40 -21.69
N ILE A 239 37.35 12.18 -21.17
CA ILE A 239 36.10 11.46 -20.75
C ILE A 239 36.28 10.95 -19.31
N SER A 240 35.30 11.21 -18.45
CA SER A 240 35.13 10.57 -17.13
C SER A 240 34.15 9.41 -17.28
N VAL A 241 34.53 8.22 -16.81
CA VAL A 241 33.61 7.06 -16.63
C VAL A 241 33.43 6.85 -15.12
N PHE A 242 32.18 6.96 -14.66
CA PHE A 242 31.80 6.99 -13.23
C PHE A 242 30.67 5.99 -12.97
N GLY A 243 30.91 5.00 -12.12
CA GLY A 243 29.95 3.92 -11.83
C GLY A 243 29.01 4.29 -10.69
N VAL A 244 27.70 4.05 -10.88
CA VAL A 244 26.70 3.97 -9.79
C VAL A 244 26.36 2.49 -9.59
N PRO A 245 26.85 1.85 -8.51
CA PRO A 245 26.64 0.41 -8.32
C PRO A 245 25.16 0.01 -8.22
N LYS A 246 24.79 -0.99 -9.01
CA LYS A 246 23.44 -1.62 -9.02
C LYS A 246 23.60 -3.06 -8.55
N THR A 247 23.23 -3.35 -7.31
CA THR A 247 23.10 -4.73 -6.80
C THR A 247 22.00 -4.76 -5.74
N ILE A 248 20.88 -5.40 -6.04
CA ILE A 248 19.72 -5.55 -5.13
C ILE A 248 20.17 -6.34 -3.88
N ASP A 249 21.24 -7.15 -4.01
CA ASP A 249 21.73 -8.09 -2.98
C ASP A 249 22.63 -7.38 -1.95
N ASN A 250 23.05 -6.15 -2.23
CA ASN A 250 23.81 -5.33 -1.24
C ASN A 250 25.14 -6.02 -0.91
N ASP A 251 25.79 -6.62 -1.91
CA ASP A 251 27.02 -7.44 -1.71
C ASP A 251 28.21 -6.75 -2.38
N LEU A 252 28.11 -5.44 -2.61
CA LEU A 252 29.25 -4.54 -2.91
C LEU A 252 30.07 -4.35 -1.63
N SER A 253 31.40 -4.47 -1.72
CA SER A 253 32.35 -4.17 -0.63
C SER A 253 32.60 -2.67 -0.55
N PHE A 254 33.25 -2.22 0.52
CA PHE A 254 33.47 -0.78 0.81
C PHE A 254 32.11 -0.09 0.87
N SER A 255 31.09 -0.81 1.36
CA SER A 255 29.65 -0.42 1.25
C SER A 255 28.82 -1.15 2.31
N HIS A 256 27.90 -0.46 2.96
CA HIS A 256 26.89 -1.07 3.87
C HIS A 256 25.50 -1.05 3.23
N ARG A 257 25.29 -0.32 2.14
CA ARG A 257 23.93 -0.19 1.53
C ARG A 257 24.02 0.28 0.07
N THR A 258 23.43 -0.50 -0.83
CA THR A 258 23.24 -0.15 -2.26
C THR A 258 21.75 0.16 -2.48
N PHE A 259 21.42 0.95 -3.49
CA PHE A 259 20.05 1.45 -3.76
C PHE A 259 19.17 0.26 -4.17
N GLY A 260 17.91 0.28 -3.74
CA GLY A 260 16.88 -0.73 -4.04
C GLY A 260 16.85 -1.88 -3.06
N PHE A 261 17.94 -2.09 -2.31
CA PHE A 261 18.05 -3.20 -1.33
C PHE A 261 16.92 -3.10 -0.30
N GLN A 262 16.71 -1.93 0.31
CA GLN A 262 15.67 -1.75 1.37
C GLN A 262 14.29 -2.02 0.80
N THR A 263 14.02 -1.57 -0.43
CA THR A 263 12.73 -1.82 -1.13
C THR A 263 12.55 -3.32 -1.30
N ALA A 264 13.61 -4.03 -1.71
CA ALA A 264 13.61 -5.48 -1.96
C ALA A 264 13.19 -6.22 -0.69
N VAL A 265 13.71 -5.80 0.46
CA VAL A 265 13.39 -6.43 1.77
C VAL A 265 11.91 -6.19 2.10
N GLU A 266 11.36 -5.00 1.82
CA GLU A 266 9.91 -4.72 2.03
C GLU A 266 9.10 -5.75 1.22
N LYS A 267 9.43 -5.92 -0.06
CA LYS A 267 8.66 -6.79 -0.98
C LYS A 267 8.83 -8.25 -0.57
N ALA A 268 10.04 -8.65 -0.16
CA ALA A 268 10.34 -10.01 0.32
C ALA A 268 9.43 -10.32 1.52
N VAL A 269 9.27 -9.38 2.44
CA VAL A 269 8.43 -9.60 3.66
C VAL A 269 6.96 -9.77 3.23
N GLN A 270 6.50 -9.06 2.20
CA GLN A 270 5.11 -9.21 1.69
C GLN A 270 4.95 -10.61 1.08
N ALA A 271 5.94 -11.11 0.33
CA ALA A 271 5.93 -12.47 -0.26
C ALA A 271 5.84 -13.50 0.87
N ILE A 272 6.64 -13.34 1.93
CA ILE A 272 6.66 -14.27 3.11
C ILE A 272 5.28 -14.29 3.78
N ARG A 273 4.64 -13.14 3.93
CA ARG A 273 3.29 -13.00 4.56
C ARG A 273 2.27 -13.87 3.79
N ALA A 274 2.31 -13.83 2.46
CA ALA A 274 1.43 -14.63 1.59
C ALA A 274 1.79 -16.12 1.69
N ALA A 275 3.08 -16.48 1.67
CA ALA A 275 3.53 -17.89 1.80
C ALA A 275 3.03 -18.47 3.13
N TYR A 276 3.15 -17.69 4.20
CA TYR A 276 2.74 -18.08 5.57
C TYR A 276 1.23 -18.34 5.60
N ALA A 277 0.44 -17.43 5.03
CA ALA A 277 -1.05 -17.57 4.98
C ALA A 277 -1.41 -18.89 4.29
N GLU A 278 -0.74 -19.21 3.19
CA GLU A 278 -0.95 -20.46 2.40
C GLU A 278 -0.56 -21.66 3.26
N ALA A 279 0.63 -21.66 3.83
CA ALA A 279 1.20 -22.81 4.58
C ALA A 279 0.36 -23.08 5.83
N VAL A 280 0.02 -22.05 6.61
CA VAL A 280 -0.68 -22.24 7.90
C VAL A 280 -2.12 -22.71 7.64
N SER A 281 -2.64 -22.53 6.43
CA SER A 281 -4.02 -22.95 6.04
C SER A 281 -4.09 -24.44 5.70
N ALA A 282 -2.95 -25.14 5.61
CA ALA A 282 -2.87 -26.59 5.27
C ALA A 282 -2.34 -27.39 6.47
N ASN A 283 -2.81 -28.64 6.60
CA ASN A 283 -2.26 -29.64 7.55
C ASN A 283 -0.91 -30.13 6.99
N TYR A 284 0.16 -29.92 7.74
CA TYR A 284 1.56 -30.15 7.30
C TYR A 284 1.78 -29.41 5.98
N GLY A 285 1.55 -28.10 6.05
CA GLY A 285 1.74 -27.16 4.92
C GLY A 285 3.14 -26.59 4.92
N VAL A 286 3.76 -26.55 3.73
CA VAL A 286 5.14 -26.00 3.53
C VAL A 286 5.07 -24.93 2.45
N GLY A 287 5.49 -23.71 2.81
CA GLY A 287 5.72 -22.63 1.85
C GLY A 287 7.21 -22.47 1.63
N VAL A 288 7.68 -22.68 0.40
CA VAL A 288 9.06 -22.43 -0.04
C VAL A 288 9.04 -21.12 -0.81
N VAL A 289 9.80 -20.10 -0.38
CA VAL A 289 9.89 -18.80 -1.10
C VAL A 289 11.35 -18.47 -1.38
N LYS A 290 11.68 -18.26 -2.66
CA LYS A 290 13.03 -17.87 -3.14
C LYS A 290 13.15 -16.35 -3.04
N LEU A 291 14.22 -15.85 -2.41
CA LEU A 291 14.41 -14.40 -2.13
C LEU A 291 15.78 -13.95 -2.62
N MET A 292 15.92 -13.77 -3.94
CA MET A 292 17.13 -13.23 -4.60
C MET A 292 18.35 -13.97 -4.02
N GLY A 293 19.45 -13.27 -3.76
CA GLY A 293 20.67 -13.81 -3.12
C GLY A 293 21.46 -14.71 -4.05
N ARG A 294 22.07 -14.14 -5.10
CA ARG A 294 22.88 -14.89 -6.09
C ARG A 294 24.13 -15.46 -5.41
N ASP A 295 24.89 -14.63 -4.69
CA ASP A 295 26.18 -15.02 -4.05
C ASP A 295 26.18 -14.71 -2.55
N SER A 296 25.10 -14.12 -2.01
CA SER A 296 25.00 -13.75 -0.58
C SER A 296 23.52 -13.75 -0.15
N GLY A 297 23.25 -13.68 1.15
CA GLY A 297 21.90 -13.89 1.69
C GLY A 297 21.39 -12.73 2.51
N PHE A 298 21.74 -11.49 2.16
CA PHE A 298 21.34 -10.29 2.94
C PHE A 298 19.81 -10.12 2.88
N ILE A 299 19.20 -10.26 1.70
CA ILE A 299 17.73 -10.10 1.54
C ILE A 299 17.04 -11.20 2.35
N ALA A 300 17.45 -12.46 2.16
CA ALA A 300 16.86 -13.64 2.82
C ALA A 300 16.94 -13.46 4.35
N ALA A 301 18.10 -13.07 4.87
CA ALA A 301 18.36 -12.95 6.32
C ALA A 301 17.52 -11.81 6.91
N GLN A 302 17.53 -10.63 6.29
CA GLN A 302 16.79 -9.44 6.81
C GLN A 302 15.28 -9.71 6.74
N ALA A 303 14.80 -10.28 5.64
CA ALA A 303 13.37 -10.62 5.44
C ALA A 303 12.94 -11.65 6.50
N ALA A 304 13.74 -12.68 6.74
CA ALA A 304 13.44 -13.73 7.75
C ALA A 304 13.24 -13.07 9.12
N VAL A 305 14.12 -12.16 9.51
CA VAL A 305 14.07 -11.52 10.85
C VAL A 305 12.90 -10.52 10.86
N ALA A 306 12.77 -9.68 9.83
CA ALA A 306 11.71 -8.64 9.76
C ALA A 306 10.34 -9.31 9.83
N SER A 307 10.13 -10.40 9.09
CA SER A 307 8.81 -11.09 8.98
C SER A 307 8.50 -11.88 10.25
N ALA A 308 9.53 -12.46 10.89
CA ALA A 308 9.41 -13.37 12.06
C ALA A 308 8.53 -14.59 11.73
N GLN A 309 8.47 -15.02 10.46
CA GLN A 309 7.55 -16.10 10.01
C GLN A 309 8.32 -17.23 9.31
N ALA A 310 9.63 -17.11 9.12
CA ALA A 310 10.47 -18.15 8.48
C ALA A 310 10.97 -19.12 9.55
N ASN A 311 10.86 -20.43 9.30
CA ASN A 311 11.31 -21.49 10.24
C ASN A 311 12.66 -22.04 9.78
N ILE A 312 12.98 -21.89 8.49
CA ILE A 312 14.26 -22.31 7.87
C ILE A 312 14.67 -21.21 6.89
N CYS A 313 15.94 -20.79 6.94
CA CYS A 313 16.54 -19.75 6.09
C CYS A 313 17.82 -20.29 5.46
N LEU A 314 17.80 -20.54 4.15
CA LEU A 314 18.88 -21.22 3.40
C LEU A 314 19.63 -20.18 2.55
N VAL A 315 20.91 -19.98 2.84
CA VAL A 315 21.75 -18.91 2.22
C VAL A 315 23.06 -19.51 1.70
N PRO A 316 23.65 -18.92 0.64
CA PRO A 316 24.90 -19.41 0.05
C PRO A 316 26.06 -19.52 1.05
N GLU A 317 26.09 -18.65 2.06
CA GLU A 317 27.19 -18.57 3.06
C GLU A 317 27.17 -19.82 3.95
N ASN A 318 26.05 -20.55 4.00
CA ASN A 318 25.86 -21.66 4.97
C ASN A 318 25.38 -22.91 4.23
N PRO A 319 26.22 -23.51 3.35
CA PRO A 319 25.80 -24.69 2.60
C PRO A 319 25.55 -25.83 3.60
N ILE A 320 24.34 -26.40 3.56
CA ILE A 320 23.99 -27.62 4.32
C ILE A 320 23.38 -28.60 3.33
N SER A 321 23.34 -29.88 3.72
CA SER A 321 22.89 -30.99 2.85
C SER A 321 21.37 -31.03 2.82
N GLU A 322 20.83 -31.64 1.76
CA GLU A 322 19.41 -32.06 1.64
C GLU A 322 18.95 -32.73 2.95
N GLN A 323 19.79 -33.57 3.55
CA GLN A 323 19.43 -34.39 4.75
C GLN A 323 19.23 -33.47 5.96
N GLU A 324 20.10 -32.47 6.14
CA GLU A 324 20.02 -31.50 7.26
C GLU A 324 18.74 -30.68 7.11
N VAL A 325 18.45 -30.21 5.88
CA VAL A 325 17.20 -29.44 5.57
C VAL A 325 15.99 -30.28 6.01
N MET A 326 15.89 -31.53 5.57
CA MET A 326 14.73 -32.41 5.89
C MET A 326 14.67 -32.66 7.40
N SER A 327 15.81 -32.69 8.08
CA SER A 327 15.89 -32.86 9.57
C SER A 327 15.28 -31.64 10.26
N LEU A 328 15.55 -30.44 9.74
CA LEU A 328 14.97 -29.17 10.26
C LEU A 328 13.45 -29.19 10.08
N LEU A 329 12.97 -29.59 8.90
CA LEU A 329 11.52 -29.68 8.59
C LEU A 329 10.87 -30.68 9.55
N GLU A 330 11.48 -31.86 9.71
CA GLU A 330 11.04 -32.96 10.60
C GLU A 330 10.86 -32.42 12.02
N ARG A 331 11.83 -31.65 12.53
CA ARG A 331 11.80 -31.05 13.89
C ARG A 331 10.64 -30.04 13.98
N ARG A 332 10.46 -29.20 12.95
CA ARG A 332 9.37 -28.19 12.89
C ARG A 332 8.02 -28.91 13.05
N PHE A 333 7.83 -30.01 12.31
CA PHE A 333 6.56 -30.77 12.25
C PHE A 333 6.34 -31.60 13.52
N CYS A 334 7.31 -31.69 14.44
CA CYS A 334 7.13 -32.33 15.77
C CYS A 334 6.03 -31.61 16.56
N HIS A 335 5.99 -30.27 16.56
CA HIS A 335 5.02 -29.49 17.38
C HIS A 335 4.31 -28.38 16.59
N SER A 336 4.48 -28.31 15.26
CA SER A 336 3.72 -27.39 14.38
C SER A 336 3.14 -28.15 13.19
N ARG A 337 2.11 -27.58 12.54
CA ARG A 337 1.44 -28.15 11.35
C ARG A 337 1.80 -27.36 10.08
N SER A 338 2.73 -26.40 10.17
CA SER A 338 3.19 -25.62 9.00
C SER A 338 4.66 -25.24 9.15
N CYS A 339 5.31 -24.95 8.02
CA CYS A 339 6.73 -24.56 7.93
C CYS A 339 6.90 -23.63 6.74
N VAL A 340 7.63 -22.52 6.95
CA VAL A 340 8.01 -21.57 5.86
C VAL A 340 9.52 -21.65 5.68
N ILE A 341 9.96 -21.89 4.44
CA ILE A 341 11.38 -22.05 4.06
C ILE A 341 11.75 -20.91 3.11
N ILE A 342 12.66 -20.05 3.55
CA ILE A 342 13.31 -19.02 2.69
C ILE A 342 14.53 -19.67 2.04
N VAL A 343 14.74 -19.47 0.74
CA VAL A 343 15.94 -19.99 0.03
C VAL A 343 16.48 -18.91 -0.92
N ALA A 344 17.76 -18.57 -0.77
CA ALA A 344 18.49 -17.69 -1.71
C ALA A 344 18.76 -18.48 -2.99
N GLU A 345 18.78 -17.82 -4.15
CA GLU A 345 18.94 -18.49 -5.47
C GLU A 345 20.33 -19.12 -5.56
N GLY A 346 21.30 -18.63 -4.80
CA GLY A 346 22.69 -19.14 -4.78
C GLY A 346 22.91 -20.25 -3.78
N PHE A 347 21.89 -20.66 -3.01
CA PHE A 347 22.00 -21.81 -2.08
C PHE A 347 22.06 -23.12 -2.88
N GLY A 348 22.78 -24.11 -2.32
CA GLY A 348 22.81 -25.51 -2.78
C GLY A 348 23.19 -25.66 -4.25
N GLN A 349 24.27 -25.02 -4.67
CA GLN A 349 24.78 -25.12 -6.07
C GLN A 349 25.41 -26.51 -6.30
N ASP A 350 25.67 -27.27 -5.23
CA ASP A 350 26.13 -28.68 -5.28
C ASP A 350 24.96 -29.65 -5.12
N TRP A 351 23.70 -29.20 -5.29
CA TRP A 351 22.47 -30.02 -5.22
C TRP A 351 22.07 -30.40 -6.65
N GLY A 352 21.87 -31.70 -6.91
CA GLY A 352 21.44 -32.23 -8.23
C GLY A 352 22.64 -32.48 -9.14
N ARG A 353 22.46 -32.33 -10.45
CA ARG A 353 23.56 -32.29 -11.46
C ARG A 353 23.82 -30.84 -11.86
N TYR A 358 17.60 -29.55 -21.66
CA TYR A 358 16.72 -28.89 -22.66
C TYR A 358 15.25 -29.18 -22.34
N ASP A 359 14.40 -28.15 -22.32
CA ASP A 359 12.93 -28.31 -22.12
C ASP A 359 12.32 -28.82 -23.44
N ALA A 360 11.00 -29.05 -23.45
CA ALA A 360 10.25 -29.66 -24.58
C ALA A 360 10.43 -28.82 -25.86
N SER A 361 10.60 -27.49 -25.71
CA SER A 361 10.68 -26.50 -26.81
C SER A 361 12.12 -26.37 -27.34
N GLY A 362 13.09 -27.08 -26.73
CA GLY A 362 14.49 -27.12 -27.18
C GLY A 362 15.32 -25.96 -26.64
N ASN A 363 14.87 -25.33 -25.55
CA ASN A 363 15.59 -24.25 -24.83
C ASN A 363 16.39 -24.86 -23.66
N LYS A 364 17.54 -24.26 -23.33
CA LYS A 364 18.47 -24.74 -22.28
C LYS A 364 17.86 -24.48 -20.90
N LYS A 365 17.88 -25.50 -20.03
CA LYS A 365 17.27 -25.46 -18.66
C LYS A 365 18.31 -24.94 -17.65
N LEU A 366 18.07 -23.76 -17.05
CA LEU A 366 18.85 -23.24 -15.89
C LEU A 366 18.62 -24.12 -14.66
N ILE A 367 19.64 -24.23 -13.81
CA ILE A 367 19.50 -24.63 -12.37
C ILE A 367 18.52 -23.65 -11.70
N ASP A 368 17.69 -24.15 -10.79
CA ASP A 368 16.68 -23.35 -10.03
C ASP A 368 16.50 -24.07 -8.69
N ILE A 369 17.24 -23.67 -7.66
CA ILE A 369 17.21 -24.30 -6.31
C ILE A 369 15.81 -24.23 -5.70
N GLY A 370 15.02 -23.20 -6.04
CA GLY A 370 13.62 -23.09 -5.62
C GLY A 370 12.81 -24.31 -6.03
N VAL A 371 12.90 -24.72 -7.29
CA VAL A 371 12.15 -25.87 -7.89
C VAL A 371 12.71 -27.17 -7.30
N ILE A 372 14.04 -27.33 -7.29
CA ILE A 372 14.75 -28.54 -6.80
C ILE A 372 14.41 -28.78 -5.32
N LEU A 373 14.47 -27.72 -4.50
CA LEU A 373 14.15 -27.80 -3.04
C LEU A 373 12.70 -28.24 -2.88
N THR A 374 11.77 -27.58 -3.55
CA THR A 374 10.32 -27.90 -3.51
C THR A 374 10.11 -29.39 -3.83
N GLU A 375 10.72 -29.88 -4.91
CA GLU A 375 10.65 -31.30 -5.37
C GLU A 375 11.18 -32.24 -4.26
N LYS A 376 12.31 -31.89 -3.63
CA LYS A 376 12.97 -32.75 -2.62
C LYS A 376 12.12 -32.78 -1.34
N VAL A 377 11.51 -31.65 -0.96
CA VAL A 377 10.60 -31.58 0.22
C VAL A 377 9.39 -32.49 -0.03
N LYS A 378 8.83 -32.47 -1.24
CA LYS A 378 7.68 -33.33 -1.63
C LYS A 378 8.08 -34.81 -1.52
N ALA A 379 9.23 -35.19 -2.08
CA ALA A 379 9.76 -36.57 -2.07
C ALA A 379 9.90 -37.04 -0.63
N PHE A 380 10.48 -36.21 0.24
CA PHE A 380 10.65 -36.51 1.68
C PHE A 380 9.29 -36.74 2.35
N LEU A 381 8.33 -35.84 2.13
CA LEU A 381 6.99 -35.93 2.76
C LEU A 381 6.23 -37.15 2.21
N LYS A 382 6.37 -37.47 0.92
CA LYS A 382 5.73 -38.65 0.27
C LYS A 382 6.28 -39.94 0.88
N ALA A 383 7.61 -40.05 1.01
CA ALA A 383 8.32 -41.20 1.61
C ALA A 383 7.93 -41.38 3.08
N ASN A 384 7.37 -40.35 3.72
CA ASN A 384 6.99 -40.35 5.16
C ASN A 384 5.49 -40.05 5.31
N LYS A 385 4.66 -40.41 4.31
CA LYS A 385 3.21 -40.14 4.34
C LYS A 385 2.59 -40.84 5.56
N SER A 386 3.23 -41.90 6.06
CA SER A 386 2.97 -42.54 7.38
C SER A 386 2.76 -41.46 8.46
N ARG A 387 3.75 -40.57 8.66
CA ARG A 387 3.80 -39.59 9.78
C ARG A 387 3.17 -38.25 9.37
N TYR A 388 3.10 -37.95 8.07
CA TYR A 388 2.59 -36.67 7.51
C TYR A 388 1.46 -36.99 6.54
N PRO A 389 0.33 -37.53 7.03
CA PRO A 389 -0.61 -38.32 6.23
C PRO A 389 -1.15 -37.58 5.01
N ASP A 390 -1.55 -36.33 5.23
CA ASP A 390 -1.77 -35.33 4.16
C ASP A 390 -0.71 -34.24 4.34
N SER A 391 -0.20 -33.69 3.25
CA SER A 391 0.80 -32.60 3.27
C SER A 391 0.66 -31.76 1.99
N THR A 392 1.05 -30.49 2.04
CA THR A 392 0.97 -29.55 0.89
C THR A 392 2.26 -28.75 0.83
N VAL A 393 2.93 -28.74 -0.33
CA VAL A 393 4.15 -27.94 -0.58
C VAL A 393 3.85 -26.97 -1.72
N LYS A 394 3.92 -25.66 -1.43
CA LYS A 394 3.76 -24.55 -2.40
C LYS A 394 5.10 -23.84 -2.58
N TYR A 395 5.48 -23.61 -3.83
CA TYR A 395 6.67 -22.82 -4.23
C TYR A 395 6.20 -21.43 -4.67
N ILE A 396 6.88 -20.38 -4.19
CA ILE A 396 6.60 -18.96 -4.52
C ILE A 396 7.91 -18.33 -5.02
N ASP A 397 7.91 -17.84 -6.26
CA ASP A 397 9.02 -17.04 -6.83
C ASP A 397 8.52 -15.61 -7.00
N PRO A 398 8.77 -14.73 -6.01
CA PRO A 398 8.33 -13.34 -6.07
C PRO A 398 9.38 -12.39 -6.70
N SER A 399 10.37 -12.95 -7.39
CA SER A 399 11.52 -12.19 -7.97
C SER A 399 11.01 -11.00 -8.78
N TYR A 400 10.04 -11.24 -9.66
CA TYR A 400 9.38 -10.24 -10.54
C TYR A 400 8.97 -9.03 -9.70
N MET A 401 8.25 -9.26 -8.60
CA MET A 401 7.61 -8.20 -7.78
C MET A 401 8.69 -7.53 -6.91
N ILE A 402 9.76 -8.26 -6.53
CA ILE A 402 10.84 -7.68 -5.70
C ILE A 402 11.66 -6.67 -6.51
N ARG A 403 11.97 -6.96 -7.78
CA ARG A 403 12.96 -6.12 -8.51
C ARG A 403 12.30 -5.08 -9.40
N ALA A 404 11.00 -5.19 -9.69
CA ALA A 404 10.35 -4.44 -10.80
C ALA A 404 9.45 -3.32 -10.27
N CYS A 405 9.50 -3.00 -8.99
CA CYS A 405 8.66 -1.95 -8.37
C CYS A 405 9.41 -0.62 -8.31
N PRO A 406 8.70 0.50 -8.12
CA PRO A 406 9.36 1.76 -7.75
C PRO A 406 9.94 1.64 -6.34
N PRO A 407 10.92 2.48 -5.96
CA PRO A 407 11.53 2.41 -4.64
C PRO A 407 10.60 2.92 -3.54
N SER A 408 10.81 2.46 -2.30
CA SER A 408 10.35 3.12 -1.06
C SER A 408 10.81 4.58 -1.08
N ALA A 409 10.16 5.46 -0.31
CA ALA A 409 10.57 6.87 -0.11
C ALA A 409 12.03 6.93 0.38
N ASN A 410 12.44 6.01 1.25
CA ASN A 410 13.82 6.00 1.81
C ASN A 410 14.82 5.65 0.72
N ASP A 411 14.48 4.75 -0.21
CA ASP A 411 15.34 4.41 -1.37
C ASP A 411 15.31 5.55 -2.40
N ALA A 412 14.20 6.26 -2.57
CA ALA A 412 14.09 7.41 -3.50
C ALA A 412 15.09 8.50 -3.07
N LEU A 413 15.15 8.79 -1.78
CA LEU A 413 16.09 9.80 -1.19
C LEU A 413 17.54 9.34 -1.42
N PHE A 414 17.85 8.09 -1.08
CA PHE A 414 19.17 7.44 -1.26
C PHE A 414 19.61 7.53 -2.73
N CYS A 415 18.76 7.07 -3.65
CA CYS A 415 19.02 7.11 -5.12
C CYS A 415 19.37 8.55 -5.53
N ALA A 416 18.58 9.54 -5.10
CA ALA A 416 18.75 10.95 -5.50
C ALA A 416 20.11 11.46 -4.98
N THR A 417 20.52 11.04 -3.77
CA THR A 417 21.74 11.50 -3.09
C THR A 417 22.97 10.87 -3.77
N LEU A 418 22.95 9.56 -4.02
CA LEU A 418 24.01 8.84 -4.79
C LEU A 418 24.23 9.53 -6.12
N ALA A 419 23.15 9.78 -6.86
CA ALA A 419 23.18 10.31 -8.24
C ALA A 419 23.73 11.75 -8.25
N THR A 420 23.27 12.60 -7.32
CA THR A 420 23.65 14.03 -7.26
C THR A 420 25.15 14.12 -6.95
N LEU A 421 25.64 13.36 -5.97
CA LEU A 421 27.07 13.32 -5.57
C LEU A 421 27.91 12.74 -6.70
N ALA A 422 27.38 11.78 -7.47
CA ALA A 422 28.10 11.17 -8.60
C ALA A 422 28.34 12.25 -9.66
N VAL A 423 27.36 13.12 -9.90
CA VAL A 423 27.48 14.25 -10.87
C VAL A 423 28.50 15.26 -10.31
N HIS A 424 28.38 15.68 -9.05
CA HIS A 424 29.32 16.62 -8.39
C HIS A 424 30.77 16.15 -8.60
N GLU A 425 31.04 14.87 -8.37
CA GLU A 425 32.41 14.32 -8.32
C GLU A 425 32.95 14.10 -9.74
N ALA A 426 32.11 13.64 -10.68
CA ALA A 426 32.48 13.48 -12.11
C ALA A 426 32.77 14.86 -12.73
N MET A 427 31.96 15.89 -12.44
CA MET A 427 32.22 17.28 -12.90
C MET A 427 33.58 17.74 -12.36
N ALA A 428 33.95 17.30 -11.15
CA ALA A 428 35.25 17.58 -10.50
C ALA A 428 36.32 16.59 -10.98
N GLY A 429 36.07 15.84 -12.06
CA GLY A 429 37.10 15.08 -12.78
C GLY A 429 37.36 13.69 -12.21
N ALA A 430 36.55 13.21 -11.26
CA ALA A 430 36.62 11.82 -10.76
C ALA A 430 36.30 10.86 -11.93
N THR A 431 37.05 9.77 -12.05
CA THR A 431 36.91 8.78 -13.14
C THR A 431 37.49 7.43 -12.68
N GLY A 432 37.00 6.33 -13.26
CA GLY A 432 37.46 4.96 -12.96
C GLY A 432 37.06 4.52 -11.57
N CYS A 433 36.01 5.12 -11.00
CA CYS A 433 35.56 4.91 -9.60
C CYS A 433 34.03 4.74 -9.53
N ILE A 434 33.56 4.27 -8.37
CA ILE A 434 32.12 4.16 -8.00
C ILE A 434 31.85 5.06 -6.80
N ILE A 435 30.58 5.44 -6.61
CA ILE A 435 30.10 6.07 -5.35
C ILE A 435 29.46 4.96 -4.51
N ALA A 436 29.78 4.93 -3.22
CA ALA A 436 29.27 3.95 -2.24
C ALA A 436 28.89 4.69 -0.95
N MET A 437 28.08 4.04 -0.12
CA MET A 437 27.69 4.53 1.22
C MET A 437 28.22 3.53 2.26
N ARG A 438 28.96 4.04 3.24
CA ARG A 438 29.68 3.27 4.27
C ARG A 438 29.63 4.06 5.58
N HIS A 439 29.30 3.43 6.72
CA HIS A 439 29.34 4.09 8.05
C HIS A 439 28.62 5.45 7.94
N ASN A 440 27.44 5.45 7.33
CA ASN A 440 26.54 6.64 7.25
C ASN A 440 27.15 7.75 6.37
N ASN A 441 28.18 7.48 5.55
CA ASN A 441 28.85 8.51 4.72
C ASN A 441 29.00 8.04 3.27
N TYR A 442 29.02 8.99 2.34
CA TYR A 442 29.23 8.75 0.89
C TYR A 442 30.74 8.84 0.59
N ILE A 443 31.26 7.81 -0.09
CA ILE A 443 32.70 7.67 -0.42
C ILE A 443 32.85 7.34 -1.90
N LEU A 444 34.06 7.57 -2.44
CA LEU A 444 34.47 7.16 -3.80
C LEU A 444 35.45 6.00 -3.65
N VAL A 445 35.28 4.94 -4.45
CA VAL A 445 36.17 3.74 -4.46
C VAL A 445 36.58 3.48 -5.90
N PRO A 446 37.90 3.31 -6.20
CA PRO A 446 38.33 2.89 -7.53
C PRO A 446 37.69 1.56 -7.92
N ILE A 447 37.29 1.44 -9.19
CA ILE A 447 36.61 0.22 -9.74
C ILE A 447 37.52 -1.00 -9.55
N LYS A 448 38.82 -0.87 -9.78
CA LYS A 448 39.78 -2.02 -9.72
C LYS A 448 39.63 -2.72 -8.36
N VAL A 449 39.73 -1.98 -7.26
CA VAL A 449 39.56 -2.48 -5.85
C VAL A 449 38.14 -3.05 -5.65
N ALA A 450 37.14 -2.31 -6.08
CA ALA A 450 35.70 -2.59 -5.86
C ALA A 450 35.30 -3.91 -6.52
N THR A 451 35.92 -4.26 -7.65
CA THR A 451 35.58 -5.47 -8.45
C THR A 451 36.47 -6.65 -8.08
N SER A 452 37.35 -6.51 -7.07
CA SER A 452 38.34 -7.53 -6.64
C SER A 452 37.83 -8.28 -5.42
N VAL A 453 36.80 -7.74 -4.76
CA VAL A 453 36.27 -8.30 -3.47
C VAL A 453 34.74 -8.22 -3.49
N ARG A 454 34.08 -9.09 -2.74
CA ARG A 454 32.61 -9.07 -2.58
C ARG A 454 32.27 -9.29 -1.11
N ARG A 455 31.02 -8.98 -0.75
CA ARG A 455 30.53 -8.95 0.64
C ARG A 455 29.58 -10.14 0.84
N VAL A 456 29.60 -10.73 2.02
CA VAL A 456 28.92 -12.02 2.34
C VAL A 456 28.47 -11.93 3.80
N LEU A 457 27.45 -12.68 4.21
CA LEU A 457 26.99 -12.72 5.63
C LEU A 457 28.15 -13.22 6.50
N ASP A 458 28.35 -12.60 7.66
CA ASP A 458 29.16 -13.16 8.76
C ASP A 458 28.24 -14.04 9.60
N LEU A 459 28.42 -15.37 9.55
CA LEU A 459 27.57 -16.33 10.29
C LEU A 459 27.78 -16.19 11.81
N ARG A 460 28.76 -15.39 12.27
CA ARG A 460 29.00 -15.12 13.71
C ARG A 460 28.45 -13.74 14.12
N GLY A 461 27.91 -12.97 13.17
CA GLY A 461 27.38 -11.60 13.39
C GLY A 461 25.99 -11.57 14.02
N GLN A 462 25.48 -10.39 14.34
CA GLN A 462 24.22 -10.19 15.09
C GLN A 462 23.01 -10.52 14.19
N LEU A 463 23.06 -10.18 12.90
CA LEU A 463 21.92 -10.47 11.98
C LEU A 463 21.68 -11.98 11.94
N TRP A 464 22.72 -12.77 11.68
CA TRP A 464 22.61 -14.25 11.55
C TRP A 464 22.19 -14.87 12.89
N ARG A 465 22.66 -14.30 14.01
CA ARG A 465 22.23 -14.71 15.37
C ARG A 465 20.71 -14.56 15.48
N GLN A 466 20.15 -13.44 15.01
CA GLN A 466 18.69 -13.20 15.07
C GLN A 466 17.97 -14.22 14.18
N VAL A 467 18.55 -14.58 13.04
CA VAL A 467 17.97 -15.63 12.15
C VAL A 467 17.94 -16.96 12.91
N ARG A 468 19.01 -17.30 13.62
CA ARG A 468 19.13 -18.58 14.39
C ARG A 468 18.16 -18.60 15.58
N GLU A 469 17.89 -17.44 16.21
CA GLU A 469 16.92 -17.34 17.33
C GLU A 469 15.50 -17.71 16.86
N ILE A 470 15.11 -17.38 15.62
CA ILE A 470 13.72 -17.56 15.11
C ILE A 470 13.60 -18.92 14.39
N THR A 471 14.66 -19.39 13.72
CA THR A 471 14.60 -20.61 12.86
C THR A 471 14.76 -21.87 13.74
N VAL A 472 14.32 -23.00 13.21
CA VAL A 472 14.36 -24.33 13.90
C VAL A 472 15.81 -24.62 14.31
N ASP A 473 15.99 -25.18 15.50
CA ASP A 473 17.31 -25.50 16.11
C ASP A 473 17.27 -26.96 16.59
N LEU A 474 18.12 -27.81 16.02
CA LEU A 474 18.23 -29.25 16.38
C LEU A 474 18.78 -29.39 17.81
N GLY A 475 19.49 -28.38 18.31
CA GLY A 475 20.12 -28.37 19.66
C GLY A 475 19.12 -28.36 20.80
N SER A 476 17.89 -27.90 20.58
CA SER A 476 16.81 -27.84 21.61
C SER A 476 16.26 -29.25 21.88
N ASP A 477 15.85 -29.50 23.12
CA ASP A 477 15.07 -30.71 23.52
C ASP A 477 13.61 -30.47 23.15
N VAL A 478 13.13 -31.11 22.08
CA VAL A 478 11.75 -30.95 21.52
C VAL A 478 10.73 -31.09 22.66
N ARG A 479 10.81 -32.19 23.38
CA ARG A 479 9.79 -32.63 24.39
C ARG A 479 9.86 -31.71 25.61
N LEU A 480 11.08 -31.45 26.10
CA LEU A 480 11.33 -30.59 27.30
C LEU A 480 10.83 -29.17 26.98
N ALA A 481 11.41 -28.53 25.96
CA ALA A 481 11.08 -27.16 25.50
C ALA A 481 9.57 -26.96 25.48
N ARG A 482 8.82 -27.96 24.97
CA ARG A 482 7.35 -27.90 24.83
C ARG A 482 6.68 -27.86 26.22
N LYS A 483 7.19 -28.64 27.18
CA LYS A 483 6.62 -28.72 28.56
C LYS A 483 6.65 -27.33 29.20
N LEU A 484 7.78 -26.63 29.10
CA LEU A 484 7.98 -25.27 29.68
C LEU A 484 7.04 -24.29 28.99
N GLU A 485 6.92 -24.38 27.67
CA GLU A 485 5.96 -23.57 26.86
C GLU A 485 4.57 -23.64 27.52
N ILE A 486 4.07 -24.86 27.72
CA ILE A 486 2.69 -25.11 28.21
C ILE A 486 2.53 -24.55 29.63
N ARG A 487 3.55 -24.69 30.48
CA ARG A 487 3.53 -24.17 31.87
C ARG A 487 3.33 -22.65 31.83
N ARG A 488 4.13 -21.94 31.04
CA ARG A 488 4.05 -20.47 30.87
C ARG A 488 2.63 -20.08 30.44
N GLU A 489 2.06 -20.77 29.44
CA GLU A 489 0.68 -20.50 28.93
C GLU A 489 -0.34 -20.69 30.06
N LEU A 490 -0.26 -21.83 30.77
CA LEU A 490 -1.18 -22.20 31.87
C LEU A 490 -1.15 -21.12 32.96
N GLU A 491 0.05 -20.67 33.33
CA GLU A 491 0.29 -19.57 34.32
C GLU A 491 -0.53 -18.35 33.88
N ALA A 492 -0.43 -17.95 32.60
CA ALA A 492 -1.10 -16.76 32.03
C ALA A 492 -2.62 -16.93 32.09
N ILE A 493 -3.17 -18.06 31.59
CA ILE A 493 -4.65 -18.22 31.50
C ILE A 493 -5.23 -18.37 32.91
N ASN A 494 -4.45 -18.91 33.87
CA ASN A 494 -4.85 -19.05 35.30
C ASN A 494 -5.06 -17.66 35.91
N ARG A 495 -4.14 -16.72 35.65
CA ARG A 495 -4.21 -15.31 36.12
C ARG A 495 -5.49 -14.65 35.58
N ASN A 496 -5.72 -14.75 34.26
CA ASN A 496 -6.91 -14.18 33.57
C ASN A 496 -8.19 -14.76 34.19
N ARG A 497 -8.23 -16.09 34.33
CA ARG A 497 -9.34 -16.87 34.94
C ARG A 497 -9.68 -16.29 36.32
N ASP A 498 -8.66 -15.94 37.13
CA ASP A 498 -8.85 -15.40 38.50
C ASP A 498 -9.49 -14.00 38.42
N ARG A 499 -8.84 -13.06 37.71
CA ARG A 499 -9.32 -11.66 37.58
C ARG A 499 -10.75 -11.65 37.06
N LEU A 500 -11.07 -12.49 36.07
CA LEU A 500 -12.43 -12.63 35.52
C LEU A 500 -13.39 -13.06 36.64
N HIS A 501 -13.07 -14.13 37.37
CA HIS A 501 -13.88 -14.66 38.51
C HIS A 501 -14.12 -13.55 39.53
N GLU A 502 -13.08 -12.77 39.87
CA GLU A 502 -13.14 -11.58 40.77
C GLU A 502 -14.24 -10.63 40.26
N GLU A 503 -14.16 -10.25 38.98
CA GLU A 503 -14.91 -9.10 38.39
C GLU A 503 -16.43 -9.29 38.57
N LEU A 504 -16.95 -10.53 38.65
CA LEU A 504 -18.41 -10.80 38.73
C LEU A 504 -19.06 -10.29 40.03
N ALA A 505 -18.75 -10.95 41.16
CA ALA A 505 -19.44 -10.81 42.47
C ALA A 505 -19.03 -9.47 43.13
N LYS A 506 -17.96 -8.88 42.62
CA LYS A 506 -17.58 -7.45 42.80
C LYS A 506 -18.62 -6.59 42.06
N LEU B 41 29.84 18.61 20.81
CA LEU B 41 30.25 19.85 21.52
C LEU B 41 31.78 19.84 21.69
N ASN B 42 32.36 21.02 21.92
CA ASN B 42 33.79 21.21 22.28
C ASN B 42 34.06 20.51 23.63
N SER B 43 33.01 20.31 24.41
CA SER B 43 33.03 19.52 25.68
C SER B 43 32.38 18.15 25.48
N VAL B 44 32.34 17.36 26.56
CA VAL B 44 32.03 15.90 26.63
C VAL B 44 33.36 15.13 26.70
N THR B 45 33.54 14.32 27.74
CA THR B 45 34.79 13.60 28.05
C THR B 45 34.50 12.09 28.00
N GLN B 46 35.56 11.28 27.98
CA GLN B 46 35.44 9.79 27.96
C GLN B 46 34.64 9.35 29.20
N GLU B 47 34.85 10.02 30.33
CA GLU B 47 34.13 9.76 31.62
C GLU B 47 32.61 9.85 31.38
N ASP B 48 32.16 10.86 30.61
CA ASP B 48 30.72 11.08 30.31
C ASP B 48 30.14 9.90 29.53
N LEU B 49 30.98 9.12 28.83
CA LEU B 49 30.55 7.99 27.95
C LEU B 49 30.70 6.65 28.66
N LYS B 50 31.22 6.61 29.88
CA LYS B 50 31.40 5.33 30.65
C LYS B 50 30.02 4.82 31.09
N VAL B 51 29.60 3.63 30.66
CA VAL B 51 28.23 3.13 31.02
C VAL B 51 28.35 2.31 32.30
N ASP B 52 27.51 2.66 33.28
CA ASP B 52 27.35 1.99 34.60
C ASP B 52 27.06 0.51 34.42
N ARG B 53 27.72 -0.33 35.23
CA ARG B 53 27.41 -1.78 35.38
C ARG B 53 27.04 -2.06 36.84
N LEU B 54 25.96 -2.78 37.08
CA LEU B 54 25.63 -3.34 38.42
C LEU B 54 26.77 -4.28 38.80
N PRO B 55 27.19 -4.29 40.10
CA PRO B 55 28.37 -5.06 40.52
C PRO B 55 28.16 -6.59 40.42
N GLY B 56 29.11 -7.27 39.77
CA GLY B 56 29.14 -8.74 39.65
C GLY B 56 28.50 -9.23 38.37
N ALA B 57 29.16 -10.17 37.69
CA ALA B 57 28.61 -11.00 36.59
C ALA B 57 28.89 -12.47 36.91
N ASP B 58 28.07 -13.06 37.78
CA ASP B 58 28.34 -14.35 38.46
C ASP B 58 27.73 -15.52 37.67
N TYR B 59 27.00 -15.28 36.58
CA TYR B 59 26.27 -16.35 35.85
C TYR B 59 26.72 -16.43 34.40
N PRO B 60 26.78 -17.67 33.84
CA PRO B 60 27.07 -17.85 32.42
C PRO B 60 25.84 -17.47 31.59
N ASN B 61 26.07 -17.00 30.36
CA ASN B 61 24.99 -16.64 29.41
C ASN B 61 24.41 -17.92 28.82
N PRO B 62 23.10 -18.21 29.02
CA PRO B 62 22.49 -19.43 28.52
C PRO B 62 22.33 -19.52 26.99
N SER B 63 22.44 -18.39 26.25
CA SER B 63 22.37 -18.42 24.76
C SER B 63 23.58 -19.23 24.26
N LYS B 64 23.52 -19.81 23.04
CA LYS B 64 24.63 -20.66 22.50
C LYS B 64 25.03 -20.19 21.09
N LYS B 65 26.16 -20.73 20.60
CA LYS B 65 26.74 -20.42 19.27
C LYS B 65 25.98 -21.19 18.20
N PHE B 72 30.27 -15.07 22.17
CA PHE B 72 29.93 -14.00 23.13
C PHE B 72 31.21 -13.32 23.63
N ARG B 73 31.04 -12.06 24.01
CA ARG B 73 32.16 -11.12 24.32
C ARG B 73 32.55 -11.24 25.79
N ASP B 74 33.85 -11.37 26.07
CA ASP B 74 34.40 -11.50 27.44
C ASP B 74 34.83 -10.14 28.00
N LYS B 75 35.03 -9.12 27.15
CA LYS B 75 35.46 -7.75 27.55
C LYS B 75 34.76 -6.71 26.66
N THR B 76 34.71 -5.46 27.10
CA THR B 76 34.01 -4.35 26.40
C THR B 76 34.86 -3.88 25.20
N ASP B 77 34.26 -3.89 24.00
CA ASP B 77 34.82 -3.32 22.75
C ASP B 77 34.20 -1.94 22.48
N TYR B 78 34.91 -1.13 21.71
CA TYR B 78 34.62 0.30 21.46
C TYR B 78 34.60 0.60 19.96
N ILE B 79 33.88 1.65 19.61
CA ILE B 79 33.92 2.31 18.26
C ILE B 79 34.24 3.79 18.48
N MET B 80 34.95 4.40 17.54
CA MET B 80 35.29 5.84 17.55
C MET B 80 34.01 6.65 17.37
N TYR B 81 33.83 7.68 18.21
CA TYR B 81 32.75 8.69 18.09
C TYR B 81 32.88 9.35 16.72
N ASN B 82 34.11 9.70 16.33
CA ASN B 82 34.38 10.40 15.04
C ASN B 82 35.44 9.62 14.28
N PRO B 83 35.06 8.89 13.20
CA PRO B 83 36.01 8.08 12.43
C PRO B 83 36.76 8.84 11.33
N ARG B 84 36.95 10.15 11.50
CA ARG B 84 37.73 10.99 10.56
C ARG B 84 39.15 11.13 11.11
N PRO B 85 40.20 11.09 10.24
CA PRO B 85 41.59 11.13 10.70
C PRO B 85 42.05 12.55 11.07
N ARG B 86 43.06 12.65 11.94
CA ARG B 86 43.66 13.93 12.39
C ARG B 86 44.61 14.46 11.31
N ASP B 87 45.34 13.56 10.63
CA ASP B 87 46.41 13.91 9.66
C ASP B 87 46.07 13.44 8.24
N GLU B 88 46.85 13.88 7.26
CA GLU B 88 46.86 13.36 5.87
C GLU B 88 47.05 11.84 5.89
N PRO B 89 46.69 11.12 4.81
CA PRO B 89 47.08 9.72 4.67
C PRO B 89 48.60 9.53 4.86
N SER B 90 49.00 8.50 5.62
CA SER B 90 50.41 8.10 5.81
C SER B 90 50.51 6.57 5.90
N SER B 91 51.73 6.06 6.02
CA SER B 91 52.03 4.59 6.06
C SER B 91 51.50 3.99 7.36
N GLU B 92 51.28 4.80 8.39
CA GLU B 92 50.81 4.36 9.74
C GLU B 92 49.28 4.55 9.87
N ASN B 93 48.64 3.71 10.69
CA ASN B 93 47.16 3.64 10.85
C ASN B 93 46.66 5.01 11.32
N PRO B 94 45.51 5.49 10.79
CA PRO B 94 45.03 6.84 11.11
C PRO B 94 44.53 6.96 12.56
N VAL B 95 44.61 8.20 13.07
CA VAL B 95 44.25 8.59 14.46
C VAL B 95 42.99 9.46 14.40
N SER B 96 42.02 9.21 15.28
CA SER B 96 40.73 9.97 15.32
C SER B 96 41.01 11.44 15.65
N VAL B 97 40.25 12.34 15.02
CA VAL B 97 40.18 13.79 15.36
C VAL B 97 39.70 13.96 16.81
N SER B 98 38.86 13.05 17.31
CA SER B 98 38.24 13.11 18.66
C SER B 98 38.86 12.05 19.57
N PRO B 99 38.96 12.30 20.89
CA PRO B 99 39.43 11.29 21.83
C PRO B 99 38.33 10.30 22.26
N LEU B 100 37.09 10.51 21.83
CA LEU B 100 35.89 9.82 22.38
C LEU B 100 35.71 8.44 21.75
N LEU B 101 35.45 7.45 22.61
CA LEU B 101 35.13 6.06 22.26
C LEU B 101 33.76 5.71 22.87
N CYS B 102 32.88 5.09 22.08
CA CYS B 102 31.55 4.59 22.53
C CYS B 102 31.65 3.08 22.71
N GLU B 103 31.08 2.57 23.81
CA GLU B 103 30.99 1.12 24.10
C GLU B 103 29.96 0.49 23.14
N LEU B 104 30.37 -0.57 22.43
CA LEU B 104 29.49 -1.33 21.51
C LEU B 104 28.58 -2.26 22.33
N ALA B 105 27.32 -2.39 21.93
CA ALA B 105 26.33 -3.31 22.51
C ALA B 105 26.53 -4.72 21.92
N ALA B 106 26.45 -5.75 22.76
CA ALA B 106 26.59 -7.17 22.34
C ALA B 106 26.19 -8.12 23.48
N ALA B 107 25.75 -9.33 23.11
CA ALA B 107 25.60 -10.49 24.02
C ALA B 107 26.94 -10.77 24.71
N ARG B 108 26.94 -10.84 26.04
CA ARG B 108 28.15 -11.08 26.87
C ARG B 108 28.17 -12.54 27.33
N SER B 109 29.36 -13.09 27.59
CA SER B 109 29.54 -14.49 28.07
C SER B 109 29.14 -14.60 29.54
N ARG B 110 29.30 -13.52 30.31
CA ARG B 110 28.97 -13.45 31.75
C ARG B 110 27.85 -12.42 31.97
N ILE B 111 26.83 -12.77 32.75
CA ILE B 111 25.66 -11.88 33.00
C ILE B 111 25.51 -11.64 34.51
N HIS B 112 24.87 -10.52 34.87
CA HIS B 112 24.72 -10.04 36.28
C HIS B 112 23.51 -10.70 36.94
N PHE B 113 22.40 -10.81 36.20
CA PHE B 113 21.11 -11.36 36.70
C PHE B 113 21.07 -12.86 36.45
N ASN B 114 20.60 -13.60 37.46
CA ASN B 114 20.33 -15.06 37.38
C ASN B 114 19.06 -15.24 36.56
N PRO B 115 19.14 -15.74 35.30
CA PRO B 115 18.01 -15.68 34.38
C PRO B 115 16.65 -16.10 34.96
N THR B 116 16.56 -17.28 35.59
CA THR B 116 15.28 -17.89 36.02
C THR B 116 14.69 -17.18 37.26
N GLU B 117 15.45 -16.29 37.90
CA GLU B 117 14.99 -15.48 39.06
C GLU B 117 14.69 -14.03 38.62
N THR B 118 14.85 -13.71 37.33
CA THR B 118 14.81 -12.31 36.80
C THR B 118 13.39 -11.95 36.36
N THR B 119 12.89 -10.81 36.81
CA THR B 119 11.63 -10.18 36.34
C THR B 119 11.99 -8.94 35.50
N ILE B 120 11.52 -8.89 34.25
CA ILE B 120 11.66 -7.73 33.32
C ILE B 120 10.36 -6.92 33.36
N GLY B 121 10.47 -5.60 33.49
CA GLY B 121 9.36 -4.63 33.36
C GLY B 121 9.52 -3.76 32.13
N ILE B 122 8.42 -3.30 31.53
CA ILE B 122 8.38 -2.42 30.33
C ILE B 122 7.35 -1.32 30.55
N VAL B 123 7.69 -0.09 30.15
CA VAL B 123 6.74 1.06 30.14
C VAL B 123 6.98 1.90 28.88
N THR B 124 5.89 2.33 28.22
CA THR B 124 5.90 3.19 27.01
C THR B 124 5.27 4.54 27.38
N CYS B 125 5.94 5.65 27.07
CA CYS B 125 5.57 7.03 27.52
C CYS B 125 5.56 8.00 26.35
N GLY B 126 4.74 9.06 26.43
CA GLY B 126 4.69 10.15 25.45
C GLY B 126 3.87 9.79 24.22
N GLY B 127 3.96 10.61 23.17
CA GLY B 127 3.28 10.36 21.89
C GLY B 127 3.65 9.01 21.31
N ILE B 128 2.70 8.32 20.68
CA ILE B 128 2.98 7.02 20.01
C ILE B 128 3.85 7.29 18.77
N CYS B 129 4.46 6.22 18.29
CA CYS B 129 5.55 6.23 17.30
C CYS B 129 5.55 4.85 16.65
N PRO B 130 5.68 4.71 15.32
CA PRO B 130 5.62 3.39 14.71
C PRO B 130 6.73 2.48 15.28
N GLY B 131 6.36 1.27 15.71
CA GLY B 131 7.31 0.26 16.21
C GLY B 131 7.29 0.09 17.72
N LEU B 132 6.45 0.81 18.46
CA LEU B 132 6.35 0.63 19.93
C LEU B 132 6.04 -0.84 20.22
N ASN B 133 5.10 -1.44 19.49
CA ASN B 133 4.66 -2.85 19.72
C ASN B 133 5.82 -3.79 19.35
N ASP B 134 6.62 -3.45 18.34
CA ASP B 134 7.82 -4.25 17.93
C ASP B 134 8.82 -4.29 19.09
N VAL B 135 9.06 -3.16 19.76
CA VAL B 135 10.00 -3.08 20.91
C VAL B 135 9.44 -3.91 22.07
N ILE B 136 8.16 -3.76 22.39
CA ILE B 136 7.49 -4.54 23.48
C ILE B 136 7.63 -6.04 23.17
N ARG B 137 7.30 -6.44 21.94
CA ARG B 137 7.32 -7.86 21.52
C ARG B 137 8.73 -8.43 21.66
N SER B 138 9.74 -7.73 21.13
CA SER B 138 11.13 -8.24 21.02
C SER B 138 11.80 -8.28 22.40
N ILE B 139 11.53 -7.29 23.26
CA ILE B 139 12.01 -7.31 24.68
C ILE B 139 11.44 -8.56 25.35
N THR B 140 10.13 -8.79 25.20
CA THR B 140 9.39 -9.92 25.82
C THR B 140 9.98 -11.25 25.32
N LEU B 141 10.09 -11.43 24.00
CA LEU B 141 10.49 -12.74 23.40
C LEU B 141 11.99 -13.02 23.61
N THR B 142 12.84 -12.00 23.67
CA THR B 142 14.28 -12.18 24.00
C THR B 142 14.39 -12.65 25.45
N GLY B 143 13.70 -11.96 26.38
CA GLY B 143 13.64 -12.33 27.80
C GLY B 143 13.23 -13.78 27.98
N ILE B 144 12.11 -14.17 27.36
CA ILE B 144 11.46 -15.50 27.54
C ILE B 144 12.23 -16.56 26.74
N ASN B 145 12.43 -16.38 25.44
CA ASN B 145 12.96 -17.43 24.52
C ASN B 145 14.47 -17.59 24.65
N VAL B 146 15.24 -16.52 24.91
CA VAL B 146 16.73 -16.57 24.91
C VAL B 146 17.24 -16.77 26.35
N TYR B 147 16.74 -15.99 27.31
CA TYR B 147 17.24 -15.98 28.72
C TYR B 147 16.31 -16.78 29.63
N ASN B 148 15.09 -17.11 29.18
CA ASN B 148 14.12 -17.94 29.94
C ASN B 148 13.86 -17.25 31.30
N VAL B 149 13.67 -15.93 31.29
CA VAL B 149 13.44 -15.13 32.53
C VAL B 149 12.15 -15.62 33.19
N LYS B 150 12.00 -15.37 34.50
CA LYS B 150 10.83 -15.83 35.30
C LYS B 150 9.55 -15.20 34.74
N ARG B 151 9.59 -13.90 34.43
CA ARG B 151 8.35 -13.10 34.27
C ARG B 151 8.66 -11.77 33.56
N VAL B 152 7.71 -11.30 32.75
CA VAL B 152 7.74 -9.99 32.04
C VAL B 152 6.43 -9.25 32.35
N ILE B 153 6.54 -8.01 32.84
CA ILE B 153 5.39 -7.15 33.25
C ILE B 153 5.33 -5.95 32.30
N GLY B 154 4.14 -5.65 31.79
CA GLY B 154 3.86 -4.41 31.04
C GLY B 154 3.12 -3.40 31.90
N PHE B 155 3.77 -2.30 32.26
CA PHE B 155 3.14 -1.18 33.01
C PHE B 155 2.35 -0.33 32.02
N ARG B 156 1.15 0.12 32.41
CA ARG B 156 0.16 0.70 31.48
C ARG B 156 0.16 2.23 31.56
N PHE B 157 -0.01 2.88 30.41
CA PHE B 157 -0.24 4.34 30.29
C PHE B 157 0.95 5.09 30.89
N GLY B 158 2.16 4.69 30.51
CA GLY B 158 3.41 5.39 30.88
C GLY B 158 3.71 5.24 32.36
N TYR B 159 4.33 6.27 32.96
CA TYR B 159 4.84 6.22 34.35
C TYR B 159 3.65 6.11 35.33
N TRP B 160 2.48 6.60 34.95
CA TRP B 160 1.20 6.38 35.69
C TRP B 160 1.09 4.90 36.09
N GLY B 161 1.51 3.99 35.21
CA GLY B 161 1.39 2.52 35.39
C GLY B 161 2.24 1.97 36.53
N LEU B 162 3.25 2.73 36.99
CA LEU B 162 4.15 2.35 38.11
C LEU B 162 3.74 3.07 39.41
N SER B 163 2.78 4.00 39.36
CA SER B 163 2.20 4.64 40.58
C SER B 163 1.40 3.60 41.36
N LYS B 164 1.11 3.87 42.64
CA LYS B 164 0.37 2.94 43.54
C LYS B 164 -0.98 2.61 42.92
N LYS B 165 -1.76 3.63 42.53
CA LYS B 165 -3.08 3.50 41.85
C LYS B 165 -2.91 2.70 40.54
N GLY B 166 -2.02 3.17 39.65
CA GLY B 166 -1.86 2.65 38.27
C GLY B 166 -1.35 1.22 38.22
N SER B 167 -0.56 0.80 39.21
CA SER B 167 0.16 -0.51 39.23
C SER B 167 -0.83 -1.69 39.23
N GLN B 168 -2.09 -1.46 39.64
CA GLN B 168 -3.12 -2.53 39.67
C GLN B 168 -3.43 -2.98 38.22
N THR B 169 -3.24 -2.09 37.24
CA THR B 169 -3.58 -2.32 35.81
C THR B 169 -2.47 -3.09 35.08
N ALA B 170 -1.32 -3.30 35.72
CA ALA B 170 -0.11 -3.93 35.12
C ALA B 170 -0.48 -5.28 34.51
N ILE B 171 0.05 -5.60 33.33
CA ILE B 171 -0.35 -6.83 32.57
C ILE B 171 0.82 -7.81 32.50
N GLU B 172 0.49 -9.10 32.43
CA GLU B 172 1.45 -10.21 32.25
C GLU B 172 1.77 -10.34 30.75
N LEU B 173 3.04 -10.13 30.38
CA LEU B 173 3.52 -10.29 28.99
C LEU B 173 4.13 -11.69 28.82
N HIS B 174 3.37 -12.59 28.19
CA HIS B 174 3.77 -13.96 27.80
C HIS B 174 3.76 -14.03 26.26
N ARG B 175 4.18 -15.17 25.69
CA ARG B 175 4.31 -15.35 24.21
C ARG B 175 2.98 -15.06 23.52
N GLY B 176 1.88 -15.56 24.08
CA GLY B 176 0.51 -15.43 23.54
C GLY B 176 0.03 -13.98 23.49
N ARG B 177 0.47 -13.13 24.43
CA ARG B 177 0.00 -11.73 24.57
C ARG B 177 0.68 -10.82 23.53
N VAL B 178 1.83 -11.23 22.96
CA VAL B 178 2.65 -10.37 22.05
C VAL B 178 2.74 -10.98 20.64
N THR B 179 2.06 -12.09 20.34
CA THR B 179 2.29 -12.89 19.11
C THR B 179 2.28 -12.01 17.84
N ASN B 180 1.26 -11.17 17.65
CA ASN B 180 1.05 -10.38 16.40
C ASN B 180 0.95 -8.87 16.69
N ILE B 181 1.32 -8.40 17.88
CA ILE B 181 1.07 -6.99 18.28
C ILE B 181 1.89 -6.04 17.39
N HIS B 182 2.97 -6.51 16.79
CA HIS B 182 3.86 -5.70 15.90
C HIS B 182 3.19 -5.38 14.55
N HIS B 183 2.04 -6.00 14.22
CA HIS B 183 1.28 -5.70 12.97
C HIS B 183 0.42 -4.44 13.15
N TYR B 184 0.36 -3.85 14.36
CA TYR B 184 -0.55 -2.73 14.71
C TYR B 184 0.23 -1.52 15.22
N GLY B 185 -0.26 -0.32 14.90
CA GLY B 185 0.25 0.94 15.47
C GLY B 185 -0.17 1.09 16.92
N GLY B 186 0.36 2.11 17.59
CA GLY B 186 0.11 2.41 19.01
C GLY B 186 0.92 1.51 19.93
N THR B 187 0.45 1.33 21.16
CA THR B 187 1.09 0.48 22.21
C THR B 187 -0.02 -0.28 22.94
N ILE B 188 0.09 -1.61 23.03
CA ILE B 188 -0.83 -2.46 23.84
C ILE B 188 -0.75 -2.05 25.32
N LEU B 189 0.37 -1.48 25.76
CA LEU B 189 0.52 -1.05 27.19
C LEU B 189 -0.24 0.25 27.40
N GLY B 190 -0.44 1.04 26.35
CA GLY B 190 -0.90 2.44 26.48
C GLY B 190 0.26 3.34 26.91
N SER B 191 0.07 4.64 26.75
CA SER B 191 1.08 5.70 26.99
C SER B 191 0.43 6.87 27.75
N SER B 192 1.23 7.70 28.43
CA SER B 192 0.83 9.01 28.99
C SER B 192 2.06 9.93 29.03
N ARG B 193 1.81 11.25 29.10
CA ARG B 193 2.86 12.28 29.26
C ARG B 193 3.04 12.57 30.76
N GLY B 194 4.22 13.06 31.14
CA GLY B 194 4.47 13.70 32.44
C GLY B 194 4.82 12.68 33.53
N PRO B 195 5.38 13.16 34.67
CA PRO B 195 6.08 12.30 35.61
C PRO B 195 5.18 11.67 36.69
N GLN B 196 5.78 10.81 37.50
CA GLN B 196 5.21 10.30 38.77
C GLN B 196 6.30 10.39 39.85
N ASP B 197 5.92 10.24 41.12
CA ASP B 197 6.85 10.23 42.29
C ASP B 197 7.80 9.04 42.14
N PRO B 198 9.13 9.28 42.01
CA PRO B 198 10.10 8.19 41.87
C PRO B 198 10.05 7.19 43.04
N LYS B 199 9.77 7.68 44.25
CA LYS B 199 9.68 6.86 45.49
C LYS B 199 8.57 5.81 45.32
N GLU B 200 7.37 6.25 44.93
CA GLU B 200 6.19 5.38 44.63
C GLU B 200 6.58 4.33 43.58
N MET B 201 7.22 4.77 42.50
CA MET B 201 7.55 3.89 41.34
C MET B 201 8.51 2.79 41.79
N VAL B 202 9.56 3.12 42.56
CA VAL B 202 10.53 2.12 43.10
C VAL B 202 9.81 1.21 44.11
N ASP B 203 8.85 1.77 44.88
CA ASP B 203 7.95 0.95 45.75
C ASP B 203 7.32 -0.15 44.88
N THR B 204 6.70 0.22 43.75
CA THR B 204 6.04 -0.72 42.80
C THR B 204 7.07 -1.76 42.31
N LEU B 205 8.23 -1.31 41.85
CA LEU B 205 9.28 -2.20 41.27
C LEU B 205 9.71 -3.24 42.31
N GLU B 206 9.96 -2.80 43.55
CA GLU B 206 10.36 -3.69 44.68
C GLU B 206 9.25 -4.69 44.97
N ARG B 207 8.00 -4.20 45.10
CA ARG B 207 6.80 -5.02 45.42
C ARG B 207 6.64 -6.14 44.39
N LEU B 208 6.82 -5.85 43.10
CA LEU B 208 6.60 -6.82 41.99
C LEU B 208 7.87 -7.63 41.70
N GLY B 209 8.98 -7.29 42.36
CA GLY B 209 10.28 -7.98 42.23
C GLY B 209 10.90 -7.75 40.86
N VAL B 210 10.73 -6.54 40.30
CA VAL B 210 11.25 -6.17 38.95
C VAL B 210 12.76 -5.96 39.07
N ASN B 211 13.56 -6.70 38.28
CA ASN B 211 15.04 -6.63 38.28
C ASN B 211 15.55 -5.74 37.13
N ILE B 212 14.83 -5.66 36.00
CA ILE B 212 15.17 -4.76 34.85
C ILE B 212 13.91 -4.02 34.39
N LEU B 213 13.95 -2.69 34.37
CA LEU B 213 12.87 -1.84 33.80
C LEU B 213 13.38 -1.19 32.51
N PHE B 214 12.69 -1.45 31.40
CA PHE B 214 12.93 -0.82 30.07
C PHE B 214 12.00 0.38 29.93
N THR B 215 12.59 1.58 29.81
CA THR B 215 11.89 2.86 29.64
C THR B 215 11.91 3.24 28.15
N VAL B 216 10.77 3.07 27.47
CA VAL B 216 10.57 3.44 26.04
C VAL B 216 9.90 4.81 25.99
N GLY B 217 10.64 5.84 25.60
CA GLY B 217 10.15 7.24 25.57
C GLY B 217 11.26 8.20 25.18
N GLY B 218 10.95 9.51 25.19
CA GLY B 218 11.85 10.59 24.76
C GLY B 218 12.73 11.10 25.90
N ASP B 219 13.36 12.26 25.68
CA ASP B 219 14.38 12.86 26.60
C ASP B 219 13.79 12.94 28.02
N GLY B 220 12.55 13.44 28.17
CA GLY B 220 11.87 13.59 29.47
C GLY B 220 11.72 12.26 30.20
N THR B 221 11.37 11.20 29.46
CA THR B 221 11.17 9.83 30.00
C THR B 221 12.50 9.29 30.54
N GLN B 222 13.59 9.47 29.80
CA GLN B 222 14.91 8.89 30.16
C GLN B 222 15.51 9.67 31.34
N ARG B 223 15.28 10.99 31.45
CA ARG B 223 15.64 11.78 32.65
C ARG B 223 14.98 11.16 33.87
N GLY B 224 13.71 10.75 33.73
CA GLY B 224 12.94 10.07 34.78
C GLY B 224 13.53 8.71 35.11
N ALA B 225 13.95 7.96 34.09
CA ALA B 225 14.60 6.64 34.21
C ALA B 225 15.84 6.77 35.12
N LEU B 226 16.65 7.81 34.91
CA LEU B 226 17.91 8.02 35.67
C LEU B 226 17.56 8.33 37.14
N VAL B 227 16.48 9.09 37.39
CA VAL B 227 15.99 9.42 38.76
C VAL B 227 15.50 8.13 39.43
N ILE B 228 14.82 7.23 38.71
CA ILE B 228 14.39 5.91 39.25
C ILE B 228 15.64 5.09 39.62
N SER B 229 16.62 5.01 38.71
CA SER B 229 17.89 4.27 38.85
C SER B 229 18.57 4.63 40.17
N GLN B 230 18.63 5.94 40.47
CA GLN B 230 19.37 6.51 41.63
C GLN B 230 18.59 6.25 42.93
N GLU B 231 17.25 6.28 42.87
CA GLU B 231 16.38 5.96 44.03
C GLU B 231 16.57 4.48 44.39
N ALA B 232 16.69 3.61 43.39
CA ALA B 232 16.99 2.16 43.54
C ALA B 232 18.36 1.98 44.20
N LYS B 233 19.39 2.64 43.65
CA LYS B 233 20.79 2.56 44.17
C LYS B 233 20.80 3.01 45.65
N ARG B 234 20.06 4.09 45.95
CA ARG B 234 19.95 4.69 47.31
C ARG B 234 19.45 3.63 48.31
N ARG B 235 18.45 2.82 47.94
CA ARG B 235 17.88 1.76 48.82
C ARG B 235 18.65 0.45 48.66
N GLY B 236 19.66 0.40 47.78
CA GLY B 236 20.47 -0.80 47.49
C GLY B 236 19.65 -1.93 46.91
N VAL B 237 18.65 -1.61 46.06
CA VAL B 237 17.83 -2.62 45.32
C VAL B 237 18.54 -2.92 44.00
N ASP B 238 18.61 -4.20 43.64
CA ASP B 238 19.35 -4.74 42.47
C ASP B 238 18.46 -4.60 41.23
N ILE B 239 18.42 -3.40 40.65
CA ILE B 239 17.55 -3.03 39.49
C ILE B 239 18.41 -2.34 38.44
N SER B 240 18.29 -2.79 37.18
CA SER B 240 18.77 -2.09 35.97
C SER B 240 17.63 -1.27 35.38
N VAL B 241 17.85 0.02 35.12
CA VAL B 241 16.95 0.88 34.31
C VAL B 241 17.66 1.18 32.99
N PHE B 242 17.03 0.77 31.88
CA PHE B 242 17.62 0.75 30.52
C PHE B 242 16.65 1.39 29.53
N GLY B 243 17.06 2.48 28.89
CA GLY B 243 16.21 3.25 27.96
C GLY B 243 16.30 2.72 26.53
N VAL B 244 15.15 2.56 25.87
CA VAL B 244 15.05 2.45 24.39
C VAL B 244 14.50 3.78 23.87
N PRO B 245 15.34 4.65 23.26
CA PRO B 245 14.90 5.97 22.83
C PRO B 245 13.74 5.95 21.82
N LYS B 246 12.71 6.73 22.12
CA LYS B 246 11.52 6.94 21.25
C LYS B 246 11.49 8.41 20.83
N THR B 247 11.90 8.70 19.60
CA THR B 247 11.75 10.03 18.99
C THR B 247 11.58 9.84 17.48
N ILE B 248 10.37 10.12 16.98
CA ILE B 248 9.99 10.04 15.55
C ILE B 248 10.87 11.01 14.76
N ASP B 249 11.39 12.06 15.41
CA ASP B 249 12.15 13.19 14.79
C ASP B 249 13.62 12.83 14.58
N ASN B 250 14.12 11.74 15.16
CA ASN B 250 15.51 11.27 14.94
C ASN B 250 16.51 12.33 15.41
N ASP B 251 16.22 13.00 16.53
CA ASP B 251 17.03 14.15 17.03
C ASP B 251 17.74 13.79 18.33
N LEU B 252 17.91 12.48 18.59
CA LEU B 252 18.82 11.94 19.62
C LEU B 252 20.27 12.11 19.13
N SER B 253 21.15 12.58 20.01
CA SER B 253 22.61 12.67 19.76
C SER B 253 23.26 11.31 20.03
N PHE B 254 24.52 11.15 19.63
CA PHE B 254 25.27 9.86 19.67
C PHE B 254 24.49 8.82 18.87
N SER B 255 23.83 9.26 17.79
CA SER B 255 22.78 8.49 17.07
C SER B 255 22.62 9.04 15.64
N HIS B 256 22.52 8.15 14.64
CA HIS B 256 22.17 8.51 13.25
C HIS B 256 20.74 8.08 12.91
N ARG B 257 20.11 7.22 13.73
CA ARG B 257 18.76 6.69 13.39
C ARG B 257 18.05 6.15 14.64
N THR B 258 16.84 6.64 14.90
CA THR B 258 15.91 6.13 15.94
C THR B 258 14.76 5.39 15.24
N PHE B 259 14.14 4.44 15.95
CA PHE B 259 13.09 3.56 15.38
C PHE B 259 11.85 4.41 15.05
N GLY B 260 11.17 4.08 13.95
CA GLY B 260 9.92 4.73 13.50
C GLY B 260 10.17 5.93 12.60
N PHE B 261 11.37 6.51 12.64
CA PHE B 261 11.73 7.69 11.81
C PHE B 261 11.52 7.38 10.32
N GLN B 262 12.07 6.27 9.82
CA GLN B 262 12.00 5.92 8.38
C GLN B 262 10.54 5.72 7.98
N THR B 263 9.72 5.10 8.83
CA THR B 263 8.27 4.88 8.57
C THR B 263 7.61 6.24 8.46
N ALA B 264 7.94 7.17 9.36
CA ALA B 264 7.37 8.54 9.42
C ALA B 264 7.61 9.24 8.08
N VAL B 265 8.81 9.12 7.53
CA VAL B 265 9.19 9.75 6.24
C VAL B 265 8.35 9.13 5.11
N GLU B 266 8.12 7.82 5.10
CA GLU B 266 7.22 7.16 4.11
C GLU B 266 5.85 7.84 4.17
N LYS B 267 5.28 7.97 5.35
CA LYS B 267 3.91 8.51 5.54
C LYS B 267 3.88 9.99 5.17
N ALA B 268 4.90 10.74 5.52
CA ALA B 268 5.03 12.18 5.20
C ALA B 268 5.00 12.34 3.67
N VAL B 269 5.71 11.48 2.94
CA VAL B 269 5.75 11.55 1.44
C VAL B 269 4.34 11.27 0.88
N GLN B 270 3.58 10.36 1.50
CA GLN B 270 2.20 10.06 1.06
C GLN B 270 1.31 11.29 1.30
N ALA B 271 1.46 11.97 2.42
CA ALA B 271 0.71 13.21 2.75
C ALA B 271 1.02 14.28 1.70
N ILE B 272 2.30 14.45 1.34
CA ILE B 272 2.74 15.46 0.34
C ILE B 272 2.12 15.13 -1.03
N ARG B 273 2.08 13.86 -1.42
CA ARG B 273 1.50 13.40 -2.71
C ARG B 273 0.04 13.83 -2.82
N ALA B 274 -0.74 13.70 -1.73
CA ALA B 274 -2.16 14.12 -1.67
C ALA B 274 -2.25 15.66 -1.72
N ALA B 275 -1.42 16.37 -0.96
CA ALA B 275 -1.42 17.87 -0.93
C ALA B 275 -1.14 18.38 -2.34
N TYR B 276 -0.16 17.78 -3.02
CA TYR B 276 0.26 18.16 -4.40
C TYR B 276 -0.91 17.97 -5.37
N ALA B 277 -1.58 16.82 -5.32
CA ALA B 277 -2.74 16.49 -6.20
C ALA B 277 -3.81 17.59 -6.04
N GLU B 278 -4.09 17.98 -4.80
CA GLU B 278 -5.10 19.02 -4.46
C GLU B 278 -4.63 20.38 -5.01
N ALA B 279 -3.40 20.78 -4.71
CA ALA B 279 -2.86 22.12 -5.07
C ALA B 279 -2.78 22.25 -6.59
N VAL B 280 -2.24 21.25 -7.30
CA VAL B 280 -2.01 21.35 -8.77
C VAL B 280 -3.37 21.35 -9.50
N SER B 281 -4.45 20.91 -8.85
CA SER B 281 -5.82 20.86 -9.45
C SER B 281 -6.51 22.23 -9.38
N ALA B 282 -5.93 23.22 -8.69
CA ALA B 282 -6.51 24.58 -8.53
C ALA B 282 -5.63 25.62 -9.23
N ASN B 283 -6.25 26.68 -9.77
CA ASN B 283 -5.56 27.90 -10.26
C ASN B 283 -5.09 28.70 -9.03
N TYR B 284 -3.79 28.90 -8.92
CA TYR B 284 -3.11 29.50 -7.73
C TYR B 284 -3.55 28.69 -6.50
N GLY B 285 -3.27 27.39 -6.54
CA GLY B 285 -3.53 26.43 -5.45
C GLY B 285 -2.33 26.33 -4.52
N VAL B 286 -2.57 26.34 -3.21
CA VAL B 286 -1.53 26.21 -2.16
C VAL B 286 -1.90 25.07 -1.22
N GLY B 287 -1.05 24.06 -1.12
CA GLY B 287 -1.11 23.01 -0.09
C GLY B 287 -0.10 23.27 1.01
N VAL B 288 -0.57 23.51 2.22
CA VAL B 288 0.27 23.61 3.44
C VAL B 288 0.17 22.28 4.19
N VAL B 289 1.27 21.58 4.42
CA VAL B 289 1.26 20.30 5.17
C VAL B 289 2.28 20.35 6.32
N LYS B 290 1.80 20.14 7.55
CA LYS B 290 2.62 20.08 8.79
C LYS B 290 3.21 18.68 8.94
N LEU B 291 4.53 18.56 9.14
CA LEU B 291 5.26 17.27 9.16
C LEU B 291 6.12 17.15 10.42
N MET B 292 5.49 16.87 11.56
CA MET B 292 6.17 16.65 12.86
C MET B 292 7.24 17.74 13.04
N GLY B 293 8.43 17.39 13.56
CA GLY B 293 9.56 18.33 13.73
C GLY B 293 9.34 19.33 14.86
N ARG B 294 9.32 18.85 16.12
CA ARG B 294 9.12 19.69 17.33
C ARG B 294 10.32 20.64 17.50
N ASP B 295 11.55 20.12 17.44
CA ASP B 295 12.80 20.91 17.68
C ASP B 295 13.77 20.79 16.50
N SER B 296 13.45 19.99 15.49
CA SER B 296 14.34 19.75 14.32
C SER B 296 13.49 19.37 13.10
N GLY B 297 14.09 19.37 11.90
CA GLY B 297 13.36 19.24 10.64
C GLY B 297 13.84 18.08 9.79
N PHE B 298 14.26 16.97 10.42
CA PHE B 298 14.77 15.78 9.67
C PHE B 298 13.63 15.18 8.83
N ILE B 299 12.42 15.03 9.39
CA ILE B 299 11.25 14.46 8.66
C ILE B 299 10.91 15.39 7.49
N ALA B 300 10.76 16.68 7.76
CA ALA B 300 10.38 17.70 6.76
C ALA B 300 11.40 17.71 5.62
N ALA B 301 12.69 17.71 5.94
CA ALA B 301 13.80 17.80 4.94
C ALA B 301 13.84 16.54 4.08
N GLN B 302 13.80 15.35 4.69
CA GLN B 302 13.90 14.06 3.96
C GLN B 302 12.65 13.90 3.09
N ALA B 303 11.46 14.20 3.62
CA ALA B 303 10.17 14.12 2.88
C ALA B 303 10.19 15.06 1.68
N ALA B 304 10.66 16.30 1.86
CA ALA B 304 10.76 17.30 0.78
C ALA B 304 11.62 16.75 -0.36
N VAL B 305 12.76 16.16 -0.04
CA VAL B 305 13.71 15.65 -1.07
C VAL B 305 13.13 14.37 -1.68
N ALA B 306 12.64 13.43 -0.85
CA ALA B 306 12.10 12.14 -1.34
C ALA B 306 10.92 12.41 -2.29
N SER B 307 10.00 13.30 -1.93
CA SER B 307 8.77 13.60 -2.72
C SER B 307 9.09 14.38 -3.99
N ALA B 308 10.07 15.30 -3.92
CA ALA B 308 10.44 16.25 -5.00
C ALA B 308 9.24 17.11 -5.40
N GLN B 309 8.30 17.40 -4.48
CA GLN B 309 7.03 18.10 -4.80
C GLN B 309 6.83 19.32 -3.88
N ALA B 310 7.72 19.56 -2.93
CA ALA B 310 7.64 20.73 -2.01
C ALA B 310 8.38 21.90 -2.65
N ASN B 311 7.77 23.09 -2.64
CA ASN B 311 8.37 24.32 -3.21
C ASN B 311 8.96 25.18 -2.09
N ILE B 312 8.47 24.99 -0.86
CA ILE B 312 8.94 25.70 0.37
C ILE B 312 8.99 24.68 1.50
N CYS B 313 10.08 24.67 2.26
CA CYS B 313 10.33 23.74 3.39
C CYS B 313 10.75 24.55 4.62
N LEU B 314 9.87 24.65 5.62
CA LEU B 314 10.04 25.53 6.81
C LEU B 314 10.37 24.67 8.03
N VAL B 315 11.56 24.87 8.60
CA VAL B 315 12.13 24.02 9.69
C VAL B 315 12.61 24.92 10.83
N PRO B 316 12.58 24.42 12.08
CA PRO B 316 13.02 25.18 13.25
C PRO B 316 14.46 25.71 13.16
N GLU B 317 15.34 24.99 12.46
CA GLU B 317 16.78 25.33 12.31
C GLU B 317 16.94 26.60 11.48
N ASN B 318 15.91 27.00 10.70
CA ASN B 318 16.03 28.10 9.73
C ASN B 318 14.87 29.08 9.89
N PRO B 319 14.79 29.80 11.04
CA PRO B 319 13.67 30.71 11.29
C PRO B 319 13.73 31.84 10.25
N ILE B 320 12.65 32.02 9.49
CA ILE B 320 12.49 33.17 8.57
C ILE B 320 11.14 33.84 8.89
N SER B 321 10.97 35.08 8.44
CA SER B 321 9.79 35.91 8.76
C SER B 321 8.62 35.51 7.86
N GLU B 322 7.41 35.84 8.31
CA GLU B 322 6.16 35.83 7.53
C GLU B 322 6.40 36.47 6.15
N GLN B 323 7.16 37.56 6.09
CA GLN B 323 7.36 38.37 4.85
C GLN B 323 8.21 37.57 3.87
N GLU B 324 9.25 36.88 4.34
CA GLU B 324 10.15 36.05 3.49
C GLU B 324 9.33 34.88 2.91
N VAL B 325 8.51 34.23 3.75
CA VAL B 325 7.60 33.13 3.32
C VAL B 325 6.72 33.63 2.16
N MET B 326 6.03 34.76 2.33
CA MET B 326 5.11 35.30 1.29
C MET B 326 5.90 35.66 0.03
N SER B 327 7.15 36.09 0.19
CA SER B 327 8.06 36.44 -0.94
C SER B 327 8.37 35.17 -1.74
N LEU B 328 8.61 34.04 -1.07
CA LEU B 328 8.87 32.73 -1.72
C LEU B 328 7.62 32.31 -2.49
N LEU B 329 6.43 32.41 -1.88
CA LEU B 329 5.14 32.05 -2.53
C LEU B 329 4.94 32.92 -3.78
N GLU B 330 5.17 34.23 -3.63
CA GLU B 330 5.06 35.25 -4.71
C GLU B 330 5.94 34.83 -5.90
N ARG B 331 7.18 34.44 -5.62
CA ARG B 331 8.17 34.01 -6.66
C ARG B 331 7.67 32.73 -7.34
N ARG B 332 7.15 31.77 -6.56
CA ARG B 332 6.63 30.49 -7.10
C ARG B 332 5.51 30.80 -8.10
N PHE B 333 4.60 31.70 -7.73
CA PHE B 333 3.39 32.06 -8.52
C PHE B 333 3.75 32.93 -9.73
N CYS B 334 5.00 33.40 -9.88
CA CYS B 334 5.45 34.13 -11.08
C CYS B 334 5.27 33.26 -12.33
N HIS B 335 5.68 31.98 -12.27
CA HIS B 335 5.66 31.08 -13.47
C HIS B 335 5.08 29.70 -13.14
N SER B 336 4.45 29.50 -11.98
CA SER B 336 3.62 28.30 -11.67
C SER B 336 2.25 28.71 -11.15
N ARG B 337 1.29 27.79 -11.22
CA ARG B 337 -0.12 27.99 -10.78
C ARG B 337 -0.39 27.21 -9.48
N SER B 338 0.63 26.59 -8.89
CA SER B 338 0.48 25.85 -7.60
C SER B 338 1.76 25.92 -6.77
N CYS B 339 1.62 25.73 -5.47
CA CYS B 339 2.73 25.76 -4.48
C CYS B 339 2.40 24.79 -3.34
N VAL B 340 3.37 23.96 -2.95
CA VAL B 340 3.29 23.07 -1.76
C VAL B 340 4.28 23.56 -0.70
N ILE B 341 3.80 23.78 0.52
CA ILE B 341 4.59 24.31 1.67
C ILE B 341 4.61 23.24 2.76
N ILE B 342 5.80 22.70 3.05
CA ILE B 342 6.06 21.80 4.22
C ILE B 342 6.40 22.71 5.40
N VAL B 343 5.82 22.43 6.57
CA VAL B 343 6.13 23.21 7.80
C VAL B 343 6.27 22.25 8.98
N ALA B 344 7.40 22.31 9.69
CA ALA B 344 7.64 21.57 10.94
C ALA B 344 6.83 22.25 12.05
N GLU B 345 6.35 21.50 13.05
CA GLU B 345 5.47 22.04 14.11
C GLU B 345 6.26 23.04 14.97
N GLY B 346 7.59 22.91 15.02
CA GLY B 346 8.50 23.78 15.79
C GLY B 346 8.94 25.02 15.01
N PHE B 347 8.53 25.18 13.75
CA PHE B 347 8.83 26.43 12.97
C PHE B 347 7.98 27.58 13.50
N GLY B 348 8.53 28.80 13.40
CA GLY B 348 7.83 30.08 13.62
C GLY B 348 7.18 30.19 14.99
N GLN B 349 7.88 29.81 16.05
CA GLN B 349 7.33 29.93 17.44
C GLN B 349 7.43 31.39 17.90
N ASP B 350 8.13 32.25 17.14
CA ASP B 350 8.18 33.71 17.33
C ASP B 350 7.17 34.42 16.40
N TRP B 351 6.19 33.69 15.84
CA TRP B 351 5.13 34.25 14.96
C TRP B 351 3.88 34.63 15.77
N GLY B 352 3.72 34.06 16.97
CA GLY B 352 2.63 34.42 17.90
C GLY B 352 3.04 35.59 18.79
N ARG B 353 2.08 36.43 19.19
CA ARG B 353 2.35 37.60 20.08
C ARG B 353 3.07 37.10 21.33
N ILE B 367 2.35 27.34 19.83
CA ILE B 367 1.34 27.88 18.87
C ILE B 367 1.19 26.89 17.71
N ASP B 368 -0.02 26.77 17.15
CA ASP B 368 -0.33 25.86 16.01
C ASP B 368 0.07 26.54 14.69
N ILE B 369 1.34 26.38 14.31
CA ILE B 369 1.97 27.07 13.15
C ILE B 369 1.29 26.66 11.85
N GLY B 370 0.77 25.42 11.78
CA GLY B 370 0.02 24.93 10.61
C GLY B 370 -1.18 25.81 10.30
N VAL B 371 -1.98 26.10 11.33
CA VAL B 371 -3.23 26.91 11.21
C VAL B 371 -2.86 28.37 10.93
N ILE B 372 -1.93 28.91 11.72
CA ILE B 372 -1.49 30.34 11.64
C ILE B 372 -0.89 30.61 10.26
N LEU B 373 -0.03 29.72 9.75
CA LEU B 373 0.60 29.86 8.41
C LEU B 373 -0.50 29.86 7.34
N THR B 374 -1.40 28.88 7.37
CA THR B 374 -2.54 28.76 6.41
C THR B 374 -3.34 30.08 6.41
N GLU B 375 -3.68 30.61 7.58
CA GLU B 375 -4.44 31.89 7.76
C GLU B 375 -3.67 33.05 7.11
N LYS B 376 -2.36 33.13 7.34
CA LYS B 376 -1.51 34.25 6.86
C LYS B 376 -1.38 34.16 5.33
N VAL B 377 -1.26 32.95 4.76
CA VAL B 377 -1.18 32.73 3.29
C VAL B 377 -2.50 33.21 2.66
N LYS B 378 -3.64 32.89 3.27
CA LYS B 378 -4.98 33.31 2.78
C LYS B 378 -5.07 34.86 2.79
N ALA B 379 -4.68 35.49 3.91
CA ALA B 379 -4.69 36.96 4.09
C ALA B 379 -3.84 37.61 2.98
N PHE B 380 -2.65 37.08 2.73
CA PHE B 380 -1.72 37.56 1.69
C PHE B 380 -2.39 37.47 0.31
N LEU B 381 -2.96 36.31 -0.03
CA LEU B 381 -3.60 36.09 -1.35
C LEU B 381 -4.84 36.97 -1.50
N LYS B 382 -5.61 37.17 -0.43
CA LYS B 382 -6.82 38.03 -0.43
C LYS B 382 -6.43 39.49 -0.69
N ALA B 383 -5.41 39.98 0.01
CA ALA B 383 -4.85 41.36 -0.13
C ALA B 383 -4.29 41.57 -1.54
N ASN B 384 -4.01 40.50 -2.29
CA ASN B 384 -3.41 40.55 -3.65
C ASN B 384 -4.34 39.87 -4.67
N LYS B 385 -5.66 39.86 -4.41
CA LYS B 385 -6.67 39.22 -5.30
C LYS B 385 -6.57 39.82 -6.71
N SER B 386 -6.08 41.07 -6.82
CA SER B 386 -5.68 41.71 -8.10
C SER B 386 -4.86 40.74 -8.96
N ARG B 387 -3.75 40.21 -8.43
CA ARG B 387 -2.74 39.40 -9.18
C ARG B 387 -3.07 37.90 -9.09
N TYR B 388 -3.82 37.48 -8.08
CA TYR B 388 -4.17 36.05 -7.81
C TYR B 388 -5.69 35.95 -7.73
N PRO B 389 -6.38 36.13 -8.88
CA PRO B 389 -7.82 36.44 -8.91
C PRO B 389 -8.71 35.47 -8.13
N ASP B 390 -8.66 34.18 -8.47
CA ASP B 390 -9.20 33.08 -7.64
C ASP B 390 -8.01 32.26 -7.17
N SER B 391 -8.02 31.82 -5.93
CA SER B 391 -6.90 31.10 -5.26
C SER B 391 -7.49 30.18 -4.20
N THR B 392 -6.78 29.09 -3.90
CA THR B 392 -7.26 28.04 -2.97
C THR B 392 -6.10 27.66 -2.05
N VAL B 393 -6.34 27.72 -0.74
CA VAL B 393 -5.35 27.29 0.29
C VAL B 393 -5.98 26.14 1.09
N LYS B 394 -5.34 24.98 1.04
CA LYS B 394 -5.71 23.76 1.81
C LYS B 394 -4.62 23.48 2.85
N TYR B 395 -5.04 23.25 4.09
CA TYR B 395 -4.18 22.81 5.22
C TYR B 395 -4.37 21.30 5.41
N ILE B 396 -3.27 20.56 5.56
CA ILE B 396 -3.26 19.10 5.81
C ILE B 396 -2.44 18.84 7.08
N ASP B 397 -3.06 18.25 8.10
CA ASP B 397 -2.37 17.74 9.31
C ASP B 397 -2.41 16.22 9.27
N PRO B 398 -1.35 15.56 8.73
CA PRO B 398 -1.30 14.10 8.65
C PRO B 398 -0.64 13.45 9.87
N SER B 399 -0.48 14.19 10.97
CA SER B 399 0.25 13.74 12.19
C SER B 399 -0.30 12.38 12.66
N TYR B 400 -1.62 12.27 12.73
CA TYR B 400 -2.36 11.03 13.12
C TYR B 400 -1.83 9.82 12.32
N MET B 401 -1.75 9.96 11.00
CA MET B 401 -1.41 8.86 10.07
C MET B 401 0.11 8.60 10.12
N ILE B 402 0.92 9.62 10.41
CA ILE B 402 2.40 9.48 10.46
C ILE B 402 2.78 8.67 11.70
N ARG B 403 2.17 8.90 12.87
CA ARG B 403 2.70 8.31 14.15
C ARG B 403 1.97 7.01 14.51
N ALA B 404 0.79 6.74 13.95
CA ALA B 404 -0.15 5.70 14.46
C ALA B 404 -0.14 4.43 13.60
N CYS B 405 0.78 4.29 12.65
CA CYS B 405 0.84 3.11 11.76
C CYS B 405 1.81 2.07 12.32
N PRO B 406 1.73 0.79 11.85
CA PRO B 406 2.79 -0.17 12.08
C PRO B 406 4.05 0.26 11.32
N PRO B 407 5.25 -0.23 11.71
CA PRO B 407 6.48 0.14 11.01
C PRO B 407 6.60 -0.51 9.63
N SER B 408 7.36 0.11 8.74
CA SER B 408 7.97 -0.52 7.54
C SER B 408 8.72 -1.78 7.99
N ALA B 409 8.97 -2.72 7.07
CA ALA B 409 9.79 -3.93 7.33
C ALA B 409 11.18 -3.52 7.83
N ASN B 410 11.77 -2.45 7.28
CA ASN B 410 13.12 -2.00 7.68
C ASN B 410 13.10 -1.49 9.12
N ASP B 411 12.02 -0.81 9.56
CA ASP B 411 11.87 -0.36 10.97
C ASP B 411 11.56 -1.55 11.88
N ALA B 412 10.81 -2.55 11.42
CA ALA B 412 10.51 -3.79 12.19
C ALA B 412 11.82 -4.50 12.56
N LEU B 413 12.74 -4.62 11.60
CA LEU B 413 14.06 -5.27 11.79
C LEU B 413 14.88 -4.47 12.82
N PHE B 414 14.96 -3.15 12.62
CA PHE B 414 15.67 -2.18 13.49
C PHE B 414 15.12 -2.28 14.92
N CYS B 415 13.80 -2.17 15.11
CA CYS B 415 13.12 -2.29 16.42
C CYS B 415 13.54 -3.60 17.09
N ALA B 416 13.50 -4.72 16.37
CA ALA B 416 13.80 -6.06 16.94
C ALA B 416 15.27 -6.10 17.39
N THR B 417 16.16 -5.46 16.66
CA THR B 417 17.63 -5.49 16.90
C THR B 417 17.97 -4.61 18.12
N LEU B 418 17.42 -3.39 18.17
CA LEU B 418 17.53 -2.48 19.34
C LEU B 418 17.09 -3.23 20.60
N ALA B 419 15.91 -3.83 20.57
CA ALA B 419 15.26 -4.48 21.73
C ALA B 419 16.08 -5.69 22.19
N THR B 420 16.53 -6.54 21.26
CA THR B 420 17.28 -7.80 21.57
C THR B 420 18.59 -7.41 22.28
N LEU B 421 19.33 -6.44 21.73
CA LEU B 421 20.62 -5.96 22.28
C LEU B 421 20.38 -5.28 23.64
N ALA B 422 19.26 -4.60 23.82
CA ALA B 422 18.91 -3.92 25.08
C ALA B 422 18.77 -4.98 26.18
N VAL B 423 18.13 -6.12 25.86
CA VAL B 423 17.95 -7.24 26.82
C VAL B 423 19.33 -7.86 27.11
N HIS B 424 20.13 -8.17 26.08
CA HIS B 424 21.48 -8.75 26.24
C HIS B 424 22.29 -7.91 27.25
N GLU B 425 22.27 -6.59 27.09
CA GLU B 425 23.17 -5.67 27.84
C GLU B 425 22.64 -5.44 29.26
N ALA B 426 21.32 -5.32 29.43
CA ALA B 426 20.67 -5.20 30.76
C ALA B 426 20.91 -6.48 31.58
N MET B 427 20.77 -7.67 30.97
CA MET B 427 21.06 -8.96 31.64
C MET B 427 22.53 -8.96 32.10
N ALA B 428 23.43 -8.32 31.33
CA ALA B 428 24.86 -8.15 31.63
C ALA B 428 25.08 -6.94 32.56
N GLY B 429 24.03 -6.40 33.16
CA GLY B 429 24.13 -5.42 34.26
C GLY B 429 24.31 -3.98 33.82
N ALA B 430 24.14 -3.67 32.53
CA ALA B 430 24.11 -2.27 32.03
C ALA B 430 22.90 -1.55 32.64
N THR B 431 23.06 -0.30 33.07
CA THR B 431 21.99 0.51 33.72
C THR B 431 22.31 2.00 33.57
N GLY B 432 21.28 2.86 33.63
CA GLY B 432 21.42 4.32 33.53
C GLY B 432 21.83 4.76 32.13
N CYS B 433 21.56 3.92 31.12
CA CYS B 433 22.01 4.12 29.71
C CYS B 433 20.87 3.83 28.72
N ILE B 434 21.09 4.26 27.48
CA ILE B 434 20.22 3.97 26.30
C ILE B 434 21.01 3.13 25.29
N ILE B 435 20.29 2.43 24.42
CA ILE B 435 20.87 1.80 23.20
C ILE B 435 20.60 2.75 22.02
N ALA B 436 21.63 3.00 21.22
CA ALA B 436 21.58 3.88 20.05
C ALA B 436 22.30 3.19 18.89
N MET B 437 22.06 3.67 17.66
CA MET B 437 22.70 3.20 16.42
C MET B 437 23.47 4.38 15.83
N ARG B 438 24.75 4.17 15.55
CA ARG B 438 25.71 5.20 15.08
C ARG B 438 26.70 4.53 14.12
N HIS B 439 26.99 5.13 12.97
CA HIS B 439 28.01 4.61 12.00
C HIS B 439 27.77 3.11 11.79
N ASN B 440 26.52 2.72 11.57
CA ASN B 440 26.11 1.34 11.22
C ASN B 440 26.34 0.36 12.40
N ASN B 441 26.52 0.86 13.64
CA ASN B 441 26.80 -0.02 14.82
C ASN B 441 25.90 0.36 15.99
N TYR B 442 25.61 -0.62 16.84
CA TYR B 442 24.81 -0.45 18.07
C TYR B 442 25.75 -0.13 19.25
N ILE B 443 25.44 0.94 19.97
CA ILE B 443 26.27 1.46 21.10
C ILE B 443 25.39 1.68 22.33
N LEU B 444 26.02 1.74 23.50
CA LEU B 444 25.40 2.14 24.79
C LEU B 444 25.88 3.54 25.14
N VAL B 445 24.96 4.42 25.55
CA VAL B 445 25.27 5.84 25.93
C VAL B 445 24.60 6.09 27.28
N PRO B 446 25.34 6.62 28.29
CA PRO B 446 24.73 7.06 29.54
C PRO B 446 23.62 8.09 29.28
N ILE B 447 22.52 7.97 30.03
CA ILE B 447 21.34 8.88 29.90
C ILE B 447 21.78 10.32 30.15
N LYS B 448 22.64 10.56 31.14
CA LYS B 448 23.06 11.93 31.55
C LYS B 448 23.58 12.67 30.32
N VAL B 449 24.54 12.12 29.58
CA VAL B 449 25.13 12.82 28.40
C VAL B 449 24.13 12.83 27.24
N ALA B 450 23.33 11.77 27.05
CA ALA B 450 22.33 11.65 25.95
C ALA B 450 21.25 12.73 26.06
N THR B 451 20.91 13.16 27.28
CA THR B 451 19.82 14.14 27.55
C THR B 451 20.38 15.56 27.68
N SER B 452 21.68 15.76 27.47
CA SER B 452 22.40 17.05 27.67
C SER B 452 22.60 17.76 26.34
N VAL B 453 22.41 17.05 25.24
CA VAL B 453 22.65 17.55 23.86
C VAL B 453 21.52 16.99 22.97
N ARG B 454 21.20 17.70 21.90
CA ARG B 454 20.21 17.23 20.90
C ARG B 454 20.77 17.51 19.50
N ARG B 455 20.15 16.87 18.50
CA ARG B 455 20.61 16.86 17.09
C ARG B 455 19.67 17.76 16.28
N VAL B 456 20.21 18.46 15.30
CA VAL B 456 19.48 19.46 14.48
C VAL B 456 20.09 19.41 13.07
N LEU B 457 19.36 19.86 12.06
CA LEU B 457 19.86 19.91 10.66
C LEU B 457 21.10 20.80 10.59
N ASP B 458 22.11 20.37 9.84
CA ASP B 458 23.23 21.21 9.39
C ASP B 458 22.80 21.90 8.10
N LEU B 459 22.55 23.21 8.12
CA LEU B 459 22.09 23.98 6.94
C LEU B 459 23.19 24.06 5.87
N ARG B 460 24.42 23.61 6.18
CA ARG B 460 25.55 23.56 5.20
C ARG B 460 25.76 22.14 4.66
N GLY B 461 25.01 21.14 5.16
CA GLY B 461 25.14 19.72 4.78
C GLY B 461 24.50 19.39 3.44
N GLN B 462 24.66 18.14 2.98
CA GLN B 462 24.21 17.68 1.64
C GLN B 462 22.67 17.58 1.60
N LEU B 463 22.02 17.14 2.68
CA LEU B 463 20.54 17.00 2.72
C LEU B 463 19.91 18.37 2.46
N TRP B 464 20.31 19.40 3.23
CA TRP B 464 19.72 20.75 3.14
C TRP B 464 20.04 21.36 1.76
N ARG B 465 21.21 21.07 1.20
CA ARG B 465 21.58 21.50 -0.17
C ARG B 465 20.54 20.94 -1.16
N GLN B 466 20.18 19.67 -1.03
CA GLN B 466 19.16 19.04 -1.92
C GLN B 466 17.80 19.71 -1.72
N VAL B 467 17.45 20.10 -0.48
CA VAL B 467 16.19 20.84 -0.20
C VAL B 467 16.25 22.17 -0.96
N ARG B 468 17.39 22.88 -0.92
CA ARG B 468 17.54 24.22 -1.56
C ARG B 468 17.51 24.09 -3.09
N GLU B 469 18.01 22.99 -3.66
CA GLU B 469 18.00 22.73 -5.13
C GLU B 469 16.55 22.64 -5.64
N ILE B 470 15.60 22.09 -4.86
CA ILE B 470 14.21 21.86 -5.34
C ILE B 470 13.30 23.03 -4.90
N THR B 471 13.57 23.67 -3.77
CA THR B 471 12.67 24.73 -3.22
C THR B 471 12.95 26.07 -3.90
N VAL B 472 11.98 26.98 -3.83
CA VAL B 472 12.04 28.34 -4.45
C VAL B 472 13.27 29.06 -3.92
N ASP B 473 13.96 29.79 -4.81
CA ASP B 473 15.20 30.55 -4.50
C ASP B 473 15.02 32.01 -4.96
N LEU B 474 15.02 32.95 -4.01
CA LEU B 474 14.90 34.41 -4.27
C LEU B 474 16.13 34.91 -5.05
N GLY B 475 17.27 34.21 -4.93
CA GLY B 475 18.56 34.60 -5.52
C GLY B 475 18.56 34.52 -7.05
N SER B 476 17.67 33.74 -7.67
CA SER B 476 17.56 33.60 -9.14
C SER B 476 16.95 34.87 -9.75
N ASP B 477 17.36 35.19 -10.99
CA ASP B 477 16.69 36.15 -11.89
C ASP B 477 15.44 35.47 -12.46
N VAL B 478 14.25 35.87 -11.99
CA VAL B 478 12.92 35.33 -12.42
C VAL B 478 12.88 35.30 -13.95
N ARG B 479 13.14 36.45 -14.57
CA ARG B 479 12.95 36.74 -16.02
C ARG B 479 13.98 35.93 -16.82
N LEU B 480 15.25 35.99 -16.42
CA LEU B 480 16.37 35.29 -17.09
C LEU B 480 16.14 33.77 -17.01
N ALA B 481 16.06 33.23 -15.79
CA ALA B 481 15.84 31.79 -15.51
C ALA B 481 14.73 31.24 -16.41
N ARG B 482 13.64 32.01 -16.60
CA ARG B 482 12.47 31.58 -17.40
C ARG B 482 12.87 31.48 -18.89
N LYS B 483 13.68 32.43 -19.39
CA LYS B 483 14.09 32.48 -20.82
C LYS B 483 14.84 31.19 -21.16
N LEU B 484 15.78 30.78 -20.30
CA LEU B 484 16.61 29.55 -20.47
C LEU B 484 15.70 28.32 -20.44
N GLU B 485 14.74 28.29 -19.50
CA GLU B 485 13.70 27.22 -19.41
C GLU B 485 13.07 27.00 -20.79
N ILE B 486 12.55 28.09 -21.37
CA ILE B 486 11.76 28.05 -22.65
C ILE B 486 12.68 27.57 -23.79
N ARG B 487 13.94 28.01 -23.81
CA ARG B 487 14.91 27.61 -24.87
C ARG B 487 15.07 26.08 -24.83
N ARG B 488 15.35 25.53 -23.64
CA ARG B 488 15.52 24.06 -23.43
C ARG B 488 14.27 23.32 -23.95
N GLU B 489 13.08 23.79 -23.57
CA GLU B 489 11.79 23.16 -23.98
C GLU B 489 11.66 23.19 -25.51
N LEU B 490 11.89 24.36 -26.12
CA LEU B 490 11.79 24.59 -27.59
C LEU B 490 12.73 23.64 -28.32
N GLU B 491 13.98 23.52 -27.84
CA GLU B 491 15.00 22.59 -28.38
C GLU B 491 14.40 21.18 -28.46
N ALA B 492 13.80 20.71 -27.36
CA ALA B 492 13.21 19.36 -27.23
C ALA B 492 12.05 19.19 -28.21
N ILE B 493 11.07 20.11 -28.21
CA ILE B 493 9.83 19.94 -29.01
C ILE B 493 10.17 20.11 -30.50
N ASN B 494 11.23 20.87 -30.84
CA ASN B 494 11.69 21.05 -32.24
C ASN B 494 12.22 19.72 -32.78
N ARG B 495 13.01 19.00 -31.97
CA ARG B 495 13.55 17.66 -32.32
C ARG B 495 12.38 16.69 -32.58
N ASN B 496 11.43 16.60 -31.66
CA ASN B 496 10.22 15.74 -31.74
C ASN B 496 9.44 16.07 -33.03
N ARG B 497 9.18 17.37 -33.23
CA ARG B 497 8.48 17.94 -34.41
C ARG B 497 9.13 17.41 -35.70
N ASP B 498 10.48 17.38 -35.75
CA ASP B 498 11.25 16.93 -36.94
C ASP B 498 11.02 15.42 -37.15
N ARG B 499 11.35 14.60 -36.15
CA ARG B 499 11.25 13.11 -36.20
C ARG B 499 9.82 12.72 -36.62
N LEU B 500 8.81 13.39 -36.07
CA LEU B 500 7.38 13.15 -36.43
C LEU B 500 7.18 13.44 -37.92
N HIS B 501 7.60 14.62 -38.40
CA HIS B 501 7.51 15.03 -39.83
C HIS B 501 8.21 13.99 -40.72
N GLU B 502 9.39 13.53 -40.33
CA GLU B 502 10.16 12.44 -41.00
C GLU B 502 9.26 11.20 -41.16
N GLU B 503 8.65 10.75 -40.06
CA GLU B 503 7.99 9.41 -39.95
C GLU B 503 6.89 9.26 -41.01
N LEU B 504 6.25 10.35 -41.47
CA LEU B 504 5.24 10.33 -42.57
C LEU B 504 5.99 10.15 -43.90
N ALA B 505 5.72 9.05 -44.62
CA ALA B 505 6.48 8.57 -45.81
C ALA B 505 7.76 7.86 -45.35
N SER C 43 -34.62 -26.85 -18.93
CA SER C 43 -33.91 -25.66 -18.34
C SER C 43 -34.57 -25.24 -17.01
N VAL C 44 -34.11 -24.14 -16.44
CA VAL C 44 -34.39 -23.69 -15.04
C VAL C 44 -35.85 -23.27 -14.95
N THR C 45 -36.59 -23.82 -13.98
CA THR C 45 -38.02 -23.49 -13.71
C THR C 45 -38.11 -22.84 -12.33
N GLN C 46 -39.25 -22.24 -11.99
CA GLN C 46 -39.50 -21.60 -10.68
C GLN C 46 -39.30 -22.65 -9.58
N GLU C 47 -39.72 -23.90 -9.83
CA GLU C 47 -39.57 -25.04 -8.89
C GLU C 47 -38.09 -25.19 -8.52
N ASP C 48 -37.17 -25.07 -9.48
CA ASP C 48 -35.71 -25.21 -9.27
C ASP C 48 -35.20 -24.12 -8.31
N LEU C 49 -35.90 -22.98 -8.19
CA LEU C 49 -35.48 -21.82 -7.38
C LEU C 49 -36.17 -21.81 -6.01
N LYS C 50 -37.07 -22.77 -5.73
CA LYS C 50 -37.77 -22.84 -4.41
C LYS C 50 -36.76 -23.26 -3.33
N VAL C 51 -36.54 -22.44 -2.31
CA VAL C 51 -35.57 -22.72 -1.22
C VAL C 51 -36.27 -23.56 -0.14
N ASP C 52 -35.68 -24.69 0.22
CA ASP C 52 -36.11 -25.58 1.33
C ASP C 52 -36.12 -24.81 2.65
N ARG C 53 -37.18 -25.00 3.45
CA ARG C 53 -37.29 -24.54 4.86
C ARG C 53 -37.51 -25.76 5.74
N LEU C 54 -36.75 -25.88 6.83
CA LEU C 54 -37.04 -26.86 7.91
C LEU C 54 -38.43 -26.52 8.46
N PRO C 55 -39.27 -27.55 8.78
CA PRO C 55 -40.66 -27.31 9.19
C PRO C 55 -40.78 -26.58 10.53
N GLY C 56 -41.58 -25.49 10.55
CA GLY C 56 -41.92 -24.74 11.77
C GLY C 56 -40.99 -23.55 11.97
N ALA C 57 -41.58 -22.40 12.34
CA ALA C 57 -40.90 -21.19 12.83
C ALA C 57 -41.57 -20.75 14.13
N ASP C 58 -41.24 -21.42 15.25
CA ASP C 58 -42.00 -21.36 16.52
C ASP C 58 -41.44 -20.28 17.46
N TYR C 59 -40.35 -19.59 17.10
CA TYR C 59 -39.69 -18.64 18.02
C TYR C 59 -39.61 -17.23 17.43
N PRO C 60 -39.76 -16.19 18.28
CA PRO C 60 -39.60 -14.81 17.83
C PRO C 60 -38.11 -14.51 17.59
N ASN C 61 -37.82 -13.61 16.65
CA ASN C 61 -36.43 -13.16 16.36
C ASN C 61 -35.99 -12.17 17.45
N PRO C 62 -34.93 -12.48 18.22
CA PRO C 62 -34.48 -11.58 19.29
C PRO C 62 -33.84 -10.26 18.81
N SER C 63 -33.45 -10.13 17.54
CA SER C 63 -32.72 -8.95 17.01
C SER C 63 -33.58 -7.70 17.21
N LYS C 64 -32.95 -6.52 17.26
CA LYS C 64 -33.56 -5.25 17.77
C LYS C 64 -34.27 -4.49 16.64
N LYS C 65 -35.52 -4.06 16.89
CA LYS C 65 -36.23 -3.05 16.06
C LYS C 65 -35.69 -1.64 16.41
N TYR C 66 -34.72 -1.16 15.62
CA TYR C 66 -34.07 0.16 15.81
C TYR C 66 -35.05 1.27 15.39
N PHE C 72 -39.41 -8.10 11.74
CA PHE C 72 -38.80 -7.73 10.43
C PHE C 72 -39.72 -8.31 9.34
N ARG C 73 -39.29 -9.20 8.45
CA ARG C 73 -40.13 -9.71 7.33
C ARG C 73 -40.98 -10.89 7.79
N ASP C 74 -42.28 -10.86 7.52
CA ASP C 74 -43.27 -11.87 7.96
C ASP C 74 -43.54 -12.90 6.84
N LYS C 75 -43.15 -12.60 5.60
CA LYS C 75 -43.38 -13.43 4.39
C LYS C 75 -42.15 -13.34 3.47
N THR C 76 -42.00 -14.28 2.54
CA THR C 76 -40.90 -14.31 1.54
C THR C 76 -41.18 -13.27 0.43
N ASP C 77 -40.24 -12.34 0.22
CA ASP C 77 -40.22 -11.39 -0.92
C ASP C 77 -39.27 -11.89 -2.00
N TYR C 78 -39.50 -11.42 -3.24
CA TYR C 78 -38.81 -11.91 -4.47
C TYR C 78 -38.26 -10.72 -5.25
N ILE C 79 -37.24 -11.02 -6.06
CA ILE C 79 -36.70 -10.12 -7.12
C ILE C 79 -36.72 -10.90 -8.43
N MET C 80 -36.93 -10.20 -9.55
CA MET C 80 -36.90 -10.79 -10.91
C MET C 80 -35.47 -11.25 -11.24
N TYR C 81 -35.34 -12.47 -11.76
CA TYR C 81 -34.08 -13.02 -12.31
C TYR C 81 -33.60 -12.09 -13.43
N ASN C 82 -34.52 -11.64 -14.29
CA ASN C 82 -34.18 -10.74 -15.43
C ASN C 82 -35.07 -9.51 -15.38
N PRO C 83 -34.55 -8.33 -14.99
CA PRO C 83 -35.34 -7.10 -14.89
C PRO C 83 -35.49 -6.32 -16.20
N ARG C 84 -35.38 -6.98 -17.35
CA ARG C 84 -35.59 -6.36 -18.68
C ARG C 84 -37.04 -6.62 -19.10
N PRO C 85 -37.72 -5.63 -19.73
CA PRO C 85 -39.12 -5.80 -20.12
C PRO C 85 -39.27 -6.60 -21.42
N ARG C 86 -40.43 -7.21 -21.62
CA ARG C 86 -40.77 -8.00 -22.85
C ARG C 86 -41.12 -7.04 -23.99
N ASP C 87 -41.82 -5.93 -23.70
CA ASP C 87 -42.40 -5.00 -24.69
C ASP C 87 -41.81 -3.58 -24.53
N GLU C 88 -42.08 -2.73 -25.52
CA GLU C 88 -41.85 -1.26 -25.49
C GLU C 88 -42.51 -0.67 -24.24
N PRO C 89 -42.12 0.56 -23.81
CA PRO C 89 -42.91 1.32 -22.84
C PRO C 89 -44.39 1.41 -23.25
N SER C 90 -45.30 1.19 -22.29
CA SER C 90 -46.77 1.22 -22.49
C SER C 90 -47.45 1.76 -21.22
N SER C 91 -48.76 1.95 -21.26
CA SER C 91 -49.56 2.56 -20.16
C SER C 91 -49.59 1.63 -18.93
N GLU C 92 -49.37 0.32 -19.12
CA GLU C 92 -49.37 -0.69 -18.03
C GLU C 92 -47.93 -1.08 -17.67
N ASN C 93 -47.71 -1.50 -16.43
CA ASN C 93 -46.39 -1.83 -15.84
C ASN C 93 -45.69 -2.89 -16.69
N PRO C 94 -44.36 -2.78 -16.89
CA PRO C 94 -43.60 -3.73 -17.71
C PRO C 94 -43.53 -5.13 -17.11
N VAL C 95 -43.38 -6.12 -18.00
CA VAL C 95 -43.39 -7.58 -17.70
C VAL C 95 -41.99 -8.12 -18.00
N SER C 96 -41.45 -8.96 -17.11
CA SER C 96 -40.12 -9.58 -17.25
C SER C 96 -40.07 -10.45 -18.51
N VAL C 97 -38.92 -10.43 -19.20
CA VAL C 97 -38.57 -11.36 -20.31
C VAL C 97 -38.53 -12.80 -19.78
N SER C 98 -38.20 -13.00 -18.50
CA SER C 98 -38.08 -14.34 -17.86
C SER C 98 -39.23 -14.57 -16.89
N PRO C 99 -39.66 -15.84 -16.67
CA PRO C 99 -40.66 -16.15 -15.66
C PRO C 99 -40.10 -16.26 -14.24
N LEU C 100 -38.77 -16.19 -14.08
CA LEU C 100 -38.08 -16.64 -12.85
C LEU C 100 -38.05 -15.52 -11.81
N LEU C 101 -38.34 -15.89 -10.56
CA LEU C 101 -38.24 -15.03 -9.35
C LEU C 101 -37.28 -15.69 -8.36
N CYS C 102 -36.35 -14.90 -7.82
CA CYS C 102 -35.38 -15.33 -6.78
C CYS C 102 -35.84 -14.80 -5.42
N GLU C 103 -35.78 -15.64 -4.39
CA GLU C 103 -36.14 -15.27 -3.00
C GLU C 103 -35.04 -14.35 -2.43
N LEU C 104 -35.42 -13.19 -1.91
CA LEU C 104 -34.50 -12.21 -1.27
C LEU C 104 -34.15 -12.69 0.14
N ALA C 105 -32.88 -12.54 0.53
CA ALA C 105 -32.36 -12.88 1.88
C ALA C 105 -32.65 -11.71 2.83
N ALA C 106 -33.10 -11.98 4.05
CA ALA C 106 -33.41 -10.95 5.08
C ALA C 106 -33.66 -11.60 6.44
N ALA C 107 -33.41 -10.83 7.51
CA ALA C 107 -33.82 -11.13 8.90
C ALA C 107 -35.35 -11.33 8.92
N ARG C 108 -35.82 -12.46 9.47
CA ARG C 108 -37.26 -12.81 9.54
C ARG C 108 -37.76 -12.57 10.97
N SER C 109 -39.04 -12.27 11.15
CA SER C 109 -39.67 -12.01 12.47
C SER C 109 -39.85 -13.33 13.24
N ARG C 110 -40.01 -14.45 12.52
CA ARG C 110 -40.18 -15.81 13.12
C ARG C 110 -38.99 -16.68 12.68
N ILE C 111 -38.39 -17.43 13.61
CA ILE C 111 -37.20 -18.29 13.31
C ILE C 111 -37.51 -19.74 13.71
N HIS C 112 -36.79 -20.70 13.10
CA HIS C 112 -37.02 -22.16 13.26
C HIS C 112 -36.27 -22.68 14.49
N PHE C 113 -35.03 -22.23 14.69
CA PHE C 113 -34.13 -22.67 15.79
C PHE C 113 -34.34 -21.78 17.01
N ASN C 114 -34.43 -22.41 18.18
CA ASN C 114 -34.48 -21.74 19.50
C ASN C 114 -33.08 -21.19 19.80
N PRO C 115 -32.86 -19.86 19.73
CA PRO C 115 -31.51 -19.30 19.75
C PRO C 115 -30.56 -19.89 20.80
N THR C 116 -30.95 -19.91 22.07
CA THR C 116 -30.06 -20.26 23.23
C THR C 116 -29.78 -21.77 23.28
N GLU C 117 -30.48 -22.58 22.48
CA GLU C 117 -30.25 -24.05 22.37
C GLU C 117 -29.49 -24.39 21.07
N THR C 118 -29.13 -23.38 20.26
CA THR C 118 -28.61 -23.56 18.88
C THR C 118 -27.08 -23.63 18.90
N THR C 119 -26.51 -24.65 18.27
CA THR C 119 -25.06 -24.77 17.99
C THR C 119 -24.84 -24.56 16.48
N ILE C 120 -23.98 -23.59 16.14
CA ILE C 120 -23.55 -23.28 14.75
C ILE C 120 -22.18 -23.93 14.52
N GLY C 121 -22.03 -24.64 13.39
CA GLY C 121 -20.75 -25.19 12.90
C GLY C 121 -20.30 -24.48 11.63
N ILE C 122 -18.99 -24.39 11.41
CA ILE C 122 -18.36 -23.75 10.22
C ILE C 122 -17.24 -24.65 9.70
N VAL C 123 -17.14 -24.79 8.39
CA VAL C 123 -16.02 -25.51 7.72
C VAL C 123 -15.63 -24.74 6.45
N THR C 124 -14.33 -24.57 6.21
CA THR C 124 -13.73 -23.92 5.02
C THR C 124 -12.97 -25.00 4.23
N CYS C 125 -13.23 -25.11 2.92
CA CYS C 125 -12.72 -26.19 2.03
C CYS C 125 -12.09 -25.61 0.77
N GLY C 126 -11.12 -26.32 0.19
CA GLY C 126 -10.48 -25.97 -1.10
C GLY C 126 -9.42 -24.90 -0.95
N GLY C 127 -8.98 -24.34 -2.07
CA GLY C 127 -7.98 -23.25 -2.12
C GLY C 127 -8.45 -22.07 -1.31
N ILE C 128 -7.51 -21.38 -0.66
CA ILE C 128 -7.85 -20.16 0.12
C ILE C 128 -8.18 -19.03 -0.86
N CYS C 129 -8.82 -17.99 -0.33
CA CYS C 129 -9.49 -16.92 -1.09
C CYS C 129 -9.59 -15.73 -0.14
N PRO C 130 -9.30 -14.48 -0.55
CA PRO C 130 -9.35 -13.36 0.38
C PRO C 130 -10.76 -13.23 0.98
N GLY C 131 -10.84 -13.13 2.30
CA GLY C 131 -12.11 -12.91 3.05
C GLY C 131 -12.62 -14.16 3.76
N LEU C 132 -11.91 -15.30 3.69
CA LEU C 132 -12.35 -16.51 4.43
C LEU C 132 -12.49 -16.18 5.92
N ASN C 133 -11.52 -15.45 6.47
CA ASN C 133 -11.51 -15.09 7.92
C ASN C 133 -12.66 -14.12 8.21
N ASP C 134 -12.99 -13.23 7.27
CA ASP C 134 -14.14 -12.28 7.39
C ASP C 134 -15.45 -13.07 7.52
N VAL C 135 -15.62 -14.12 6.70
CA VAL C 135 -16.85 -14.97 6.73
C VAL C 135 -16.91 -15.70 8.08
N ILE C 136 -15.81 -16.31 8.51
CA ILE C 136 -15.74 -17.04 9.82
C ILE C 136 -16.10 -16.05 10.95
N ARG C 137 -15.48 -14.87 10.96
CA ARG C 137 -15.67 -13.86 12.01
C ARG C 137 -17.14 -13.43 12.08
N SER C 138 -17.73 -13.09 10.93
CA SER C 138 -19.08 -12.49 10.85
C SER C 138 -20.17 -13.52 11.15
N ILE C 139 -19.98 -14.78 10.71
CA ILE C 139 -20.90 -15.90 11.08
C ILE C 139 -20.87 -16.02 12.62
N THR C 140 -19.68 -16.05 13.21
CA THR C 140 -19.46 -16.22 14.67
C THR C 140 -20.13 -15.07 15.42
N LEU C 141 -19.85 -13.81 15.06
CA LEU C 141 -20.31 -12.62 15.82
C LEU C 141 -21.81 -12.40 15.62
N THR C 142 -22.38 -12.74 14.46
CA THR C 142 -23.84 -12.65 14.23
C THR C 142 -24.54 -13.68 15.13
N GLY C 143 -24.05 -14.93 15.13
CA GLY C 143 -24.55 -16.01 16.01
C GLY C 143 -24.56 -15.57 17.47
N ILE C 144 -23.42 -15.08 17.96
CA ILE C 144 -23.19 -14.76 19.40
C ILE C 144 -23.88 -13.44 19.76
N ASN C 145 -23.60 -12.35 19.03
CA ASN C 145 -24.01 -10.97 19.42
C ASN C 145 -25.48 -10.71 19.08
N VAL C 146 -26.01 -11.28 18.00
CA VAL C 146 -27.39 -10.95 17.50
C VAL C 146 -28.39 -11.99 17.99
N TYR C 147 -28.07 -13.29 17.88
CA TYR C 147 -28.97 -14.41 18.22
C TYR C 147 -28.61 -15.01 19.58
N ASN C 148 -27.42 -14.71 20.12
CA ASN C 148 -26.98 -15.20 21.45
C ASN C 148 -27.04 -16.74 21.45
N VAL C 149 -26.57 -17.38 20.38
CA VAL C 149 -26.58 -18.86 20.23
C VAL C 149 -25.74 -19.48 21.34
N LYS C 150 -25.98 -20.75 21.65
CA LYS C 150 -25.30 -21.50 22.74
C LYS C 150 -23.79 -21.56 22.45
N ARG C 151 -23.42 -21.86 21.20
CA ARG C 151 -22.05 -22.30 20.87
C ARG C 151 -21.79 -22.21 19.36
N VAL C 152 -20.54 -21.90 18.99
CA VAL C 152 -20.03 -21.87 17.58
C VAL C 152 -18.77 -22.75 17.52
N ILE C 153 -18.76 -23.73 16.62
CA ILE C 153 -17.65 -24.71 16.44
C ILE C 153 -17.02 -24.44 15.07
N GLY C 154 -15.69 -24.37 15.02
CA GLY C 154 -14.90 -24.34 13.78
C GLY C 154 -14.28 -25.70 13.50
N PHE C 155 -14.77 -26.40 12.47
CA PHE C 155 -14.19 -27.68 12.01
C PHE C 155 -12.95 -27.36 11.17
N ARG C 156 -11.89 -28.15 11.35
CA ARG C 156 -10.52 -27.82 10.85
C ARG C 156 -10.23 -28.58 9.55
N PHE C 157 -9.53 -27.91 8.62
CA PHE C 157 -8.95 -28.55 7.41
C PHE C 157 -10.07 -29.18 6.58
N GLY C 158 -11.14 -28.42 6.35
CA GLY C 158 -12.24 -28.82 5.46
C GLY C 158 -13.05 -29.96 6.05
N TYR C 159 -13.60 -30.82 5.18
CA TYR C 159 -14.55 -31.89 5.57
C TYR C 159 -13.83 -32.93 6.45
N TRP C 160 -12.51 -33.08 6.30
CA TRP C 160 -11.64 -33.86 7.21
C TRP C 160 -12.02 -33.56 8.67
N GLY C 161 -12.30 -32.28 8.97
CA GLY C 161 -12.59 -31.80 10.35
C GLY C 161 -13.87 -32.36 10.94
N LEU C 162 -14.78 -32.90 10.12
CA LEU C 162 -16.06 -33.52 10.56
C LEU C 162 -15.97 -35.05 10.56
N SER C 163 -14.86 -35.63 10.07
CA SER C 163 -14.59 -37.09 10.20
C SER C 163 -14.35 -37.44 11.68
N LYS C 164 -14.46 -38.72 12.04
CA LYS C 164 -14.30 -39.22 13.43
C LYS C 164 -12.92 -38.80 13.95
N LYS C 165 -11.86 -39.10 13.19
CA LYS C 165 -10.46 -38.73 13.51
C LYS C 165 -10.34 -37.20 13.64
N GLY C 166 -10.75 -36.46 12.60
CA GLY C 166 -10.54 -35.00 12.46
C GLY C 166 -11.31 -34.18 13.48
N SER C 167 -12.47 -34.67 13.95
CA SER C 167 -13.41 -33.95 14.85
C SER C 167 -12.75 -33.62 16.20
N GLN C 168 -11.70 -34.34 16.58
CA GLN C 168 -10.92 -34.12 17.84
C GLN C 168 -10.31 -32.70 17.81
N THR C 169 -9.96 -32.21 16.60
CA THR C 169 -9.21 -30.93 16.39
C THR C 169 -10.15 -29.72 16.39
N ALA C 170 -11.48 -29.94 16.44
CA ALA C 170 -12.52 -28.89 16.31
C ALA C 170 -12.28 -27.81 17.36
N ILE C 171 -12.45 -26.54 17.00
CA ILE C 171 -12.09 -25.41 17.90
C ILE C 171 -13.37 -24.66 18.31
N GLU C 172 -13.35 -24.10 19.52
CA GLU C 172 -14.40 -23.21 20.07
C GLU C 172 -14.20 -21.81 19.51
N LEU C 173 -15.19 -21.32 18.75
CA LEU C 173 -15.21 -19.94 18.20
C LEU C 173 -16.03 -19.04 19.13
N HIS C 174 -15.33 -18.24 19.93
CA HIS C 174 -15.89 -17.19 20.83
C HIS C 174 -15.39 -15.83 20.32
N ARG C 175 -15.84 -14.73 20.93
CA ARG C 175 -15.52 -13.34 20.52
C ARG C 175 -14.00 -13.14 20.45
N GLY C 176 -13.29 -13.61 21.47
CA GLY C 176 -11.83 -13.47 21.63
C GLY C 176 -11.05 -14.18 20.54
N ARG C 177 -11.56 -15.30 20.01
CA ARG C 177 -10.85 -16.15 19.02
C ARG C 177 -10.94 -15.53 17.61
N VAL C 178 -11.89 -14.62 17.36
CA VAL C 178 -12.15 -14.08 15.99
C VAL C 178 -11.90 -12.55 15.94
N THR C 179 -11.44 -11.92 17.02
CA THR C 179 -11.41 -10.44 17.16
C THR C 179 -10.75 -9.75 15.94
N ASN C 180 -9.55 -10.20 15.52
CA ASN C 180 -8.74 -9.55 14.45
C ASN C 180 -8.43 -10.51 13.30
N ILE C 181 -9.07 -11.66 13.21
CA ILE C 181 -8.66 -12.71 12.23
C ILE C 181 -8.90 -12.22 10.79
N HIS C 182 -9.79 -11.24 10.60
CA HIS C 182 -10.11 -10.67 9.27
C HIS C 182 -8.98 -9.78 8.72
N HIS C 183 -7.96 -9.45 9.53
CA HIS C 183 -6.77 -8.68 9.07
C HIS C 183 -5.75 -9.58 8.36
N TYR C 184 -5.98 -10.90 8.33
CA TYR C 184 -5.01 -11.91 7.81
C TYR C 184 -5.63 -12.72 6.68
N GLY C 185 -4.83 -13.08 5.69
CA GLY C 185 -5.20 -14.03 4.64
C GLY C 185 -5.27 -15.45 5.19
N GLY C 186 -5.75 -16.39 4.37
CA GLY C 186 -5.92 -17.81 4.75
C GLY C 186 -7.18 -18.03 5.55
N THR C 187 -7.21 -19.11 6.32
CA THR C 187 -8.33 -19.49 7.22
C THR C 187 -7.74 -20.02 8.52
N ILE C 188 -8.14 -19.46 9.66
CA ILE C 188 -7.75 -19.95 11.02
C ILE C 188 -8.25 -21.39 11.20
N LEU C 189 -9.30 -21.81 10.49
CA LEU C 189 -9.82 -23.20 10.60
C LEU C 189 -8.90 -24.15 9.83
N GLY C 190 -8.19 -23.64 8.83
CA GLY C 190 -7.49 -24.49 7.85
C GLY C 190 -8.48 -25.06 6.83
N SER C 191 -7.95 -25.57 5.73
CA SER C 191 -8.73 -26.05 4.56
C SER C 191 -8.13 -27.38 4.07
N SER C 192 -8.90 -28.18 3.33
CA SER C 192 -8.44 -29.36 2.56
C SER C 192 -9.36 -29.56 1.36
N ARG C 193 -8.86 -30.26 0.34
CA ARG C 193 -9.66 -30.66 -0.86
C ARG C 193 -10.26 -32.04 -0.62
N GLY C 194 -11.40 -32.33 -1.25
CA GLY C 194 -11.91 -33.70 -1.40
C GLY C 194 -12.79 -34.12 -0.22
N PRO C 195 -13.59 -35.18 -0.41
CA PRO C 195 -14.75 -35.45 0.45
C PRO C 195 -14.43 -36.32 1.67
N GLN C 196 -15.45 -36.50 2.52
CA GLN C 196 -15.48 -37.49 3.62
C GLN C 196 -16.83 -38.21 3.54
N ASP C 197 -16.96 -39.34 4.25
CA ASP C 197 -18.21 -40.13 4.36
C ASP C 197 -19.29 -39.27 4.99
N PRO C 198 -20.41 -38.96 4.29
CA PRO C 198 -21.49 -38.16 4.85
C PRO C 198 -22.07 -38.74 6.15
N LYS C 199 -22.12 -40.07 6.26
CA LYS C 199 -22.62 -40.81 7.46
C LYS C 199 -21.77 -40.42 8.68
N GLU C 200 -20.45 -40.54 8.57
CA GLU C 200 -19.47 -40.12 9.63
C GLU C 200 -19.70 -38.66 10.03
N MET C 201 -19.83 -37.77 9.03
CA MET C 201 -19.93 -36.31 9.24
C MET C 201 -21.21 -35.99 10.03
N VAL C 202 -22.34 -36.60 9.67
CA VAL C 202 -23.64 -36.40 10.38
C VAL C 202 -23.53 -37.03 11.79
N ASP C 203 -22.80 -38.14 11.93
CA ASP C 203 -22.44 -38.71 13.25
C ASP C 203 -21.81 -37.61 14.11
N THR C 204 -20.78 -36.93 13.59
CA THR C 204 -20.06 -35.81 14.28
C THR C 204 -21.06 -34.70 14.64
N LEU C 205 -21.88 -34.27 13.68
CA LEU C 205 -22.83 -33.14 13.86
C LEU C 205 -23.80 -33.48 15.00
N GLU C 206 -24.36 -34.70 15.01
CA GLU C 206 -25.30 -35.19 16.06
C GLU C 206 -24.59 -35.21 17.41
N ARG C 207 -23.38 -35.81 17.46
CA ARG C 207 -22.57 -35.96 18.70
C ARG C 207 -22.33 -34.59 19.34
N LEU C 208 -21.99 -33.57 18.54
CA LEU C 208 -21.63 -32.21 19.06
C LEU C 208 -22.89 -31.33 19.20
N GLY C 209 -24.05 -31.83 18.77
CA GLY C 209 -25.34 -31.11 18.83
C GLY C 209 -25.37 -29.90 17.89
N VAL C 210 -24.74 -30.02 16.72
CA VAL C 210 -24.69 -28.94 15.69
C VAL C 210 -26.05 -28.86 15.01
N ASN C 211 -26.70 -27.69 15.04
CA ASN C 211 -28.04 -27.43 14.46
C ASN C 211 -27.92 -26.77 13.07
N ILE C 212 -26.87 -25.96 12.85
CA ILE C 212 -26.60 -25.29 11.54
C ILE C 212 -25.12 -25.50 11.18
N LEU C 213 -24.85 -26.07 10.00
CA LEU C 213 -23.49 -26.14 9.42
C LEU C 213 -23.39 -25.19 8.22
N PHE C 214 -22.45 -24.24 8.28
CA PHE C 214 -22.08 -23.33 7.15
C PHE C 214 -20.91 -23.95 6.39
N THR C 215 -21.14 -24.24 5.11
CA THR C 215 -20.14 -24.82 4.18
C THR C 215 -19.59 -23.69 3.30
N VAL C 216 -18.35 -23.27 3.59
CA VAL C 216 -17.61 -22.23 2.82
C VAL C 216 -16.67 -22.95 1.85
N GLY C 217 -16.98 -22.91 0.56
CA GLY C 217 -16.20 -23.62 -0.48
C GLY C 217 -16.85 -23.50 -1.84
N GLY C 218 -16.27 -24.16 -2.84
CA GLY C 218 -16.69 -24.10 -4.25
C GLY C 218 -17.76 -25.13 -4.57
N ASP C 219 -17.97 -25.37 -5.87
CA ASP C 219 -19.06 -26.22 -6.42
C ASP C 219 -19.02 -27.60 -5.74
N GLY C 220 -17.84 -28.23 -5.66
CA GLY C 220 -17.64 -29.57 -5.08
C GLY C 220 -18.05 -29.61 -3.61
N THR C 221 -17.73 -28.56 -2.85
CA THR C 221 -18.03 -28.43 -1.40
C THR C 221 -19.55 -28.38 -1.22
N GLN C 222 -20.26 -27.59 -2.03
CA GLN C 222 -21.72 -27.37 -1.87
C GLN C 222 -22.48 -28.62 -2.32
N ARG C 223 -22.00 -29.37 -3.33
CA ARG C 223 -22.57 -30.70 -3.69
C ARG C 223 -22.52 -31.61 -2.47
N GLY C 224 -21.41 -31.56 -1.71
CA GLY C 224 -21.21 -32.30 -0.46
C GLY C 224 -22.18 -31.85 0.62
N ALA C 225 -22.38 -30.53 0.73
CA ALA C 225 -23.33 -29.90 1.68
C ALA C 225 -24.74 -30.49 1.47
N LEU C 226 -25.17 -30.61 0.21
CA LEU C 226 -26.52 -31.12 -0.15
C LEU C 226 -26.63 -32.60 0.27
N VAL C 227 -25.56 -33.37 0.09
CA VAL C 227 -25.49 -34.81 0.50
C VAL C 227 -25.57 -34.91 2.02
N ILE C 228 -24.92 -34.01 2.77
CA ILE C 228 -25.01 -33.95 4.27
C ILE C 228 -26.47 -33.65 4.67
N SER C 229 -27.07 -32.64 4.03
CA SER C 229 -28.46 -32.17 4.26
C SER C 229 -29.44 -33.35 4.20
N GLN C 230 -29.27 -34.19 3.17
CA GLN C 230 -30.19 -35.31 2.82
C GLN C 230 -29.96 -36.48 3.79
N GLU C 231 -28.73 -36.70 4.24
CA GLU C 231 -28.38 -37.74 5.26
C GLU C 231 -29.05 -37.34 6.57
N ALA C 232 -29.05 -36.05 6.92
CA ALA C 232 -29.74 -35.49 8.10
C ALA C 232 -31.25 -35.72 7.98
N LYS C 233 -31.85 -35.32 6.85
CA LYS C 233 -33.31 -35.49 6.58
C LYS C 233 -33.68 -36.97 6.73
N ARG C 234 -32.85 -37.86 6.18
CA ARG C 234 -33.03 -39.35 6.20
C ARG C 234 -33.18 -39.85 7.63
N ARG C 235 -32.35 -39.36 8.56
CA ARG C 235 -32.39 -39.76 10.01
C ARG C 235 -33.39 -38.89 10.79
N GLY C 236 -34.01 -37.90 10.15
CA GLY C 236 -34.94 -36.95 10.78
C GLY C 236 -34.26 -36.10 11.86
N VAL C 237 -33.00 -35.72 11.64
CA VAL C 237 -32.24 -34.80 12.55
C VAL C 237 -32.48 -33.37 12.07
N ASP C 238 -32.70 -32.46 13.04
CA ASP C 238 -33.04 -31.03 12.82
C ASP C 238 -31.76 -30.23 12.55
N ILE C 239 -31.24 -30.29 11.32
CA ILE C 239 -29.97 -29.63 10.89
C ILE C 239 -30.22 -28.84 9.61
N SER C 240 -29.79 -27.58 9.59
CA SER C 240 -29.67 -26.73 8.38
C SER C 240 -28.23 -26.80 7.87
N VAL C 241 -28.06 -27.10 6.57
CA VAL C 241 -26.76 -26.95 5.86
C VAL C 241 -26.91 -25.80 4.87
N PHE C 242 -26.08 -24.76 5.03
CA PHE C 242 -26.17 -23.47 4.33
C PHE C 242 -24.80 -23.08 3.74
N GLY C 243 -24.72 -22.94 2.42
CA GLY C 243 -23.46 -22.65 1.71
C GLY C 243 -23.19 -21.16 1.60
N VAL C 244 -21.95 -20.75 1.90
CA VAL C 244 -21.38 -19.44 1.49
C VAL C 244 -20.41 -19.71 0.34
N PRO C 245 -20.78 -19.39 -0.92
CA PRO C 245 -19.94 -19.72 -2.08
C PRO C 245 -18.54 -19.07 -2.04
N LYS C 246 -17.51 -19.88 -2.24
CA LYS C 246 -16.09 -19.46 -2.31
C LYS C 246 -15.58 -19.76 -3.72
N THR C 247 -15.49 -18.76 -4.57
CA THR C 247 -14.88 -18.85 -5.92
C THR C 247 -14.27 -17.49 -6.27
N ILE C 248 -12.94 -17.43 -6.27
CA ILE C 248 -12.16 -16.21 -6.60
C ILE C 248 -12.48 -15.79 -8.04
N ASP C 249 -12.92 -16.73 -8.88
CA ASP C 249 -13.16 -16.56 -10.34
C ASP C 249 -14.52 -15.92 -10.63
N ASN C 250 -15.41 -15.84 -9.64
CA ASN C 250 -16.72 -15.13 -9.79
C ASN C 250 -17.54 -15.82 -10.89
N ASP C 251 -17.50 -17.15 -10.96
CA ASP C 251 -18.15 -17.93 -12.04
C ASP C 251 -19.33 -18.74 -11.48
N LEU C 252 -19.85 -18.33 -10.32
CA LEU C 252 -21.16 -18.78 -9.78
C LEU C 252 -22.28 -18.14 -10.60
N SER C 253 -23.27 -18.92 -11.00
CA SER C 253 -24.51 -18.45 -11.68
C SER C 253 -25.49 -17.92 -10.64
N PHE C 254 -26.53 -17.23 -11.10
CA PHE C 254 -27.53 -16.53 -10.24
C PHE C 254 -26.78 -15.54 -9.34
N SER C 255 -25.72 -14.93 -9.88
CA SER C 255 -24.70 -14.17 -9.11
C SER C 255 -23.94 -13.20 -10.04
N HIS C 256 -23.71 -11.96 -9.60
CA HIS C 256 -22.83 -11.00 -10.31
C HIS C 256 -21.50 -10.82 -9.56
N ARG C 257 -21.39 -11.29 -8.32
CA ARG C 257 -20.17 -11.03 -7.49
C ARG C 257 -20.08 -12.01 -6.34
N THR C 258 -18.95 -12.72 -6.25
CA THR C 258 -18.58 -13.59 -5.10
C THR C 258 -17.45 -12.91 -4.32
N PHE C 259 -17.32 -13.22 -3.03
CA PHE C 259 -16.37 -12.55 -2.12
C PHE C 259 -14.94 -12.90 -2.56
N GLY C 260 -14.03 -11.92 -2.43
CA GLY C 260 -12.59 -12.08 -2.74
C GLY C 260 -12.25 -11.76 -4.17
N PHE C 261 -13.23 -11.79 -5.07
CA PHE C 261 -13.03 -11.53 -6.52
C PHE C 261 -12.41 -10.14 -6.73
N GLN C 262 -13.00 -9.10 -6.13
CA GLN C 262 -12.53 -7.70 -6.31
C GLN C 262 -11.09 -7.57 -5.79
N THR C 263 -10.78 -8.20 -4.66
CA THR C 263 -9.42 -8.18 -4.07
C THR C 263 -8.45 -8.83 -5.07
N ALA C 264 -8.85 -9.96 -5.65
CA ALA C 264 -8.05 -10.74 -6.62
C ALA C 264 -7.67 -9.84 -7.80
N VAL C 265 -8.63 -9.05 -8.30
CA VAL C 265 -8.39 -8.13 -9.46
C VAL C 265 -7.38 -7.05 -9.04
N GLU C 266 -7.47 -6.50 -7.82
CA GLU C 266 -6.47 -5.51 -7.32
C GLU C 266 -5.08 -6.14 -7.40
N LYS C 267 -4.91 -7.36 -6.89
CA LYS C 267 -3.59 -8.03 -6.81
C LYS C 267 -3.09 -8.38 -8.21
N ALA C 268 -3.99 -8.83 -9.08
CA ALA C 268 -3.68 -9.16 -10.49
C ALA C 268 -3.11 -7.92 -11.17
N VAL C 269 -3.72 -6.75 -10.95
CA VAL C 269 -3.25 -5.50 -11.60
C VAL C 269 -1.85 -5.15 -11.08
N GLN C 270 -1.54 -5.42 -9.81
CA GLN C 270 -0.19 -5.16 -9.24
C GLN C 270 0.82 -6.11 -9.91
N ALA C 271 0.46 -7.37 -10.11
CA ALA C 271 1.32 -8.36 -10.80
C ALA C 271 1.59 -7.89 -12.24
N ILE C 272 0.58 -7.42 -12.95
CA ILE C 272 0.70 -6.91 -14.35
C ILE C 272 1.66 -5.69 -14.39
N ARG C 273 1.55 -4.79 -13.41
CA ARG C 273 2.41 -3.58 -13.32
C ARG C 273 3.89 -3.99 -13.24
N ALA C 274 4.21 -5.01 -12.45
CA ALA C 274 5.57 -5.58 -12.31
C ALA C 274 6.00 -6.25 -13.62
N ALA C 275 5.14 -7.07 -14.24
CA ALA C 275 5.44 -7.78 -15.51
C ALA C 275 5.77 -6.74 -16.59
N TYR C 276 4.98 -5.67 -16.65
CA TYR C 276 5.15 -4.56 -17.63
C TYR C 276 6.51 -3.89 -17.42
N ALA C 277 6.86 -3.55 -16.18
CA ALA C 277 8.15 -2.89 -15.85
C ALA C 277 9.31 -3.77 -16.35
N GLU C 278 9.22 -5.08 -16.14
CA GLU C 278 10.25 -6.07 -16.53
C GLU C 278 10.32 -6.11 -18.07
N ALA C 279 9.19 -6.28 -18.74
CA ALA C 279 9.11 -6.46 -20.21
C ALA C 279 9.61 -5.19 -20.92
N VAL C 280 9.15 -4.01 -20.50
CA VAL C 280 9.48 -2.73 -21.20
C VAL C 280 10.97 -2.41 -21.00
N SER C 281 11.63 -3.02 -20.00
CA SER C 281 13.07 -2.78 -19.70
C SER C 281 13.98 -3.61 -20.63
N ALA C 282 13.43 -4.52 -21.43
CA ALA C 282 14.20 -5.38 -22.36
C ALA C 282 13.87 -5.05 -23.82
N ASN C 283 14.85 -5.21 -24.72
CA ASN C 283 14.65 -5.15 -26.19
C ASN C 283 13.96 -6.46 -26.61
N TYR C 284 12.76 -6.34 -27.19
CA TYR C 284 11.88 -7.50 -27.52
C TYR C 284 11.67 -8.30 -26.23
N GLY C 285 11.16 -7.61 -25.21
CA GLY C 285 10.82 -8.19 -23.90
C GLY C 285 9.39 -8.68 -23.86
N VAL C 286 9.19 -9.88 -23.31
CA VAL C 286 7.84 -10.50 -23.16
C VAL C 286 7.63 -10.87 -21.70
N GLY C 287 6.58 -10.31 -21.10
CA GLY C 287 6.09 -10.69 -19.76
C GLY C 287 4.86 -11.55 -19.91
N VAL C 288 4.94 -12.80 -19.49
CA VAL C 288 3.79 -13.74 -19.42
C VAL C 288 3.35 -13.80 -17.96
N VAL C 289 2.10 -13.46 -17.65
CA VAL C 289 1.56 -13.52 -16.27
C VAL C 289 0.27 -14.36 -16.25
N LYS C 290 0.26 -15.42 -15.44
CA LYS C 290 -0.91 -16.32 -15.21
C LYS C 290 -1.81 -15.69 -14.15
N LEU C 291 -3.11 -15.56 -14.43
CA LEU C 291 -4.08 -14.85 -13.55
C LEU C 291 -5.31 -15.72 -13.27
N MET C 292 -5.16 -16.73 -12.41
CA MET C 292 -6.27 -17.62 -11.97
C MET C 292 -7.06 -18.06 -13.21
N GLY C 293 -8.40 -18.11 -13.15
CA GLY C 293 -9.28 -18.46 -14.29
C GLY C 293 -9.23 -19.93 -14.67
N ARG C 294 -9.72 -20.81 -13.79
CA ARG C 294 -9.76 -22.28 -14.01
C ARG C 294 -10.68 -22.61 -15.19
N ASP C 295 -11.91 -22.09 -15.20
CA ASP C 295 -12.94 -22.42 -16.23
C ASP C 295 -13.50 -21.15 -16.88
N SER C 296 -13.06 -19.97 -16.44
CA SER C 296 -13.55 -18.65 -16.95
C SER C 296 -12.45 -17.60 -16.78
N GLY C 297 -12.62 -16.45 -17.42
CA GLY C 297 -11.55 -15.43 -17.52
C GLY C 297 -11.95 -14.08 -16.96
N PHE C 298 -12.79 -14.04 -15.92
CA PHE C 298 -13.28 -12.74 -15.36
C PHE C 298 -12.09 -11.98 -14.74
N ILE C 299 -11.21 -12.64 -13.99
CA ILE C 299 -10.04 -11.97 -13.36
C ILE C 299 -9.13 -11.44 -14.46
N ALA C 300 -8.78 -12.29 -15.43
CA ALA C 300 -7.86 -11.95 -16.55
C ALA C 300 -8.44 -10.75 -17.32
N ALA C 301 -9.73 -10.78 -17.66
CA ALA C 301 -10.39 -9.74 -18.48
C ALA C 301 -10.44 -8.41 -17.72
N GLN C 302 -10.89 -8.42 -16.46
CA GLN C 302 -11.03 -7.17 -15.64
C GLN C 302 -9.63 -6.59 -15.37
N ALA C 303 -8.64 -7.43 -15.05
CA ALA C 303 -7.25 -7.01 -14.79
C ALA C 303 -6.66 -6.37 -16.06
N ALA C 304 -6.88 -7.00 -17.23
CA ALA C 304 -6.39 -6.50 -18.53
C ALA C 304 -6.92 -5.09 -18.78
N VAL C 305 -8.21 -4.87 -18.53
CA VAL C 305 -8.86 -3.55 -18.79
C VAL C 305 -8.41 -2.56 -17.71
N ALA C 306 -8.45 -2.95 -16.44
CA ALA C 306 -8.07 -2.06 -15.32
C ALA C 306 -6.62 -1.58 -15.51
N SER C 307 -5.69 -2.48 -15.83
CA SER C 307 -4.25 -2.19 -15.95
C SER C 307 -3.94 -1.37 -17.22
N ALA C 308 -4.66 -1.64 -18.32
CA ALA C 308 -4.43 -1.07 -19.67
C ALA C 308 -3.01 -1.36 -20.15
N GLN C 309 -2.40 -2.48 -19.73
CA GLN C 309 -0.98 -2.79 -20.02
C GLN C 309 -0.83 -4.17 -20.66
N ALA C 310 -1.92 -4.93 -20.85
CA ALA C 310 -1.90 -6.26 -21.51
C ALA C 310 -2.08 -6.06 -23.01
N ASN C 311 -1.24 -6.71 -23.82
CA ASN C 311 -1.33 -6.66 -25.31
C ASN C 311 -2.03 -7.90 -25.84
N ILE C 312 -2.03 -8.98 -25.06
CA ILE C 312 -2.70 -10.28 -25.36
C ILE C 312 -3.34 -10.77 -24.06
N CYS C 313 -4.60 -11.21 -24.14
CA CYS C 313 -5.39 -11.74 -23.01
C CYS C 313 -5.99 -13.09 -23.41
N LEU C 314 -5.49 -14.17 -22.83
CA LEU C 314 -5.82 -15.57 -23.20
C LEU C 314 -6.73 -16.19 -22.13
N VAL C 315 -7.96 -16.53 -22.52
CA VAL C 315 -9.03 -17.00 -21.57
C VAL C 315 -9.64 -18.29 -22.11
N PRO C 316 -10.14 -19.17 -21.20
CA PRO C 316 -10.74 -20.43 -21.58
C PRO C 316 -11.91 -20.31 -22.57
N GLU C 317 -12.66 -19.21 -22.50
CA GLU C 317 -13.85 -18.96 -23.34
C GLU C 317 -13.44 -18.77 -24.81
N ASN C 318 -12.16 -18.46 -25.08
CA ASN C 318 -11.70 -18.07 -26.44
C ASN C 318 -10.46 -18.87 -26.83
N PRO C 319 -10.58 -20.21 -27.01
CA PRO C 319 -9.42 -21.04 -27.30
C PRO C 319 -8.88 -20.62 -28.69
N ILE C 320 -7.61 -20.26 -28.75
CA ILE C 320 -6.89 -20.02 -30.03
C ILE C 320 -5.61 -20.86 -30.01
N SER C 321 -5.02 -21.08 -31.20
CA SER C 321 -3.86 -21.97 -31.39
C SER C 321 -2.59 -21.24 -30.97
N GLU C 322 -1.55 -22.02 -30.66
CA GLU C 322 -0.14 -21.57 -30.51
C GLU C 322 0.23 -20.63 -31.66
N GLN C 323 -0.19 -20.93 -32.89
CA GLN C 323 0.20 -20.17 -34.11
C GLN C 323 -0.43 -18.79 -34.07
N GLU C 324 -1.71 -18.68 -33.67
CA GLU C 324 -2.44 -17.38 -33.59
C GLU C 324 -1.78 -16.52 -32.51
N VAL C 325 -1.45 -17.11 -31.36
CA VAL C 325 -0.74 -16.40 -30.25
C VAL C 325 0.55 -15.80 -30.80
N MET C 326 1.40 -16.59 -31.46
CA MET C 326 2.71 -16.11 -31.99
C MET C 326 2.48 -15.03 -33.05
N SER C 327 1.38 -15.11 -33.80
CA SER C 327 1.01 -14.10 -34.83
C SER C 327 0.68 -12.77 -34.16
N LEU C 328 -0.01 -12.81 -33.02
CA LEU C 328 -0.34 -11.59 -32.23
C LEU C 328 0.95 -10.97 -31.68
N LEU C 329 1.86 -11.79 -31.15
CA LEU C 329 3.17 -11.32 -30.63
C LEU C 329 3.96 -10.65 -31.76
N GLU C 330 4.01 -11.33 -32.92
CA GLU C 330 4.71 -10.88 -34.16
C GLU C 330 4.20 -9.48 -34.53
N ARG C 331 2.88 -9.28 -34.52
CA ARG C 331 2.23 -7.98 -34.86
C ARG C 331 2.62 -6.92 -33.83
N ARG C 332 2.61 -7.27 -32.54
CA ARG C 332 2.98 -6.34 -31.44
C ARG C 332 4.41 -5.84 -31.68
N PHE C 333 5.33 -6.75 -32.02
CA PHE C 333 6.78 -6.46 -32.22
C PHE C 333 7.03 -5.69 -33.52
N CYS C 334 6.04 -5.55 -34.41
CA CYS C 334 6.15 -4.68 -35.62
C CYS C 334 6.40 -3.22 -35.20
N HIS C 335 5.71 -2.73 -34.17
CA HIS C 335 5.69 -1.30 -33.77
C HIS C 335 6.12 -1.06 -32.30
N SER C 336 6.36 -2.11 -31.51
CA SER C 336 6.77 -2.03 -30.08
C SER C 336 7.96 -2.94 -29.82
N ARG C 337 8.67 -2.68 -28.71
CA ARG C 337 9.85 -3.49 -28.26
C ARG C 337 9.48 -4.34 -27.04
N SER C 338 8.22 -4.37 -26.63
CA SER C 338 7.75 -5.18 -25.49
C SER C 338 6.31 -5.67 -25.71
N CYS C 339 5.95 -6.75 -25.02
CA CYS C 339 4.60 -7.36 -25.06
C CYS C 339 4.30 -7.98 -23.70
N VAL C 340 3.09 -7.74 -23.18
CA VAL C 340 2.59 -8.38 -21.93
C VAL C 340 1.45 -9.32 -22.32
N ILE C 341 1.55 -10.58 -21.88
CA ILE C 341 0.56 -11.65 -22.18
C ILE C 341 -0.06 -12.10 -20.86
N ILE C 342 -1.37 -11.87 -20.69
CA ILE C 342 -2.18 -12.43 -19.57
C ILE C 342 -2.68 -13.80 -20.03
N VAL C 343 -2.60 -14.82 -19.17
CA VAL C 343 -3.10 -16.17 -19.49
C VAL C 343 -3.83 -16.74 -18.27
N ALA C 344 -5.08 -17.15 -18.46
CA ALA C 344 -5.87 -17.87 -17.44
C ALA C 344 -5.34 -19.30 -17.35
N GLU C 345 -5.39 -19.92 -16.16
CA GLU C 345 -4.80 -21.27 -15.94
C GLU C 345 -5.58 -22.31 -16.75
N GLY C 346 -6.84 -22.03 -17.08
CA GLY C 346 -7.72 -22.91 -17.88
C GLY C 346 -7.59 -22.70 -19.39
N PHE C 347 -6.76 -21.76 -19.85
CA PHE C 347 -6.49 -21.58 -21.30
C PHE C 347 -5.61 -22.73 -21.81
N GLY C 348 -5.80 -23.10 -23.08
CA GLY C 348 -4.92 -24.00 -23.86
C GLY C 348 -4.71 -25.35 -23.22
N GLN C 349 -5.78 -26.00 -22.74
CA GLN C 349 -5.69 -27.35 -22.12
C GLN C 349 -5.52 -28.41 -23.22
N ASP C 350 -5.70 -28.02 -24.49
CA ASP C 350 -5.43 -28.87 -25.69
C ASP C 350 -4.04 -28.54 -26.27
N TRP C 351 -3.16 -27.86 -25.51
CA TRP C 351 -1.78 -27.51 -25.95
C TRP C 351 -0.77 -28.57 -25.47
N GLY C 352 -1.14 -29.38 -24.47
CA GLY C 352 -0.30 -30.48 -23.94
C GLY C 352 -0.71 -31.81 -24.51
N ARG C 353 0.07 -32.84 -24.19
CA ARG C 353 -0.18 -34.26 -24.62
C ARG C 353 -1.62 -34.64 -24.29
N LEU C 366 -4.61 -30.04 -14.35
CA LEU C 366 -4.34 -29.12 -15.49
C LEU C 366 -2.87 -29.25 -15.90
N ILE C 367 -2.57 -29.16 -17.20
CA ILE C 367 -1.21 -28.81 -17.69
C ILE C 367 -0.90 -27.39 -17.20
N ASP C 368 0.37 -27.09 -16.91
CA ASP C 368 0.81 -25.74 -16.46
C ASP C 368 1.01 -24.83 -17.70
N ILE C 369 -0.07 -24.20 -18.15
CA ILE C 369 -0.11 -23.38 -19.40
C ILE C 369 0.85 -22.20 -19.28
N GLY C 370 1.06 -21.66 -18.08
CA GLY C 370 2.02 -20.57 -17.85
C GLY C 370 3.41 -20.94 -18.30
N VAL C 371 3.90 -22.11 -17.88
CA VAL C 371 5.26 -22.62 -18.19
C VAL C 371 5.33 -22.98 -19.68
N ILE C 372 4.35 -23.73 -20.17
CA ILE C 372 4.27 -24.22 -21.59
C ILE C 372 4.23 -23.03 -22.54
N LEU C 373 3.41 -22.00 -22.26
CA LEU C 373 3.30 -20.79 -23.10
C LEU C 373 4.66 -20.08 -23.12
N THR C 374 5.26 -19.84 -21.95
CA THR C 374 6.59 -19.18 -21.82
C THR C 374 7.61 -19.93 -22.69
N GLU C 375 7.67 -21.26 -22.58
CA GLU C 375 8.60 -22.15 -23.35
C GLU C 375 8.36 -21.98 -24.85
N LYS C 376 7.10 -21.96 -25.28
CA LYS C 376 6.73 -21.88 -26.72
C LYS C 376 7.08 -20.49 -27.28
N VAL C 377 6.88 -19.43 -26.49
CA VAL C 377 7.25 -18.04 -26.90
C VAL C 377 8.77 -17.97 -27.08
N LYS C 378 9.54 -18.58 -26.19
CA LYS C 378 11.03 -18.62 -26.28
C LYS C 378 11.46 -19.35 -27.57
N ALA C 379 10.88 -20.53 -27.83
CA ALA C 379 11.16 -21.36 -29.03
C ALA C 379 10.88 -20.54 -30.29
N PHE C 380 9.74 -19.84 -30.34
CA PHE C 380 9.34 -18.97 -31.47
C PHE C 380 10.38 -17.87 -31.68
N LEU C 381 10.77 -17.17 -30.61
CA LEU C 381 11.73 -16.04 -30.70
C LEU C 381 13.12 -16.55 -31.09
N LYS C 382 13.53 -17.72 -30.59
CA LYS C 382 14.83 -18.36 -30.92
C LYS C 382 14.87 -18.72 -32.41
N ALA C 383 13.82 -19.35 -32.92
CA ALA C 383 13.66 -19.75 -34.35
C ALA C 383 13.65 -18.52 -35.25
N ASN C 384 13.41 -17.32 -34.71
CA ASN C 384 13.31 -16.04 -35.45
C ASN C 384 14.34 -15.03 -34.93
N LYS C 385 15.47 -15.51 -34.39
CA LYS C 385 16.57 -14.68 -33.84
C LYS C 385 17.03 -13.68 -34.91
N SER C 386 16.90 -14.05 -36.19
CA SER C 386 17.08 -13.14 -37.36
C SER C 386 16.39 -11.80 -37.11
N ARG C 387 15.08 -11.81 -36.83
CA ARG C 387 14.23 -10.59 -36.76
C ARG C 387 14.17 -10.03 -35.32
N TYR C 388 14.44 -10.87 -34.32
CA TYR C 388 14.36 -10.52 -32.87
C TYR C 388 15.71 -10.84 -32.23
N PRO C 389 16.77 -10.08 -32.61
CA PRO C 389 18.15 -10.53 -32.48
C PRO C 389 18.54 -10.89 -31.04
N ASP C 390 18.17 -10.03 -30.11
CA ASP C 390 18.13 -10.32 -28.67
C ASP C 390 16.65 -10.26 -28.25
N SER C 391 16.23 -11.12 -27.32
CA SER C 391 14.85 -11.17 -26.79
C SER C 391 14.89 -11.73 -25.37
N THR C 392 13.92 -11.35 -24.52
CA THR C 392 13.82 -11.81 -23.12
C THR C 392 12.36 -12.17 -22.82
N VAL C 393 12.14 -13.38 -22.31
CA VAL C 393 10.80 -13.86 -21.89
C VAL C 393 10.85 -14.18 -20.40
N LYS C 394 10.03 -13.47 -19.62
CA LYS C 394 9.88 -13.62 -18.16
C LYS C 394 8.47 -14.17 -17.87
N TYR C 395 8.40 -15.21 -17.04
CA TYR C 395 7.14 -15.80 -16.53
C TYR C 395 6.91 -15.31 -15.11
N ILE C 396 5.69 -14.89 -14.79
CA ILE C 396 5.25 -14.42 -13.45
C ILE C 396 4.02 -15.24 -13.04
N ASP C 397 4.13 -15.98 -11.94
CA ASP C 397 2.98 -16.67 -11.30
C ASP C 397 2.69 -15.98 -9.98
N PRO C 398 1.75 -15.01 -9.95
CA PRO C 398 1.39 -14.29 -8.73
C PRO C 398 0.23 -14.95 -7.96
N SER C 399 -0.09 -16.21 -8.27
CA SER C 399 -1.25 -16.95 -7.69
C SER C 399 -1.22 -16.85 -6.15
N TYR C 400 -0.06 -17.13 -5.56
CA TYR C 400 0.20 -17.07 -4.10
C TYR C 400 -0.31 -15.74 -3.53
N MET C 401 0.08 -14.63 -4.15
CA MET C 401 -0.17 -13.26 -3.64
C MET C 401 -1.63 -12.88 -3.92
N ILE C 402 -2.23 -13.42 -4.98
CA ILE C 402 -3.65 -13.10 -5.33
C ILE C 402 -4.60 -13.74 -4.31
N ARG C 403 -4.36 -14.97 -3.88
CA ARG C 403 -5.35 -15.74 -3.06
C ARG C 403 -5.13 -15.53 -1.55
N ALA C 404 -3.92 -15.19 -1.13
CA ALA C 404 -3.45 -15.38 0.27
C ALA C 404 -3.43 -14.07 1.06
N CYS C 405 -3.98 -12.98 0.53
CA CYS C 405 -4.02 -11.67 1.20
C CYS C 405 -5.33 -11.48 1.96
N PRO C 406 -5.38 -10.53 2.91
CA PRO C 406 -6.66 -10.07 3.46
C PRO C 406 -7.46 -9.36 2.37
N PRO C 407 -8.79 -9.22 2.52
CA PRO C 407 -9.61 -8.54 1.53
C PRO C 407 -9.41 -7.01 1.53
N SER C 408 -9.70 -6.36 0.41
CA SER C 408 -9.99 -4.91 0.32
C SER C 408 -11.09 -4.58 1.32
N ALA C 409 -11.23 -3.31 1.72
CA ALA C 409 -12.32 -2.82 2.57
C ALA C 409 -13.69 -3.16 1.93
N ASN C 410 -13.81 -3.04 0.61
CA ASN C 410 -15.09 -3.31 -0.09
C ASN C 410 -15.42 -4.81 -0.01
N ASP C 411 -14.42 -5.71 -0.07
CA ASP C 411 -14.64 -7.17 0.10
C ASP C 411 -14.93 -7.49 1.57
N ALA C 412 -14.30 -6.79 2.53
CA ALA C 412 -14.54 -6.98 3.99
C ALA C 412 -16.03 -6.72 4.29
N LEU C 413 -16.58 -5.63 3.75
CA LEU C 413 -18.00 -5.24 3.93
C LEU C 413 -18.92 -6.31 3.31
N PHE C 414 -18.64 -6.70 2.07
CA PHE C 414 -19.37 -7.76 1.31
C PHE C 414 -19.37 -9.07 2.09
N CYS C 415 -18.19 -9.56 2.50
CA CYS C 415 -18.04 -10.80 3.32
C CYS C 415 -18.93 -10.71 4.56
N ALA C 416 -18.89 -9.59 5.29
CA ALA C 416 -19.64 -9.41 6.55
C ALA C 416 -21.15 -9.49 6.26
N THR C 417 -21.60 -8.93 5.14
CA THR C 417 -23.03 -8.83 4.76
C THR C 417 -23.54 -10.20 4.31
N LEU C 418 -22.80 -10.90 3.46
CA LEU C 418 -23.09 -12.31 3.05
C LEU C 418 -23.27 -13.17 4.30
N ALA C 419 -22.30 -13.11 5.22
CA ALA C 419 -22.23 -13.97 6.42
C ALA C 419 -23.40 -13.68 7.36
N THR C 420 -23.70 -12.40 7.60
CA THR C 420 -24.77 -11.99 8.57
C THR C 420 -26.12 -12.46 8.03
N LEU C 421 -26.40 -12.25 6.74
CA LEU C 421 -27.66 -12.69 6.08
C LEU C 421 -27.74 -14.22 6.05
N ALA C 422 -26.61 -14.92 5.91
CA ALA C 422 -26.57 -16.39 5.91
C ALA C 422 -27.03 -16.90 7.28
N VAL C 423 -26.61 -16.24 8.35
CA VAL C 423 -27.02 -16.60 9.74
C VAL C 423 -28.52 -16.29 9.90
N HIS C 424 -28.98 -15.11 9.51
CA HIS C 424 -30.41 -14.70 9.61
C HIS C 424 -31.28 -15.78 8.97
N GLU C 425 -30.91 -16.24 7.77
CA GLU C 425 -31.77 -17.12 6.93
C GLU C 425 -31.70 -18.57 7.44
N ALA C 426 -30.53 -19.05 7.86
CA ALA C 426 -30.36 -20.39 8.47
C ALA C 426 -31.14 -20.48 9.79
N MET C 427 -31.08 -19.44 10.63
CA MET C 427 -31.87 -19.38 11.90
C MET C 427 -33.38 -19.47 11.55
N ALA C 428 -33.78 -18.90 10.41
CA ALA C 428 -35.16 -18.96 9.88
C ALA C 428 -35.39 -20.25 9.08
N GLY C 429 -34.50 -21.24 9.22
CA GLY C 429 -34.74 -22.63 8.75
C GLY C 429 -34.43 -22.86 7.28
N ALA C 430 -33.78 -21.92 6.60
CA ALA C 430 -33.26 -22.12 5.21
C ALA C 430 -32.20 -23.22 5.26
N THR C 431 -32.21 -24.12 4.27
CA THR C 431 -31.27 -25.28 4.18
C THR C 431 -31.17 -25.74 2.73
N GLY C 432 -30.04 -26.35 2.37
CA GLY C 432 -29.78 -26.89 1.02
C GLY C 432 -29.62 -25.80 -0.02
N CYS C 433 -29.24 -24.59 0.42
CA CYS C 433 -29.14 -23.36 -0.42
C CYS C 433 -27.83 -22.61 -0.13
N ILE C 434 -27.53 -21.66 -1.03
CA ILE C 434 -26.40 -20.69 -0.92
C ILE C 434 -26.99 -19.28 -0.84
N ILE C 435 -26.20 -18.35 -0.31
CA ILE C 435 -26.47 -16.90 -0.42
C ILE C 435 -25.62 -16.36 -1.58
N ALA C 436 -26.23 -15.54 -2.44
CA ALA C 436 -25.60 -14.92 -3.61
C ALA C 436 -26.02 -13.45 -3.68
N MET C 437 -25.28 -12.67 -4.46
CA MET C 437 -25.57 -11.24 -4.72
C MET C 437 -25.80 -11.08 -6.23
N ARG C 438 -26.92 -10.47 -6.58
CA ARG C 438 -27.43 -10.34 -7.96
C ARG C 438 -28.16 -9.00 -8.07
N HIS C 439 -27.93 -8.20 -9.11
CA HIS C 439 -28.66 -6.94 -9.35
C HIS C 439 -28.70 -6.12 -8.05
N ASN C 440 -27.56 -6.02 -7.37
CA ASN C 440 -27.38 -5.17 -6.16
C ASN C 440 -28.18 -5.71 -4.97
N ASN C 441 -28.66 -6.97 -5.00
CA ASN C 441 -29.50 -7.54 -3.92
C ASN C 441 -28.97 -8.92 -3.50
N TYR C 442 -29.22 -9.29 -2.25
CA TYR C 442 -28.87 -10.61 -1.68
C TYR C 442 -30.05 -11.57 -1.86
N ILE C 443 -29.76 -12.74 -2.42
CA ILE C 443 -30.78 -13.78 -2.75
C ILE C 443 -30.33 -15.13 -2.18
N LEU C 444 -31.28 -16.05 -2.04
CA LEU C 444 -31.04 -17.48 -1.71
C LEU C 444 -31.27 -18.30 -2.98
N VAL C 445 -30.37 -19.23 -3.27
CA VAL C 445 -30.45 -20.16 -4.44
C VAL C 445 -30.24 -21.58 -3.94
N PRO C 446 -31.13 -22.54 -4.29
CA PRO C 446 -30.90 -23.95 -3.97
C PRO C 446 -29.56 -24.43 -4.57
N ILE C 447 -28.83 -25.25 -3.81
CA ILE C 447 -27.51 -25.79 -4.23
C ILE C 447 -27.67 -26.57 -5.55
N LYS C 448 -28.75 -27.36 -5.68
CA LYS C 448 -28.95 -28.25 -6.85
C LYS C 448 -28.84 -27.41 -8.14
N VAL C 449 -29.60 -26.32 -8.25
CA VAL C 449 -29.59 -25.48 -9.49
C VAL C 449 -28.27 -24.71 -9.59
N ALA C 450 -27.71 -24.22 -8.46
CA ALA C 450 -26.46 -23.44 -8.42
C ALA C 450 -25.27 -24.26 -8.94
N THR C 451 -25.26 -25.58 -8.72
CA THR C 451 -24.14 -26.48 -9.10
C THR C 451 -24.37 -27.13 -10.47
N SER C 452 -25.45 -26.76 -11.17
CA SER C 452 -25.88 -27.40 -12.46
C SER C 452 -25.45 -26.53 -13.64
N VAL C 453 -25.10 -25.29 -13.37
CA VAL C 453 -24.74 -24.28 -14.40
C VAL C 453 -23.58 -23.46 -13.85
N ARG C 454 -22.77 -22.91 -14.73
CA ARG C 454 -21.65 -22.02 -14.35
C ARG C 454 -21.65 -20.82 -15.30
N ARG C 455 -20.90 -19.79 -14.91
CA ARG C 455 -20.86 -18.47 -15.57
C ARG C 455 -19.54 -18.38 -16.34
N VAL C 456 -19.57 -17.75 -17.52
CA VAL C 456 -18.40 -17.64 -18.41
C VAL C 456 -18.49 -16.27 -19.10
N LEU C 457 -17.38 -15.74 -19.62
CA LEU C 457 -17.37 -14.45 -20.36
C LEU C 457 -18.29 -14.57 -21.58
N ASP C 458 -19.08 -13.54 -21.84
CA ASP C 458 -19.77 -13.32 -23.13
C ASP C 458 -18.79 -12.58 -24.05
N LEU C 459 -18.27 -13.23 -25.08
CA LEU C 459 -17.27 -12.62 -26.01
C LEU C 459 -17.91 -11.50 -26.84
N ARG C 460 -19.24 -11.31 -26.77
CA ARG C 460 -19.95 -10.20 -27.47
C ARG C 460 -20.30 -9.06 -26.50
N GLY C 461 -20.01 -9.22 -25.19
CA GLY C 461 -20.35 -8.25 -24.13
C GLY C 461 -19.38 -7.08 -24.05
N GLN C 462 -19.66 -6.11 -23.17
CA GLN C 462 -18.92 -4.81 -23.11
C GLN C 462 -17.52 -5.03 -22.50
N LEU C 463 -17.38 -5.93 -21.51
CA LEU C 463 -16.06 -6.17 -20.86
C LEU C 463 -15.08 -6.69 -21.93
N TRP C 464 -15.46 -7.73 -22.67
CA TRP C 464 -14.59 -8.38 -23.69
C TRP C 464 -14.30 -7.38 -24.83
N ARG C 465 -15.26 -6.52 -25.17
CA ARG C 465 -15.07 -5.44 -26.17
C ARG C 465 -13.93 -4.54 -25.69
N GLN C 466 -13.91 -4.16 -24.41
CA GLN C 466 -12.84 -3.28 -23.85
C GLN C 466 -11.50 -4.03 -23.91
N VAL C 467 -11.49 -5.33 -23.68
CA VAL C 467 -10.24 -6.15 -23.80
C VAL C 467 -9.76 -6.08 -25.26
N ARG C 468 -10.66 -6.21 -26.23
CA ARG C 468 -10.31 -6.21 -27.68
C ARG C 468 -9.82 -4.83 -28.12
N GLU C 469 -10.35 -3.74 -27.54
CA GLU C 469 -9.92 -2.35 -27.85
C GLU C 469 -8.44 -2.14 -27.49
N ILE C 470 -7.95 -2.76 -26.40
CA ILE C 470 -6.55 -2.50 -25.90
C ILE C 470 -5.60 -3.57 -26.44
N THR C 471 -6.06 -4.80 -26.69
CA THR C 471 -5.17 -5.93 -27.09
C THR C 471 -4.89 -5.86 -28.60
N VAL C 472 -3.80 -6.50 -29.03
CA VAL C 472 -3.35 -6.56 -30.45
C VAL C 472 -4.50 -7.15 -31.27
N ASP C 473 -4.73 -6.57 -32.45
CA ASP C 473 -5.80 -6.95 -33.41
C ASP C 473 -5.12 -7.03 -34.77
N LEU C 474 -5.12 -8.19 -35.43
CA LEU C 474 -4.53 -8.38 -36.78
C LEU C 474 -5.32 -7.56 -37.82
N GLY C 475 -6.60 -7.28 -37.53
CA GLY C 475 -7.53 -6.57 -38.44
C GLY C 475 -7.18 -5.11 -38.65
N SER C 476 -6.48 -4.48 -37.71
CA SER C 476 -6.24 -3.02 -37.66
C SER C 476 -5.15 -2.65 -38.67
N ASP C 477 -5.25 -1.44 -39.24
CA ASP C 477 -4.16 -0.84 -40.04
C ASP C 477 -3.28 -0.06 -39.04
N VAL C 478 -2.32 -0.72 -38.39
CA VAL C 478 -1.41 -0.13 -37.36
C VAL C 478 -0.76 1.12 -37.97
N ARG C 479 -0.17 0.97 -39.15
CA ARG C 479 0.66 1.97 -39.87
C ARG C 479 -0.21 3.17 -40.28
N LEU C 480 -1.43 2.96 -40.77
CA LEU C 480 -2.44 4.03 -40.98
C LEU C 480 -2.72 4.75 -39.66
N ALA C 481 -3.21 4.03 -38.63
CA ALA C 481 -3.57 4.61 -37.31
C ALA C 481 -2.45 5.53 -36.81
N ARG C 482 -1.20 5.12 -37.01
CA ARG C 482 0.03 5.88 -36.63
C ARG C 482 0.04 7.25 -37.31
N LYS C 483 -0.33 7.35 -38.59
CA LYS C 483 -0.35 8.63 -39.34
C LYS C 483 -1.33 9.60 -38.67
N LEU C 484 -2.53 9.15 -38.26
CA LEU C 484 -3.52 10.02 -37.55
C LEU C 484 -2.95 10.43 -36.18
N GLU C 485 -2.33 9.47 -35.47
CA GLU C 485 -1.62 9.72 -34.18
C GLU C 485 -0.67 10.89 -34.36
N ILE C 486 0.21 10.84 -35.38
CA ILE C 486 1.29 11.85 -35.59
C ILE C 486 0.67 13.22 -35.89
N ARG C 487 -0.43 13.27 -36.66
CA ARG C 487 -1.12 14.55 -36.99
C ARG C 487 -1.59 15.20 -35.67
N ARG C 488 -2.30 14.44 -34.84
CA ARG C 488 -2.80 14.91 -33.51
C ARG C 488 -1.62 15.45 -32.68
N GLU C 489 -0.51 14.70 -32.60
CA GLU C 489 0.71 15.11 -31.83
C GLU C 489 1.26 16.43 -32.38
N LEU C 490 1.43 16.52 -33.70
CA LEU C 490 1.99 17.71 -34.40
C LEU C 490 1.13 18.93 -34.07
N GLU C 491 -0.20 18.78 -34.15
CA GLU C 491 -1.19 19.83 -33.78
C GLU C 491 -0.87 20.35 -32.37
N ALA C 492 -0.70 19.44 -31.41
CA ALA C 492 -0.45 19.74 -29.97
C ALA C 492 0.90 20.47 -29.82
N ILE C 493 1.99 19.95 -30.38
CA ILE C 493 3.35 20.52 -30.16
C ILE C 493 3.46 21.86 -30.90
N ASN C 494 2.70 22.04 -31.99
CA ASN C 494 2.63 23.32 -32.76
C ASN C 494 2.02 24.41 -31.86
N ARG C 495 0.93 24.08 -31.15
CA ARG C 495 0.23 24.99 -30.21
C ARG C 495 1.21 25.40 -29.09
N ASN C 496 1.87 24.43 -28.45
CA ASN C 496 2.87 24.66 -27.36
C ASN C 496 3.98 25.56 -27.87
N ARG C 497 4.53 25.23 -29.05
CA ARG C 497 5.60 26.00 -29.75
C ARG C 497 5.17 27.47 -29.87
N ASP C 498 3.91 27.73 -30.24
CA ASP C 498 3.37 29.10 -30.44
C ASP C 498 3.30 29.82 -29.08
N ARG C 499 2.58 29.26 -28.10
CA ARG C 499 2.38 29.84 -26.75
C ARG C 499 3.74 30.17 -26.14
N LEU C 500 4.71 29.26 -26.27
CA LEU C 500 6.10 29.47 -25.76
C LEU C 500 6.70 30.71 -26.45
N HIS C 501 6.66 30.76 -27.80
CA HIS C 501 7.20 31.89 -28.61
C HIS C 501 6.53 33.20 -28.16
N GLU C 502 5.21 33.19 -27.95
CA GLU C 502 4.42 34.33 -27.41
C GLU C 502 5.03 34.81 -26.09
N GLU C 503 5.23 33.89 -25.15
CA GLU C 503 5.55 34.20 -23.72
C GLU C 503 6.81 35.06 -23.61
N LEU C 504 7.75 34.96 -24.56
CA LEU C 504 8.98 35.84 -24.60
C LEU C 504 8.56 37.22 -25.10
N ALA C 505 8.73 38.26 -24.27
CA ALA C 505 8.21 39.64 -24.46
C ALA C 505 6.72 39.67 -24.06
N ALA D 39 -48.71 14.51 3.99
CA ALA D 39 -47.48 13.87 3.46
C ALA D 39 -47.16 14.42 2.06
N MET D 40 -45.97 14.10 1.54
CA MET D 40 -45.40 14.64 0.28
C MET D 40 -44.61 13.54 -0.44
N LEU D 41 -45.05 13.11 -1.61
CA LEU D 41 -44.37 12.06 -2.44
C LEU D 41 -43.73 12.74 -3.64
N ASN D 42 -42.60 12.19 -4.10
CA ASN D 42 -41.97 12.57 -5.40
C ASN D 42 -42.89 12.12 -6.53
N SER D 43 -42.98 12.89 -7.61
CA SER D 43 -43.63 12.50 -8.87
C SER D 43 -42.53 12.38 -9.92
N VAL D 44 -42.13 11.16 -10.26
CA VAL D 44 -41.28 10.81 -11.44
C VAL D 44 -42.17 10.04 -12.41
N THR D 45 -42.26 10.46 -13.66
CA THR D 45 -43.06 9.81 -14.74
C THR D 45 -42.11 9.27 -15.81
N GLN D 46 -42.61 8.45 -16.73
CA GLN D 46 -41.79 7.87 -17.84
C GLN D 46 -41.23 9.04 -18.67
N GLU D 47 -42.03 10.10 -18.85
CA GLU D 47 -41.63 11.33 -19.59
C GLU D 47 -40.35 11.91 -18.98
N ASP D 48 -40.24 11.93 -17.64
CA ASP D 48 -39.06 12.47 -16.91
C ASP D 48 -37.81 11.65 -17.25
N LEU D 49 -37.94 10.39 -17.65
CA LEU D 49 -36.82 9.46 -17.92
C LEU D 49 -36.49 9.41 -19.42
N LYS D 50 -37.24 10.09 -20.29
CA LYS D 50 -37.00 10.07 -21.75
C LYS D 50 -35.76 10.92 -22.05
N VAL D 51 -34.70 10.34 -22.61
CA VAL D 51 -33.43 11.10 -22.83
C VAL D 51 -33.49 11.73 -24.23
N ASP D 52 -33.23 13.05 -24.28
CA ASP D 52 -33.13 13.88 -25.51
C ASP D 52 -32.11 13.28 -26.48
N ARG D 53 -32.47 13.24 -27.77
CA ARG D 53 -31.56 12.92 -28.90
C ARG D 53 -31.51 14.13 -29.85
N LEU D 54 -30.33 14.57 -30.24
CA LEU D 54 -30.15 15.52 -31.37
C LEU D 54 -30.75 14.87 -32.62
N PRO D 55 -31.45 15.65 -33.48
CA PRO D 55 -32.18 15.09 -34.63
C PRO D 55 -31.25 14.46 -35.69
N GLY D 56 -31.54 13.21 -36.08
CA GLY D 56 -30.84 12.49 -37.16
C GLY D 56 -29.72 11.61 -36.63
N ALA D 57 -29.62 10.39 -37.16
CA ALA D 57 -28.47 9.47 -37.01
C ALA D 57 -28.07 8.99 -38.42
N ASP D 58 -27.34 9.84 -39.15
CA ASP D 58 -27.12 9.71 -40.62
C ASP D 58 -25.84 8.92 -40.93
N TYR D 59 -25.05 8.53 -39.92
CA TYR D 59 -23.71 7.91 -40.16
C TYR D 59 -23.62 6.52 -39.51
N PRO D 60 -22.91 5.58 -40.18
CA PRO D 60 -22.67 4.25 -39.61
C PRO D 60 -21.62 4.36 -38.49
N ASN D 61 -21.69 3.47 -37.50
CA ASN D 61 -20.72 3.41 -36.38
C ASN D 61 -19.46 2.71 -36.87
N PRO D 62 -18.29 3.39 -36.86
CA PRO D 62 -17.04 2.79 -37.35
C PRO D 62 -16.47 1.66 -36.48
N SER D 63 -16.93 1.50 -35.22
CA SER D 63 -16.49 0.38 -34.33
C SER D 63 -16.90 -0.94 -35.00
N LYS D 64 -16.21 -2.05 -34.69
CA LYS D 64 -16.41 -3.36 -35.37
C LYS D 64 -16.51 -4.49 -34.32
N LYS D 65 -16.60 -5.75 -34.77
CA LYS D 65 -16.68 -6.96 -33.93
C LYS D 65 -15.30 -7.31 -33.37
N PHE D 72 -23.75 -1.56 -32.53
CA PHE D 72 -24.36 -2.87 -32.19
C PHE D 72 -25.90 -2.77 -32.17
N ARG D 73 -26.46 -1.89 -31.33
CA ARG D 73 -27.92 -1.80 -31.05
C ARG D 73 -28.61 -0.93 -32.09
N ASP D 74 -29.70 -1.43 -32.69
CA ASP D 74 -30.47 -0.76 -33.78
C ASP D 74 -31.63 0.06 -33.21
N LYS D 75 -32.07 -0.20 -31.97
CA LYS D 75 -33.16 0.55 -31.27
C LYS D 75 -32.83 0.65 -29.77
N THR D 76 -33.50 1.57 -29.06
CA THR D 76 -33.32 1.81 -27.60
C THR D 76 -33.93 0.68 -26.76
N ASP D 77 -33.10 0.05 -25.91
CA ASP D 77 -33.46 -1.04 -24.98
C ASP D 77 -33.60 -0.46 -23.57
N TYR D 78 -34.38 -1.11 -22.71
CA TYR D 78 -34.78 -0.60 -21.37
C TYR D 78 -34.52 -1.65 -20.29
N ILE D 79 -34.34 -1.16 -19.07
CA ILE D 79 -34.33 -1.99 -17.82
C ILE D 79 -35.39 -1.39 -16.88
N MET D 80 -36.02 -2.24 -16.07
CA MET D 80 -37.01 -1.80 -15.06
C MET D 80 -36.31 -1.01 -13.97
N TYR D 81 -36.89 0.14 -13.59
CA TYR D 81 -36.46 0.95 -12.42
C TYR D 81 -36.52 0.06 -11.16
N ASN D 82 -37.58 -0.72 -11.02
CA ASN D 82 -37.79 -1.59 -9.84
C ASN D 82 -38.05 -3.02 -10.31
N PRO D 83 -37.07 -3.94 -10.14
CA PRO D 83 -37.22 -5.32 -10.58
C PRO D 83 -37.94 -6.26 -9.60
N ARG D 84 -38.77 -5.71 -8.71
CA ARG D 84 -39.56 -6.50 -7.73
C ARG D 84 -40.95 -6.71 -8.31
N PRO D 85 -41.54 -7.92 -8.15
CA PRO D 85 -42.83 -8.25 -8.76
C PRO D 85 -44.01 -7.68 -7.97
N ARG D 86 -45.16 -7.50 -8.64
CA ARG D 86 -46.44 -7.06 -8.01
C ARG D 86 -47.09 -8.24 -7.26
N ASP D 87 -47.02 -9.44 -7.84
CA ASP D 87 -47.77 -10.65 -7.36
C ASP D 87 -46.82 -11.78 -6.99
N GLU D 88 -47.34 -12.79 -6.28
CA GLU D 88 -46.68 -14.10 -6.04
C GLU D 88 -46.24 -14.72 -7.36
N PRO D 89 -45.30 -15.69 -7.34
CA PRO D 89 -45.04 -16.54 -8.51
C PRO D 89 -46.34 -17.18 -9.04
N SER D 90 -46.54 -17.15 -10.37
CA SER D 90 -47.74 -17.69 -11.07
C SER D 90 -47.33 -18.22 -12.45
N SER D 91 -48.29 -18.72 -13.22
CA SER D 91 -48.10 -19.27 -14.59
C SER D 91 -47.63 -18.18 -15.57
N GLU D 92 -47.89 -16.90 -15.27
CA GLU D 92 -47.49 -15.75 -16.14
C GLU D 92 -46.21 -15.10 -15.60
N ASN D 93 -45.42 -14.51 -16.50
CA ASN D 93 -44.17 -13.76 -16.19
C ASN D 93 -44.50 -12.63 -15.21
N PRO D 94 -43.61 -12.35 -14.23
CA PRO D 94 -43.87 -11.31 -13.23
C PRO D 94 -43.87 -9.88 -13.79
N VAL D 95 -44.64 -9.01 -13.13
CA VAL D 95 -44.91 -7.60 -13.54
C VAL D 95 -44.26 -6.68 -12.49
N SER D 96 -43.58 -5.63 -12.93
CA SER D 96 -42.89 -4.67 -12.03
C SER D 96 -43.91 -3.96 -11.14
N VAL D 97 -43.52 -3.71 -9.88
CA VAL D 97 -44.26 -2.85 -8.91
C VAL D 97 -44.30 -1.42 -9.45
N SER D 98 -43.31 -0.98 -10.24
CA SER D 98 -43.22 0.38 -10.80
C SER D 98 -43.49 0.38 -12.30
N PRO D 99 -44.07 1.46 -12.85
CA PRO D 99 -44.24 1.58 -14.30
C PRO D 99 -42.99 2.10 -15.03
N LEU D 100 -41.95 2.48 -14.28
CA LEU D 100 -40.79 3.23 -14.83
C LEU D 100 -39.78 2.29 -15.49
N LEU D 101 -39.31 2.70 -16.67
CA LEU D 101 -38.25 2.05 -17.46
C LEU D 101 -37.11 3.04 -17.70
N CYS D 102 -35.86 2.60 -17.49
CA CYS D 102 -34.63 3.40 -17.74
C CYS D 102 -33.99 2.91 -19.04
N GLU D 103 -33.55 3.85 -19.89
CA GLU D 103 -32.86 3.56 -21.16
C GLU D 103 -31.45 3.04 -20.84
N LEU D 104 -31.08 1.87 -21.39
CA LEU D 104 -29.73 1.26 -21.23
C LEU D 104 -28.76 1.97 -22.17
N ALA D 105 -27.53 2.22 -21.68
CA ALA D 105 -26.42 2.82 -22.46
C ALA D 105 -25.73 1.72 -23.26
N ALA D 106 -25.39 1.99 -24.53
CA ALA D 106 -24.73 1.01 -25.43
C ALA D 106 -24.24 1.70 -26.71
N ALA D 107 -23.20 1.12 -27.32
CA ALA D 107 -22.74 1.44 -28.69
C ALA D 107 -23.91 1.22 -29.67
N ARG D 108 -24.23 2.23 -30.49
CA ARG D 108 -25.36 2.17 -31.45
C ARG D 108 -24.80 1.94 -32.86
N SER D 109 -25.57 1.32 -33.75
CA SER D 109 -25.17 1.02 -35.15
C SER D 109 -25.21 2.31 -35.98
N ARG D 110 -26.08 3.26 -35.62
CA ARG D 110 -26.23 4.57 -36.31
C ARG D 110 -25.85 5.68 -35.33
N ILE D 111 -25.06 6.67 -35.77
CA ILE D 111 -24.61 7.79 -34.90
C ILE D 111 -24.99 9.13 -35.54
N HIS D 112 -25.09 10.18 -34.73
CA HIS D 112 -25.59 11.53 -35.12
C HIS D 112 -24.44 12.37 -35.69
N PHE D 113 -23.28 12.32 -35.05
CA PHE D 113 -22.06 13.09 -35.41
C PHE D 113 -21.24 12.28 -36.42
N ASN D 114 -20.76 12.98 -37.45
CA ASN D 114 -19.82 12.43 -38.46
C ASN D 114 -18.44 12.35 -37.81
N PRO D 115 -17.93 11.13 -37.48
CA PRO D 115 -16.76 11.00 -36.62
C PRO D 115 -15.58 11.93 -36.93
N THR D 116 -15.11 11.97 -38.18
CA THR D 116 -13.86 12.67 -38.58
C THR D 116 -14.07 14.19 -38.62
N GLU D 117 -15.30 14.69 -38.49
CA GLU D 117 -15.61 16.15 -38.40
C GLU D 117 -15.92 16.55 -36.94
N THR D 118 -15.87 15.61 -35.99
CA THR D 118 -16.36 15.79 -34.60
C THR D 118 -15.22 16.28 -33.69
N THR D 119 -15.47 17.36 -32.95
CA THR D 119 -14.59 17.84 -31.86
C THR D 119 -15.28 17.54 -30.52
N ILE D 120 -14.56 16.81 -29.63
CA ILE D 120 -15.00 16.51 -28.24
C ILE D 120 -14.29 17.49 -27.31
N GLY D 121 -15.06 18.09 -26.39
CA GLY D 121 -14.55 18.91 -25.28
C GLY D 121 -14.79 18.24 -23.94
N ILE D 122 -13.92 18.50 -22.96
CA ILE D 122 -14.00 17.92 -21.58
C ILE D 122 -13.72 19.03 -20.56
N VAL D 123 -14.50 19.04 -19.48
CA VAL D 123 -14.27 19.98 -18.35
C VAL D 123 -14.55 19.23 -17.03
N THR D 124 -13.68 19.42 -16.04
CA THR D 124 -13.80 18.85 -14.66
C THR D 124 -14.01 20.02 -13.70
N CYS D 125 -15.04 19.94 -12.84
CA CYS D 125 -15.52 21.04 -11.98
C CYS D 125 -15.69 20.55 -10.54
N GLY D 126 -15.56 21.45 -9.56
CA GLY D 126 -15.79 21.18 -8.14
C GLY D 126 -14.62 20.49 -7.47
N GLY D 127 -14.83 19.98 -6.26
CA GLY D 127 -13.80 19.23 -5.50
C GLY D 127 -13.31 18.05 -6.29
N ILE D 128 -12.02 17.72 -6.17
CA ILE D 128 -11.45 16.51 -6.83
C ILE D 128 -11.98 15.26 -6.13
N CYS D 129 -11.86 14.15 -6.82
CA CYS D 129 -12.50 12.86 -6.52
C CYS D 129 -11.66 11.80 -7.21
N PRO D 130 -11.33 10.65 -6.58
CA PRO D 130 -10.46 9.67 -7.23
C PRO D 130 -11.10 9.20 -8.55
N GLY D 131 -10.32 9.22 -9.65
CA GLY D 131 -10.74 8.72 -10.96
C GLY D 131 -11.05 9.82 -11.97
N LEU D 132 -10.90 11.09 -11.62
CA LEU D 132 -11.10 12.20 -12.59
C LEU D 132 -10.22 11.97 -13.82
N ASN D 133 -8.94 11.62 -13.60
CA ASN D 133 -7.96 11.43 -14.70
C ASN D 133 -8.36 10.20 -15.53
N ASP D 134 -8.93 9.16 -14.89
CA ASP D 134 -9.43 7.95 -15.58
C ASP D 134 -10.55 8.33 -16.56
N VAL D 135 -11.46 9.21 -16.15
CA VAL D 135 -12.59 9.66 -17.01
C VAL D 135 -12.02 10.49 -18.17
N ILE D 136 -11.10 11.42 -17.90
CA ILE D 136 -10.46 12.25 -18.96
C ILE D 136 -9.76 11.33 -19.98
N ARG D 137 -8.98 10.37 -19.48
CA ARG D 137 -8.19 9.43 -20.32
C ARG D 137 -9.13 8.63 -21.23
N SER D 138 -10.17 8.03 -20.65
CA SER D 138 -11.06 7.06 -21.35
C SER D 138 -11.96 7.77 -22.35
N ILE D 139 -12.44 8.98 -22.03
CA ILE D 139 -13.19 9.84 -23.01
C ILE D 139 -12.28 10.10 -24.20
N THR D 140 -11.04 10.52 -23.94
CA THR D 140 -10.02 10.87 -24.97
C THR D 140 -9.74 9.64 -25.85
N LEU D 141 -9.41 8.50 -25.26
CA LEU D 141 -8.97 7.29 -26.02
C LEU D 141 -10.14 6.66 -26.77
N THR D 142 -11.37 6.71 -26.24
CA THR D 142 -12.57 6.21 -26.95
C THR D 142 -12.82 7.08 -28.19
N GLY D 143 -12.79 8.41 -28.02
CA GLY D 143 -12.94 9.40 -29.11
C GLY D 143 -11.94 9.13 -30.22
N ILE D 144 -10.66 9.01 -29.87
CA ILE D 144 -9.53 8.89 -30.83
C ILE D 144 -9.46 7.46 -31.40
N ASN D 145 -9.39 6.43 -30.54
CA ASN D 145 -9.08 5.04 -30.96
C ASN D 145 -10.31 4.34 -31.56
N VAL D 146 -11.52 4.65 -31.09
CA VAL D 146 -12.76 3.91 -31.51
C VAL D 146 -13.47 4.69 -32.63
N TYR D 147 -13.66 5.99 -32.47
CA TYR D 147 -14.44 6.85 -33.40
C TYR D 147 -13.50 7.67 -34.30
N ASN D 148 -12.22 7.77 -33.97
CA ASN D 148 -11.22 8.51 -34.80
C ASN D 148 -11.70 9.94 -34.99
N VAL D 149 -12.18 10.59 -33.92
CA VAL D 149 -12.70 11.99 -33.97
C VAL D 149 -11.58 12.92 -34.41
N LYS D 150 -11.93 14.10 -34.92
CA LYS D 150 -10.97 15.10 -35.45
C LYS D 150 -10.04 15.57 -34.32
N ARG D 151 -10.60 15.83 -33.14
CA ARG D 151 -9.89 16.62 -32.10
C ARG D 151 -10.59 16.46 -30.74
N VAL D 152 -9.78 16.46 -29.66
CA VAL D 152 -10.24 16.42 -28.23
C VAL D 152 -9.59 17.58 -27.50
N ILE D 153 -10.40 18.43 -26.88
CA ILE D 153 -9.96 19.66 -26.15
C ILE D 153 -10.25 19.45 -24.65
N GLY D 154 -9.26 19.73 -23.80
CA GLY D 154 -9.42 19.79 -22.34
C GLY D 154 -9.50 21.23 -21.89
N PHE D 155 -10.68 21.66 -21.42
CA PHE D 155 -10.90 23.00 -20.81
C PHE D 155 -10.38 22.95 -19.38
N ARG D 156 -9.70 24.02 -18.94
CA ARG D 156 -8.90 24.02 -17.69
C ARG D 156 -9.69 24.70 -16.57
N PHE D 157 -9.57 24.18 -15.34
CA PHE D 157 -10.06 24.83 -14.10
C PHE D 157 -11.57 25.04 -14.20
N GLY D 158 -12.28 23.99 -14.60
CA GLY D 158 -13.76 23.97 -14.62
C GLY D 158 -14.32 24.90 -15.68
N TYR D 159 -15.49 25.48 -15.41
CA TYR D 159 -16.25 26.31 -16.37
C TYR D 159 -15.45 27.59 -16.70
N TRP D 160 -14.60 28.05 -15.79
CA TRP D 160 -13.61 29.15 -16.04
C TRP D 160 -12.91 28.90 -17.38
N GLY D 161 -12.59 27.64 -17.69
CA GLY D 161 -11.83 27.23 -18.89
C GLY D 161 -12.56 27.47 -20.19
N LEU D 162 -13.89 27.66 -20.14
CA LEU D 162 -14.74 27.96 -21.32
C LEU D 162 -15.06 29.46 -21.41
N SER D 163 -14.71 30.27 -20.40
CA SER D 163 -14.84 31.76 -20.44
C SER D 163 -13.85 32.31 -21.48
N LYS D 164 -14.06 33.56 -21.93
CA LYS D 164 -13.22 34.24 -22.96
C LYS D 164 -11.76 34.24 -22.48
N LYS D 165 -11.51 34.72 -21.24
CA LYS D 165 -10.18 34.76 -20.59
C LYS D 165 -9.60 33.34 -20.52
N GLY D 166 -10.35 32.41 -19.90
CA GLY D 166 -9.88 31.06 -19.56
C GLY D 166 -9.62 30.17 -20.77
N SER D 167 -10.31 30.40 -21.88
CA SER D 167 -10.27 29.55 -23.10
C SER D 167 -8.87 29.54 -23.74
N GLN D 168 -8.03 30.55 -23.44
CA GLN D 168 -6.64 30.63 -23.95
C GLN D 168 -5.83 29.45 -23.42
N THR D 169 -6.17 28.93 -22.23
CA THR D 169 -5.43 27.88 -21.48
C THR D 169 -5.80 26.48 -21.97
N ALA D 170 -6.81 26.35 -22.84
CA ALA D 170 -7.37 25.05 -23.30
C ALA D 170 -6.25 24.19 -23.90
N ILE D 171 -6.24 22.89 -23.61
CA ILE D 171 -5.12 21.99 -23.99
C ILE D 171 -5.60 20.95 -25.00
N GLU D 172 -4.69 20.52 -25.88
CA GLU D 172 -4.92 19.47 -26.90
C GLU D 172 -4.72 18.11 -26.24
N LEU D 173 -5.78 17.29 -26.18
CA LEU D 173 -5.74 15.93 -25.61
C LEU D 173 -5.56 14.91 -26.74
N HIS D 174 -4.34 14.38 -26.86
CA HIS D 174 -3.94 13.28 -27.77
C HIS D 174 -3.53 12.07 -26.90
N ARG D 175 -3.24 10.93 -27.53
CA ARG D 175 -2.87 9.66 -26.86
C ARG D 175 -1.70 9.88 -25.90
N GLY D 176 -0.67 10.61 -26.35
CA GLY D 176 0.57 10.89 -25.60
C GLY D 176 0.32 11.71 -24.35
N ARG D 177 -0.67 12.61 -24.36
CA ARG D 177 -0.95 13.56 -23.23
C ARG D 177 -1.69 12.82 -22.10
N VAL D 178 -2.33 11.68 -22.35
CA VAL D 178 -3.20 10.98 -21.34
C VAL D 178 -2.65 9.59 -20.99
N THR D 179 -1.48 9.19 -21.51
CA THR D 179 -0.98 7.78 -21.43
C THR D 179 -1.06 7.22 -19.99
N ASN D 180 -0.55 7.94 -18.99
CA ASN D 180 -0.40 7.46 -17.58
C ASN D 180 -1.12 8.39 -16.58
N ILE D 181 -1.95 9.32 -17.03
CA ILE D 181 -2.54 10.35 -16.10
C ILE D 181 -3.45 9.67 -15.06
N HIS D 182 -3.95 8.47 -15.35
CA HIS D 182 -4.86 7.71 -14.44
C HIS D 182 -4.11 7.17 -13.22
N HIS D 183 -2.77 7.21 -13.20
CA HIS D 183 -1.96 6.74 -12.04
C HIS D 183 -1.89 7.82 -10.94
N TYR D 184 -2.45 9.01 -11.18
CA TYR D 184 -2.33 10.19 -10.27
C TYR D 184 -3.71 10.67 -9.85
N GLY D 185 -3.81 11.14 -8.60
CA GLY D 185 -5.01 11.84 -8.11
C GLY D 185 -5.12 13.23 -8.70
N GLY D 186 -6.24 13.90 -8.48
CA GLY D 186 -6.54 15.24 -9.02
C GLY D 186 -7.00 15.16 -10.47
N THR D 187 -6.83 16.25 -11.21
CA THR D 187 -7.22 16.38 -12.64
C THR D 187 -6.12 17.17 -13.36
N ILE D 188 -5.58 16.63 -14.45
CA ILE D 188 -4.59 17.33 -15.32
C ILE D 188 -5.24 18.57 -15.91
N LEU D 189 -6.57 18.62 -16.03
CA LEU D 189 -7.27 19.80 -16.60
C LEU D 189 -7.31 20.89 -15.52
N GLY D 190 -7.27 20.51 -14.25
CA GLY D 190 -7.61 21.42 -13.13
C GLY D 190 -9.10 21.58 -13.00
N SER D 191 -9.55 22.11 -11.86
CA SER D 191 -10.98 22.24 -11.47
C SER D 191 -11.19 23.63 -10.85
N SER D 192 -12.44 24.11 -10.83
CA SER D 192 -12.89 25.30 -10.06
C SER D 192 -14.37 25.12 -9.70
N ARG D 193 -14.81 25.83 -8.66
CA ARG D 193 -16.23 25.86 -8.21
C ARG D 193 -16.97 26.98 -8.94
N GLY D 194 -18.26 26.77 -9.17
CA GLY D 194 -19.21 27.86 -9.50
C GLY D 194 -19.26 28.15 -10.99
N PRO D 195 -20.22 29.01 -11.41
CA PRO D 195 -20.59 29.11 -12.82
C PRO D 195 -19.78 30.16 -13.60
N GLN D 196 -20.05 30.20 -14.91
CA GLN D 196 -19.62 31.28 -15.83
C GLN D 196 -20.82 31.68 -16.67
N ASP D 197 -20.72 32.80 -17.40
CA ASP D 197 -21.74 33.31 -18.34
C ASP D 197 -21.96 32.26 -19.45
N PRO D 198 -23.17 31.68 -19.56
CA PRO D 198 -23.45 30.66 -20.58
C PRO D 198 -23.19 31.17 -22.01
N LYS D 199 -23.45 32.46 -22.26
CA LYS D 199 -23.26 33.13 -23.57
C LYS D 199 -21.78 33.02 -23.97
N GLU D 200 -20.87 33.45 -23.08
CA GLU D 200 -19.39 33.37 -23.25
C GLU D 200 -18.99 31.92 -23.58
N MET D 201 -19.49 30.96 -22.79
CA MET D 201 -19.08 29.54 -22.88
C MET D 201 -19.47 28.98 -24.25
N VAL D 202 -20.70 29.26 -24.71
CA VAL D 202 -21.19 28.78 -26.04
C VAL D 202 -20.40 29.52 -27.15
N ASP D 203 -20.03 30.79 -26.92
CA ASP D 203 -19.10 31.54 -27.80
C ASP D 203 -17.84 30.69 -28.00
N THR D 204 -17.21 30.25 -26.89
CA THR D 204 -15.97 29.43 -26.89
C THR D 204 -16.22 28.13 -27.68
N LEU D 205 -17.31 27.42 -27.36
CA LEU D 205 -17.62 26.10 -27.99
C LEU D 205 -17.75 26.27 -29.51
N GLU D 206 -18.48 27.30 -29.96
CA GLU D 206 -18.69 27.61 -31.41
C GLU D 206 -17.34 27.94 -32.06
N ARG D 207 -16.56 28.83 -31.44
CA ARG D 207 -15.23 29.30 -31.93
C ARG D 207 -14.31 28.09 -32.16
N LEU D 208 -14.28 27.13 -31.24
CA LEU D 208 -13.35 25.96 -31.30
C LEU D 208 -13.99 24.80 -32.08
N GLY D 209 -15.25 24.94 -32.50
CA GLY D 209 -16.00 23.92 -33.26
C GLY D 209 -16.28 22.68 -32.43
N VAL D 210 -16.55 22.85 -31.14
CA VAL D 210 -16.85 21.71 -30.20
C VAL D 210 -18.26 21.19 -30.47
N ASN D 211 -18.38 19.90 -30.78
CA ASN D 211 -19.68 19.23 -31.13
C ASN D 211 -20.25 18.49 -29.90
N ILE D 212 -19.39 17.99 -29.01
CA ILE D 212 -19.79 17.29 -27.74
C ILE D 212 -18.96 17.85 -26.58
N LEU D 213 -19.63 18.35 -25.55
CA LEU D 213 -18.98 18.75 -24.27
C LEU D 213 -19.38 17.74 -23.18
N PHE D 214 -18.38 17.09 -22.57
CA PHE D 214 -18.53 16.21 -21.39
C PHE D 214 -18.29 17.02 -20.12
N THR D 215 -19.33 17.12 -19.28
CA THR D 215 -19.33 17.87 -18.00
C THR D 215 -19.15 16.85 -16.86
N VAL D 216 -17.94 16.81 -16.29
CA VAL D 216 -17.57 15.94 -15.14
C VAL D 216 -17.66 16.80 -13.87
N GLY D 217 -18.67 16.55 -13.05
CA GLY D 217 -18.92 17.32 -11.82
C GLY D 217 -20.21 16.90 -11.14
N GLY D 218 -20.57 17.60 -10.07
CA GLY D 218 -21.73 17.31 -9.22
C GLY D 218 -23.01 17.92 -9.75
N ASP D 219 -24.05 17.94 -8.90
CA ASP D 219 -25.42 18.43 -9.21
C ASP D 219 -25.32 19.83 -9.83
N GLY D 220 -24.57 20.74 -9.21
CA GLY D 220 -24.40 22.14 -9.67
C GLY D 220 -23.83 22.23 -11.07
N THR D 221 -22.85 21.38 -11.38
CA THR D 221 -22.16 21.33 -12.69
C THR D 221 -23.16 20.89 -13.77
N GLN D 222 -23.98 19.87 -13.49
CA GLN D 222 -24.91 19.30 -14.49
C GLN D 222 -26.09 20.26 -14.72
N ARG D 223 -26.53 21.00 -13.70
CA ARG D 223 -27.54 22.09 -13.86
C ARG D 223 -26.98 23.12 -14.86
N GLY D 224 -25.67 23.42 -14.75
CA GLY D 224 -24.95 24.33 -15.67
C GLY D 224 -24.87 23.75 -17.08
N ALA D 225 -24.65 22.44 -17.20
CA ALA D 225 -24.61 21.69 -18.46
C ALA D 225 -25.93 21.91 -19.22
N LEU D 226 -27.06 21.82 -18.52
CA LEU D 226 -28.43 21.98 -19.09
C LEU D 226 -28.59 23.43 -19.60
N VAL D 227 -28.07 24.41 -18.85
CA VAL D 227 -28.12 25.85 -19.23
C VAL D 227 -27.27 26.07 -20.49
N ILE D 228 -26.11 25.41 -20.61
CA ILE D 228 -25.26 25.47 -21.84
C ILE D 228 -26.05 24.88 -23.02
N SER D 229 -26.64 23.70 -22.82
CA SER D 229 -27.43 22.94 -23.82
C SER D 229 -28.50 23.85 -24.44
N GLN D 230 -29.20 24.63 -23.60
CA GLN D 230 -30.37 25.46 -23.98
C GLN D 230 -29.89 26.73 -24.69
N GLU D 231 -28.74 27.27 -24.31
CA GLU D 231 -28.12 28.44 -25.00
C GLU D 231 -27.71 28.02 -26.42
N ALA D 232 -27.19 26.79 -26.57
CA ALA D 232 -26.86 26.17 -27.87
C ALA D 232 -28.14 26.01 -28.72
N LYS D 233 -29.19 25.41 -28.15
CA LYS D 233 -30.50 25.19 -28.82
C LYS D 233 -31.04 26.55 -29.31
N ARG D 234 -30.94 27.57 -28.45
CA ARG D 234 -31.41 28.97 -28.71
C ARG D 234 -30.78 29.50 -30.01
N ARG D 235 -29.47 29.29 -30.21
CA ARG D 235 -28.73 29.75 -31.43
C ARG D 235 -28.80 28.70 -32.55
N GLY D 236 -29.44 27.55 -32.31
CA GLY D 236 -29.55 26.43 -33.26
C GLY D 236 -28.20 25.82 -33.60
N VAL D 237 -27.25 25.76 -32.66
CA VAL D 237 -25.92 25.14 -32.90
C VAL D 237 -25.99 23.67 -32.45
N ASP D 238 -25.38 22.77 -33.24
CA ASP D 238 -25.39 21.29 -33.10
C ASP D 238 -24.37 20.86 -32.04
N ILE D 239 -24.76 20.92 -30.75
CA ILE D 239 -23.88 20.50 -29.61
C ILE D 239 -24.64 19.50 -28.71
N SER D 240 -23.97 18.40 -28.34
CA SER D 240 -24.38 17.48 -27.25
C SER D 240 -23.66 17.89 -25.97
N VAL D 241 -24.39 18.08 -24.88
CA VAL D 241 -23.82 18.25 -23.51
C VAL D 241 -24.20 17.00 -22.71
N PHE D 242 -23.19 16.28 -22.22
CA PHE D 242 -23.33 14.92 -21.63
C PHE D 242 -22.55 14.85 -20.32
N GLY D 243 -23.24 14.60 -19.21
CA GLY D 243 -22.66 14.59 -17.85
C GLY D 243 -22.10 13.24 -17.46
N VAL D 244 -20.89 13.22 -16.89
CA VAL D 244 -20.37 12.09 -16.08
C VAL D 244 -20.44 12.51 -14.62
N PRO D 245 -21.39 11.98 -13.81
CA PRO D 245 -21.57 12.39 -12.42
C PRO D 245 -20.32 12.18 -11.55
N LYS D 246 -19.92 13.24 -10.84
CA LYS D 246 -18.81 13.23 -9.86
C LYS D 246 -19.39 13.52 -8.48
N THR D 247 -19.56 12.49 -7.65
CA THR D 247 -19.94 12.63 -6.23
C THR D 247 -19.32 11.47 -5.45
N ILE D 248 -18.33 11.82 -4.61
CA ILE D 248 -17.60 10.87 -3.74
C ILE D 248 -18.60 10.24 -2.75
N ASP D 249 -19.72 10.94 -2.47
CA ASP D 249 -20.73 10.55 -1.45
C ASP D 249 -21.73 9.51 -1.99
N ASN D 250 -21.75 9.25 -3.29
CA ASN D 250 -22.60 8.18 -3.89
C ASN D 250 -24.08 8.47 -3.62
N ASP D 251 -24.49 9.74 -3.69
CA ASP D 251 -25.86 10.18 -3.32
C ASP D 251 -26.60 10.66 -4.57
N LEU D 252 -26.18 10.23 -5.75
CA LEU D 252 -26.94 10.33 -7.02
C LEU D 252 -28.08 9.30 -6.98
N SER D 253 -29.29 9.72 -7.35
CA SER D 253 -30.47 8.84 -7.51
C SER D 253 -30.41 8.17 -8.88
N PHE D 254 -31.27 7.17 -9.11
CA PHE D 254 -31.28 6.32 -10.31
C PHE D 254 -29.89 5.68 -10.45
N SER D 255 -29.28 5.33 -9.32
CA SER D 255 -27.83 4.98 -9.22
C SER D 255 -27.56 4.19 -7.93
N HIS D 256 -26.76 3.13 -8.01
CA HIS D 256 -26.26 2.39 -6.82
C HIS D 256 -24.78 2.70 -6.56
N ARG D 257 -24.07 3.29 -7.53
CA ARG D 257 -22.59 3.48 -7.39
C ARG D 257 -22.10 4.56 -8.33
N THR D 258 -21.40 5.57 -7.79
CA THR D 258 -20.68 6.63 -8.54
C THR D 258 -19.17 6.36 -8.40
N PHE D 259 -18.38 6.83 -9.37
CA PHE D 259 -16.93 6.55 -9.45
C PHE D 259 -16.24 7.26 -8.27
N GLY D 260 -15.21 6.61 -7.71
CA GLY D 260 -14.37 7.14 -6.62
C GLY D 260 -14.91 6.82 -5.25
N PHE D 261 -16.20 6.50 -5.13
CA PHE D 261 -16.85 6.17 -3.83
C PHE D 261 -16.13 4.99 -3.16
N GLN D 262 -15.89 3.89 -3.87
CA GLN D 262 -15.26 2.67 -3.28
C GLN D 262 -13.84 3.02 -2.82
N THR D 263 -13.09 3.82 -3.58
CA THR D 263 -11.74 4.27 -3.20
C THR D 263 -11.84 5.07 -1.90
N ALA D 264 -12.82 5.97 -1.80
CA ALA D 264 -13.03 6.85 -0.62
C ALA D 264 -13.22 5.99 0.62
N VAL D 265 -14.00 4.91 0.52
CA VAL D 265 -14.26 3.99 1.66
C VAL D 265 -12.96 3.29 2.06
N GLU D 266 -12.11 2.87 1.11
CA GLU D 266 -10.78 2.27 1.42
C GLU D 266 -10.00 3.26 2.28
N LYS D 267 -9.92 4.52 1.85
CA LYS D 267 -9.09 5.54 2.53
C LYS D 267 -9.69 5.88 3.90
N ALA D 268 -11.02 5.95 3.99
CA ALA D 268 -11.73 6.22 5.25
C ALA D 268 -11.37 5.12 6.26
N VAL D 269 -11.34 3.86 5.83
CA VAL D 269 -11.01 2.72 6.74
C VAL D 269 -9.56 2.85 7.22
N GLN D 270 -8.65 3.33 6.38
CA GLN D 270 -7.22 3.55 6.79
C GLN D 270 -7.17 4.67 7.83
N ALA D 271 -7.93 5.75 7.66
CA ALA D 271 -8.02 6.87 8.63
C ALA D 271 -8.54 6.33 9.97
N ILE D 272 -9.59 5.51 9.96
CA ILE D 272 -10.20 4.91 11.19
C ILE D 272 -9.16 4.04 11.91
N ARG D 273 -8.37 3.26 11.17
CA ARG D 273 -7.34 2.35 11.74
C ARG D 273 -6.32 3.19 12.54
N ALA D 274 -5.90 4.33 12.00
CA ALA D 274 -4.96 5.27 12.66
C ALA D 274 -5.63 5.92 13.88
N ALA D 275 -6.88 6.38 13.77
CA ALA D 275 -7.63 7.01 14.89
C ALA D 275 -7.72 6.00 16.04
N TYR D 276 -8.05 4.74 15.72
CA TYR D 276 -8.20 3.65 16.71
C TYR D 276 -6.88 3.41 17.45
N ALA D 277 -5.76 3.32 16.71
CA ALA D 277 -4.41 3.10 17.30
C ALA D 277 -4.12 4.22 18.30
N GLU D 278 -4.43 5.47 17.95
CA GLU D 278 -4.21 6.66 18.81
C GLU D 278 -5.11 6.55 20.05
N ALA D 279 -6.41 6.32 19.86
CA ALA D 279 -7.41 6.32 20.95
C ALA D 279 -7.12 5.18 21.93
N VAL D 280 -6.86 3.96 21.43
CA VAL D 280 -6.68 2.76 22.31
C VAL D 280 -5.37 2.90 23.11
N SER D 281 -4.44 3.77 22.67
CA SER D 281 -3.13 4.00 23.34
C SER D 281 -3.27 4.96 24.54
N ALA D 282 -4.44 5.59 24.73
CA ALA D 282 -4.69 6.55 25.83
C ALA D 282 -5.74 5.99 26.81
N ASN D 283 -5.62 6.34 28.09
CA ASN D 283 -6.66 6.08 29.13
C ASN D 283 -7.81 7.06 28.91
N TYR D 284 -9.00 6.54 28.63
CA TYR D 284 -10.21 7.32 28.22
C TYR D 284 -9.81 8.17 27.02
N GLY D 285 -9.35 7.48 25.97
CA GLY D 285 -8.94 8.08 24.68
C GLY D 285 -10.11 8.14 23.72
N VAL D 286 -10.27 9.27 23.04
CA VAL D 286 -11.36 9.50 22.06
C VAL D 286 -10.75 9.97 20.74
N GLY D 287 -11.00 9.20 19.67
CA GLY D 287 -10.70 9.62 18.29
C GLY D 287 -11.97 10.04 17.58
N VAL D 288 -12.04 11.31 17.19
CA VAL D 288 -13.15 11.86 16.36
C VAL D 288 -12.60 11.98 14.94
N VAL D 289 -13.22 11.31 13.96
CA VAL D 289 -12.76 11.38 12.54
C VAL D 289 -13.94 11.76 11.65
N LYS D 290 -13.78 12.86 10.89
CA LYS D 290 -14.76 13.39 9.92
C LYS D 290 -14.59 12.63 8.61
N LEU D 291 -15.67 12.09 8.04
CA LEU D 291 -15.62 11.22 6.82
C LEU D 291 -16.60 11.74 5.77
N MET D 292 -16.25 12.83 5.07
CA MET D 292 -17.05 13.40 3.96
C MET D 292 -18.53 13.47 4.41
N GLY D 293 -19.48 13.13 3.54
CA GLY D 293 -20.93 13.04 3.84
C GLY D 293 -21.57 14.40 4.04
N ARG D 294 -21.69 15.18 2.96
CA ARG D 294 -22.30 16.54 2.97
C ARG D 294 -23.79 16.44 3.31
N ASP D 295 -24.53 15.59 2.61
CA ASP D 295 -26.02 15.47 2.75
C ASP D 295 -26.44 14.03 3.03
N SER D 296 -25.48 13.09 3.08
CA SER D 296 -25.75 11.65 3.30
C SER D 296 -24.52 11.00 3.95
N GLY D 297 -24.69 9.78 4.46
CA GLY D 297 -23.68 9.12 5.31
C GLY D 297 -23.24 7.78 4.76
N PHE D 298 -23.19 7.60 3.42
CA PHE D 298 -22.79 6.31 2.81
C PHE D 298 -21.33 6.01 3.13
N ILE D 299 -20.43 7.00 3.03
CA ILE D 299 -18.98 6.77 3.32
C ILE D 299 -18.84 6.40 4.80
N ALA D 300 -19.43 7.20 5.68
CA ALA D 300 -19.35 7.01 7.16
C ALA D 300 -19.89 5.62 7.53
N ALA D 301 -21.05 5.23 6.99
CA ALA D 301 -21.72 3.96 7.32
C ALA D 301 -20.89 2.76 6.82
N GLN D 302 -20.44 2.79 5.56
CA GLN D 302 -19.67 1.67 4.96
C GLN D 302 -18.31 1.55 5.66
N ALA D 303 -17.65 2.66 5.94
CA ALA D 303 -16.35 2.70 6.65
C ALA D 303 -16.51 2.12 8.05
N ALA D 304 -17.57 2.51 8.77
CA ALA D 304 -17.87 2.03 10.14
C ALA D 304 -17.99 0.51 10.13
N VAL D 305 -18.72 -0.05 9.17
CA VAL D 305 -18.96 -1.51 9.10
C VAL D 305 -17.67 -2.20 8.63
N ALA D 306 -17.02 -1.69 7.58
CA ALA D 306 -15.80 -2.31 7.01
C ALA D 306 -14.71 -2.36 8.09
N SER D 307 -14.51 -1.27 8.85
CA SER D 307 -13.44 -1.15 9.86
C SER D 307 -13.75 -1.97 11.11
N ALA D 308 -15.03 -2.06 11.49
CA ALA D 308 -15.52 -2.69 12.74
C ALA D 308 -14.86 -2.06 13.98
N GLN D 309 -14.47 -0.78 13.93
CA GLN D 309 -13.70 -0.11 15.00
C GLN D 309 -14.36 1.20 15.45
N ALA D 310 -15.49 1.58 14.85
CA ALA D 310 -16.25 2.80 15.23
C ALA D 310 -17.27 2.41 16.30
N ASN D 311 -17.36 3.19 17.38
CA ASN D 311 -18.30 2.93 18.50
C ASN D 311 -19.52 3.84 18.36
N ILE D 312 -19.37 4.97 17.66
CA ILE D 312 -20.46 5.95 17.38
C ILE D 312 -20.29 6.42 15.94
N CYS D 313 -21.39 6.45 15.19
CA CYS D 313 -21.42 6.84 13.76
C CYS D 313 -22.51 7.90 13.55
N LEU D 314 -22.10 9.15 13.31
CA LEU D 314 -23.00 10.34 13.26
C LEU D 314 -23.19 10.77 11.81
N VAL D 315 -24.43 10.69 11.30
CA VAL D 315 -24.77 10.91 9.88
C VAL D 315 -25.93 11.90 9.78
N PRO D 316 -26.00 12.67 8.67
CA PRO D 316 -27.06 13.66 8.46
C PRO D 316 -28.49 13.08 8.54
N GLU D 317 -28.65 11.82 8.14
CA GLU D 317 -29.98 11.14 8.08
C GLU D 317 -30.51 10.93 9.51
N ASN D 318 -29.65 10.99 10.54
CA ASN D 318 -30.01 10.60 11.92
C ASN D 318 -29.59 11.68 12.90
N PRO D 319 -30.20 12.89 12.84
CA PRO D 319 -29.82 13.98 13.74
C PRO D 319 -30.16 13.56 15.18
N ILE D 320 -29.16 13.58 16.05
CA ILE D 320 -29.34 13.36 17.52
C ILE D 320 -28.67 14.54 18.23
N SER D 321 -29.02 14.76 19.49
CA SER D 321 -28.58 15.94 20.28
C SER D 321 -27.17 15.68 20.81
N GLU D 322 -26.48 16.76 21.13
CA GLU D 322 -25.22 16.79 21.93
C GLU D 322 -25.36 15.86 23.14
N GLN D 323 -26.52 15.86 23.81
CA GLN D 323 -26.74 15.12 25.08
C GLN D 323 -26.74 13.61 24.79
N GLU D 324 -27.38 13.18 23.69
CA GLU D 324 -27.46 11.75 23.29
C GLU D 324 -26.05 11.26 22.95
N VAL D 325 -25.29 12.07 22.19
CA VAL D 325 -23.87 11.74 21.83
C VAL D 325 -23.08 11.49 23.12
N MET D 326 -23.12 12.42 24.08
CA MET D 326 -22.34 12.29 25.35
C MET D 326 -22.81 11.07 26.13
N SER D 327 -24.11 10.73 26.04
CA SER D 327 -24.69 9.54 26.71
C SER D 327 -24.10 8.26 26.10
N LEU D 328 -23.93 8.22 24.77
CA LEU D 328 -23.31 7.07 24.06
C LEU D 328 -21.85 6.94 24.50
N LEU D 329 -21.10 8.04 24.57
CA LEU D 329 -19.68 8.05 25.00
C LEU D 329 -19.59 7.54 26.44
N GLU D 330 -20.47 8.04 27.31
CA GLU D 330 -20.58 7.66 28.75
C GLU D 330 -20.75 6.14 28.86
N ARG D 331 -21.65 5.57 28.05
CA ARG D 331 -21.95 4.11 28.05
C ARG D 331 -20.71 3.34 27.56
N ARG D 332 -20.03 3.83 26.53
CA ARG D 332 -18.80 3.19 25.98
C ARG D 332 -17.76 3.10 27.09
N PHE D 333 -17.57 4.19 27.84
CA PHE D 333 -16.53 4.31 28.90
C PHE D 333 -16.92 3.53 30.16
N CYS D 334 -18.13 2.97 30.26
CA CYS D 334 -18.53 2.06 31.36
C CYS D 334 -17.62 0.82 31.39
N HIS D 335 -17.31 0.22 30.23
CA HIS D 335 -16.54 -1.06 30.16
C HIS D 335 -15.41 -1.03 29.12
N SER D 336 -15.10 0.14 28.54
CA SER D 336 -13.92 0.35 27.66
C SER D 336 -13.16 1.61 28.09
N ARG D 337 -11.89 1.70 27.70
CA ARG D 337 -10.99 2.85 28.00
C ARG D 337 -10.75 3.69 26.73
N SER D 338 -11.44 3.39 25.62
CA SER D 338 -11.30 4.15 24.35
C SER D 338 -12.63 4.16 23.58
N CYS D 339 -12.78 5.15 22.71
CA CYS D 339 -13.98 5.36 21.87
C CYS D 339 -13.56 6.01 20.56
N VAL D 340 -14.06 5.50 19.43
CA VAL D 340 -13.86 6.11 18.09
C VAL D 340 -15.22 6.61 17.60
N ILE D 341 -15.28 7.89 17.21
CA ILE D 341 -16.51 8.56 16.74
C ILE D 341 -16.30 8.97 15.28
N ILE D 342 -17.10 8.40 14.38
CA ILE D 342 -17.18 8.83 12.95
C ILE D 342 -18.23 9.95 12.89
N VAL D 343 -17.95 11.04 12.18
CA VAL D 343 -18.93 12.15 11.98
C VAL D 343 -18.88 12.60 10.52
N ALA D 344 -20.05 12.61 9.85
CA ALA D 344 -20.21 13.16 8.49
C ALA D 344 -20.22 14.69 8.61
N GLU D 345 -19.71 15.39 7.59
CA GLU D 345 -19.57 16.87 7.64
C GLU D 345 -20.96 17.52 7.69
N GLY D 346 -22.00 16.82 7.21
CA GLY D 346 -23.40 17.31 7.21
C GLY D 346 -24.16 17.00 8.48
N PHE D 347 -23.55 16.30 9.46
CA PHE D 347 -24.21 16.02 10.76
C PHE D 347 -24.29 17.31 11.59
N GLY D 348 -25.33 17.40 12.42
CA GLY D 348 -25.50 18.40 13.50
C GLY D 348 -25.47 19.83 12.98
N GLN D 349 -26.17 20.13 11.89
CA GLN D 349 -26.22 21.52 11.34
C GLN D 349 -27.17 22.37 12.20
N ASP D 350 -27.92 21.75 13.12
CA ASP D 350 -28.73 22.44 14.15
C ASP D 350 -27.96 22.52 15.50
N TRP D 351 -26.64 22.30 15.50
CA TRP D 351 -25.75 22.40 16.70
C TRP D 351 -25.14 23.80 16.81
N GLY D 352 -25.10 24.55 15.71
CA GLY D 352 -24.72 25.98 15.69
C GLY D 352 -25.54 26.70 14.63
N ARG D 353 -25.39 28.02 14.56
CA ARG D 353 -25.85 28.86 13.42
C ARG D 353 -24.61 29.20 12.56
N GLY D 354 -24.66 28.84 11.28
CA GLY D 354 -23.68 29.29 10.27
C GLY D 354 -23.85 30.76 9.92
N SER D 355 -23.07 31.25 8.97
CA SER D 355 -23.00 32.67 8.54
C SER D 355 -24.24 33.09 7.73
N GLY D 356 -24.95 32.13 7.13
CA GLY D 356 -26.02 32.34 6.13
C GLY D 356 -25.47 32.37 4.72
N GLY D 357 -24.13 32.31 4.60
CA GLY D 357 -23.39 32.39 3.34
C GLY D 357 -23.45 31.12 2.51
N TYR D 358 -23.03 31.26 1.25
CA TYR D 358 -22.95 30.23 0.19
C TYR D 358 -21.50 30.18 -0.31
N ASP D 359 -20.94 28.99 -0.53
CA ASP D 359 -19.59 28.83 -1.15
C ASP D 359 -19.71 29.09 -2.65
N ALA D 360 -18.59 29.04 -3.39
CA ALA D 360 -18.51 29.41 -4.82
C ALA D 360 -19.45 28.51 -5.65
N SER D 361 -19.70 27.28 -5.21
CA SER D 361 -20.54 26.23 -5.87
C SER D 361 -22.04 26.45 -5.61
N GLY D 362 -22.40 27.40 -4.74
CA GLY D 362 -23.80 27.74 -4.41
C GLY D 362 -24.37 26.83 -3.34
N ASN D 363 -23.51 26.18 -2.54
CA ASN D 363 -23.88 25.32 -1.39
C ASN D 363 -23.82 26.15 -0.10
N LYS D 364 -24.66 25.82 0.88
CA LYS D 364 -24.62 26.35 2.27
C LYS D 364 -23.20 26.27 2.83
N LYS D 365 -22.73 27.32 3.49
CA LYS D 365 -21.48 27.31 4.30
C LYS D 365 -21.77 26.61 5.64
N LEU D 366 -21.35 25.36 5.75
CA LEU D 366 -21.61 24.46 6.92
C LEU D 366 -20.81 24.96 8.11
N ILE D 367 -21.35 24.83 9.32
CA ILE D 367 -20.54 24.89 10.58
C ILE D 367 -19.56 23.70 10.53
N ASP D 368 -18.36 23.86 11.11
CA ASP D 368 -17.34 22.78 11.16
C ASP D 368 -17.64 21.82 12.31
N ILE D 369 -18.49 20.84 12.06
CA ILE D 369 -19.04 19.88 13.07
C ILE D 369 -17.90 19.05 13.67
N GLY D 370 -16.85 18.77 12.89
CA GLY D 370 -15.66 18.04 13.37
C GLY D 370 -15.03 18.73 14.57
N VAL D 371 -14.80 20.04 14.45
CA VAL D 371 -14.13 20.89 15.49
C VAL D 371 -15.10 21.05 16.66
N ILE D 372 -16.35 21.42 16.38
CA ILE D 372 -17.41 21.67 17.40
C ILE D 372 -17.64 20.41 18.24
N LEU D 373 -17.75 19.24 17.60
CA LEU D 373 -17.95 17.94 18.30
C LEU D 373 -16.75 17.67 19.21
N THR D 374 -15.53 17.77 18.68
CA THR D 374 -14.27 17.56 19.45
C THR D 374 -14.28 18.46 20.70
N GLU D 375 -14.59 19.75 20.53
CA GLU D 375 -14.66 20.76 21.64
C GLU D 375 -15.69 20.32 22.68
N LYS D 376 -16.87 19.86 22.25
CA LYS D 376 -17.99 19.50 23.16
C LYS D 376 -17.63 18.23 23.92
N VAL D 377 -16.96 17.26 23.28
CA VAL D 377 -16.49 16.00 23.93
C VAL D 377 -15.48 16.37 25.04
N LYS D 378 -14.57 17.30 24.75
CA LYS D 378 -13.54 17.76 25.74
C LYS D 378 -14.25 18.42 26.94
N ALA D 379 -15.19 19.33 26.68
CA ALA D 379 -15.98 20.05 27.73
C ALA D 379 -16.68 19.03 28.62
N PHE D 380 -17.32 18.02 28.01
CA PHE D 380 -18.03 16.94 28.74
C PHE D 380 -17.05 16.19 29.65
N LEU D 381 -15.90 15.76 29.10
CA LEU D 381 -14.90 14.97 29.86
C LEU D 381 -14.28 15.82 30.97
N LYS D 382 -14.05 17.11 30.73
CA LYS D 382 -13.49 18.07 31.73
C LYS D 382 -14.47 18.23 32.90
N ALA D 383 -15.75 18.45 32.60
CA ALA D 383 -16.85 18.59 33.59
C ALA D 383 -17.03 17.30 34.40
N ASN D 384 -16.50 16.17 33.92
CA ASN D 384 -16.63 14.84 34.56
C ASN D 384 -15.24 14.26 34.88
N LYS D 385 -14.24 15.12 35.09
CA LYS D 385 -12.83 14.72 35.40
C LYS D 385 -12.83 13.78 36.62
N SER D 386 -13.83 13.92 37.52
CA SER D 386 -14.12 12.98 38.63
C SER D 386 -14.05 11.52 38.13
N ARG D 387 -14.84 11.18 37.11
CA ARG D 387 -15.04 9.79 36.63
C ARG D 387 -14.06 9.42 35.51
N TYR D 388 -13.51 10.42 34.81
CA TYR D 388 -12.58 10.25 33.66
C TYR D 388 -11.31 11.03 33.95
N PRO D 389 -10.52 10.59 34.97
CA PRO D 389 -9.57 11.44 35.68
C PRO D 389 -8.52 12.07 34.75
N ASP D 390 -7.96 11.25 33.87
CA ASP D 390 -7.19 11.68 32.67
C ASP D 390 -8.01 11.25 31.46
N SER D 391 -8.01 12.06 30.40
CA SER D 391 -8.69 11.75 29.12
C SER D 391 -7.96 12.46 27.98
N THR D 392 -8.05 11.92 26.76
CA THR D 392 -7.40 12.49 25.56
C THR D 392 -8.38 12.45 24.40
N VAL D 393 -8.60 13.59 23.75
CA VAL D 393 -9.49 13.72 22.56
C VAL D 393 -8.65 14.22 21.38
N LYS D 394 -8.58 13.42 20.32
CA LYS D 394 -7.89 13.73 19.04
C LYS D 394 -8.94 13.89 17.94
N TYR D 395 -8.84 14.96 17.17
CA TYR D 395 -9.63 15.21 15.94
C TYR D 395 -8.76 14.87 14.71
N ILE D 396 -9.33 14.12 13.77
CA ILE D 396 -8.66 13.69 12.50
C ILE D 396 -9.54 14.12 11.33
N ASP D 397 -9.01 14.97 10.44
CA ASP D 397 -9.68 15.34 9.17
C ASP D 397 -8.86 14.73 8.02
N PRO D 398 -9.22 13.52 7.55
CA PRO D 398 -8.48 12.85 6.47
C PRO D 398 -9.02 13.17 5.07
N SER D 399 -9.83 14.23 4.94
CA SER D 399 -10.52 14.63 3.69
C SER D 399 -9.53 14.68 2.52
N TYR D 400 -8.39 15.35 2.73
CA TYR D 400 -7.28 15.51 1.75
C TYR D 400 -6.91 14.15 1.16
N MET D 401 -6.69 13.15 2.01
CA MET D 401 -6.16 11.82 1.62
C MET D 401 -7.30 11.01 0.99
N ILE D 402 -8.55 11.23 1.39
CA ILE D 402 -9.72 10.48 0.83
C ILE D 402 -9.97 10.91 -0.62
N ARG D 403 -9.87 12.19 -0.96
CA ARG D 403 -10.34 12.66 -2.30
C ARG D 403 -9.19 12.77 -3.31
N ALA D 404 -7.93 12.80 -2.88
CA ALA D 404 -6.79 13.25 -3.71
C ALA D 404 -5.92 12.08 -4.21
N CYS D 405 -6.34 10.84 -4.01
CA CYS D 405 -5.57 9.64 -4.40
C CYS D 405 -6.01 9.15 -5.79
N PRO D 406 -5.19 8.31 -6.46
CA PRO D 406 -5.66 7.57 -7.63
C PRO D 406 -6.70 6.54 -7.21
N PRO D 407 -7.56 6.06 -8.14
CA PRO D 407 -8.58 5.08 -7.78
C PRO D 407 -8.00 3.69 -7.51
N SER D 408 -8.71 2.88 -6.74
CA SER D 408 -8.58 1.40 -6.71
C SER D 408 -8.69 0.87 -8.16
N ALA D 409 -8.19 -0.32 -8.43
CA ALA D 409 -8.33 -1.00 -9.73
C ALA D 409 -9.82 -1.15 -10.09
N ASN D 410 -10.67 -1.43 -9.12
CA ASN D 410 -12.13 -1.62 -9.37
C ASN D 410 -12.76 -0.27 -9.77
N ASP D 411 -12.31 0.86 -9.21
CA ASP D 411 -12.79 2.21 -9.61
C ASP D 411 -12.20 2.58 -10.98
N ALA D 412 -10.96 2.19 -11.28
CA ALA D 412 -10.31 2.44 -12.59
C ALA D 412 -11.14 1.80 -13.71
N LEU D 413 -11.58 0.55 -13.52
CA LEU D 413 -12.41 -0.21 -14.49
C LEU D 413 -13.76 0.50 -14.67
N PHE D 414 -14.42 0.83 -13.55
CA PHE D 414 -15.72 1.54 -13.51
C PHE D 414 -15.63 2.87 -14.28
N CYS D 415 -14.64 3.71 -13.92
CA CYS D 415 -14.40 5.02 -14.59
C CYS D 415 -14.26 4.81 -16.11
N ALA D 416 -13.47 3.83 -16.55
CA ALA D 416 -13.21 3.56 -17.98
C ALA D 416 -14.51 3.18 -18.68
N THR D 417 -15.36 2.41 -18.02
CA THR D 417 -16.62 1.86 -18.59
C THR D 417 -17.67 2.98 -18.70
N LEU D 418 -17.84 3.79 -17.64
CA LEU D 418 -18.70 5.00 -17.65
C LEU D 418 -18.32 5.90 -18.83
N ALA D 419 -17.03 6.21 -18.96
CA ALA D 419 -16.49 7.18 -19.94
C ALA D 419 -16.67 6.65 -21.37
N THR D 420 -16.39 5.36 -21.61
CA THR D 420 -16.48 4.75 -22.97
C THR D 420 -17.95 4.79 -23.43
N LEU D 421 -18.88 4.38 -22.56
CA LEU D 421 -20.34 4.38 -22.86
C LEU D 421 -20.84 5.82 -23.05
N ALA D 422 -20.28 6.78 -22.31
CA ALA D 422 -20.67 8.20 -22.43
C ALA D 422 -20.32 8.70 -23.84
N VAL D 423 -19.17 8.29 -24.38
CA VAL D 423 -18.74 8.66 -25.75
C VAL D 423 -19.65 7.96 -26.76
N HIS D 424 -19.89 6.66 -26.62
CA HIS D 424 -20.80 5.88 -27.51
C HIS D 424 -22.14 6.62 -27.65
N GLU D 425 -22.72 7.05 -26.53
CA GLU D 425 -24.11 7.56 -26.48
C GLU D 425 -24.16 9.02 -26.98
N ALA D 426 -23.16 9.84 -26.64
CA ALA D 426 -23.06 11.23 -27.13
C ALA D 426 -22.85 11.23 -28.67
N MET D 427 -22.00 10.34 -29.20
CA MET D 427 -21.81 10.19 -30.67
C MET D 427 -23.16 9.82 -31.31
N ALA D 428 -23.99 9.05 -30.60
CA ALA D 428 -25.36 8.66 -31.03
C ALA D 428 -26.37 9.75 -30.68
N GLY D 429 -25.92 10.96 -30.34
CA GLY D 429 -26.78 12.17 -30.25
C GLY D 429 -27.49 12.33 -28.91
N ALA D 430 -27.16 11.54 -27.88
CA ALA D 430 -27.67 11.74 -26.50
C ALA D 430 -27.16 13.09 -25.98
N THR D 431 -28.03 13.85 -25.30
CA THR D 431 -27.71 15.21 -24.77
C THR D 431 -28.65 15.53 -23.60
N GLY D 432 -28.21 16.40 -22.69
CA GLY D 432 -28.99 16.85 -21.52
C GLY D 432 -29.18 15.73 -20.50
N CYS D 433 -28.29 14.74 -20.50
CA CYS D 433 -28.38 13.52 -19.67
C CYS D 433 -27.03 13.17 -19.03
N ILE D 434 -27.07 12.27 -18.05
CA ILE D 434 -25.90 11.67 -17.36
C ILE D 434 -25.89 10.16 -17.63
N ILE D 435 -24.73 9.54 -17.49
CA ILE D 435 -24.59 8.06 -17.42
C ILE D 435 -24.52 7.66 -15.94
N ALA D 436 -25.25 6.62 -15.56
CA ALA D 436 -25.34 6.09 -14.18
C ALA D 436 -25.30 4.56 -14.24
N MET D 437 -25.02 3.94 -13.09
CA MET D 437 -24.98 2.47 -12.93
C MET D 437 -26.03 2.09 -11.89
N ARG D 438 -26.91 1.16 -12.25
CA ARG D 438 -28.09 0.74 -11.47
C ARG D 438 -28.32 -0.76 -11.71
N HIS D 439 -28.55 -1.56 -10.68
CA HIS D 439 -28.86 -3.01 -10.83
C HIS D 439 -27.86 -3.65 -11.79
N ASN D 440 -26.58 -3.34 -11.61
CA ASN D 440 -25.45 -3.95 -12.37
C ASN D 440 -25.48 -3.54 -13.85
N ASN D 441 -26.20 -2.48 -14.23
CA ASN D 441 -26.33 -2.05 -15.65
C ASN D 441 -26.10 -0.55 -15.78
N TYR D 442 -25.62 -0.14 -16.95
CA TYR D 442 -25.37 1.29 -17.30
C TYR D 442 -26.63 1.84 -17.97
N ILE D 443 -27.08 2.99 -17.48
CA ILE D 443 -28.34 3.65 -17.93
C ILE D 443 -28.05 5.12 -18.20
N LEU D 444 -28.93 5.76 -18.97
CA LEU D 444 -28.93 7.22 -19.25
C LEU D 444 -30.11 7.83 -18.49
N VAL D 445 -29.87 8.94 -17.79
CA VAL D 445 -30.90 9.67 -17.01
C VAL D 445 -30.83 11.14 -17.41
N PRO D 446 -31.97 11.77 -17.78
CA PRO D 446 -32.01 13.22 -18.02
C PRO D 446 -31.52 13.98 -16.78
N ILE D 447 -30.73 15.04 -16.99
CA ILE D 447 -30.18 15.90 -15.91
C ILE D 447 -31.32 16.47 -15.07
N LYS D 448 -32.42 16.90 -15.71
CA LYS D 448 -33.54 17.58 -15.00
C LYS D 448 -34.01 16.68 -13.84
N VAL D 449 -34.35 15.41 -14.09
CA VAL D 449 -34.85 14.51 -13.02
C VAL D 449 -33.70 14.13 -12.07
N ALA D 450 -32.47 13.93 -12.57
CA ALA D 450 -31.29 13.54 -11.77
C ALA D 450 -30.96 14.61 -10.72
N THR D 451 -31.20 15.88 -11.02
CA THR D 451 -30.85 17.02 -10.13
C THR D 451 -32.03 17.43 -9.25
N SER D 452 -33.17 16.71 -9.31
CA SER D 452 -34.44 17.04 -8.62
C SER D 452 -34.60 16.19 -7.36
N VAL D 453 -33.82 15.12 -7.25
CA VAL D 453 -33.92 14.13 -6.15
C VAL D 453 -32.50 13.72 -5.76
N ARG D 454 -32.31 13.31 -4.52
CA ARG D 454 -31.01 12.80 -4.03
C ARG D 454 -31.25 11.55 -3.20
N ARG D 455 -30.18 10.81 -2.95
CA ARG D 455 -30.17 9.49 -2.30
C ARG D 455 -29.62 9.67 -0.89
N VAL D 456 -30.17 8.92 0.07
CA VAL D 456 -29.92 9.09 1.53
C VAL D 456 -29.96 7.70 2.16
N LEU D 457 -29.32 7.49 3.31
CA LEU D 457 -29.37 6.17 4.01
C LEU D 457 -30.82 5.88 4.39
N ASP D 458 -31.26 4.63 4.24
CA ASP D 458 -32.50 4.10 4.88
C ASP D 458 -32.10 3.60 6.27
N LEU D 459 -32.53 4.28 7.33
CA LEU D 459 -32.20 3.89 8.74
C LEU D 459 -32.85 2.56 9.11
N ARG D 460 -33.74 2.00 8.27
CA ARG D 460 -34.38 0.68 8.50
C ARG D 460 -33.71 -0.41 7.63
N GLY D 461 -32.76 -0.05 6.77
CA GLY D 461 -32.09 -0.97 5.81
C GLY D 461 -30.97 -1.78 6.46
N GLN D 462 -30.35 -2.68 5.68
CA GLN D 462 -29.39 -3.69 6.21
C GLN D 462 -28.05 -3.01 6.55
N LEU D 463 -27.60 -2.02 5.78
CA LEU D 463 -26.31 -1.34 6.04
C LEU D 463 -26.37 -0.68 7.44
N TRP D 464 -27.42 0.12 7.68
CA TRP D 464 -27.57 0.87 8.96
C TRP D 464 -27.76 -0.11 10.13
N ARG D 465 -28.43 -1.24 9.89
CA ARG D 465 -28.57 -2.33 10.90
C ARG D 465 -27.18 -2.81 11.30
N GLN D 466 -26.28 -3.02 10.34
CA GLN D 466 -24.90 -3.49 10.63
C GLN D 466 -24.16 -2.41 11.43
N VAL D 467 -24.39 -1.13 11.14
CA VAL D 467 -23.79 -0.01 11.91
C VAL D 467 -24.29 -0.11 13.36
N ARG D 468 -25.59 -0.34 13.56
CA ARG D 468 -26.22 -0.39 14.92
C ARG D 468 -25.73 -1.61 15.70
N GLU D 469 -25.44 -2.73 15.03
CA GLU D 469 -24.90 -3.97 15.67
C GLU D 469 -23.53 -3.71 16.31
N ILE D 470 -22.69 -2.86 15.70
CA ILE D 470 -21.30 -2.64 16.21
C ILE D 470 -21.23 -1.40 17.09
N THR D 471 -22.08 -0.39 16.88
CA THR D 471 -22.01 0.90 17.64
C THR D 471 -22.72 0.76 18.99
N VAL D 472 -22.38 1.64 19.93
CA VAL D 472 -22.89 1.62 21.34
C VAL D 472 -24.42 1.64 21.31
N ASP D 473 -25.04 0.86 22.19
CA ASP D 473 -26.53 0.73 22.31
C ASP D 473 -26.97 1.01 23.75
N LEU D 474 -27.70 2.12 23.95
CA LEU D 474 -28.24 2.52 25.28
C LEU D 474 -29.30 1.50 25.74
N GLY D 475 -29.91 0.76 24.81
CA GLY D 475 -30.99 -0.22 25.06
C GLY D 475 -30.53 -1.43 25.87
N SER D 476 -29.24 -1.76 25.86
CA SER D 476 -28.67 -2.90 26.62
C SER D 476 -28.61 -2.57 28.12
N ASP D 477 -28.76 -3.58 28.97
CA ASP D 477 -28.45 -3.53 30.43
C ASP D 477 -26.92 -3.63 30.58
N VAL D 478 -26.26 -2.53 30.94
CA VAL D 478 -24.78 -2.46 31.10
C VAL D 478 -24.31 -3.61 32.00
N ARG D 479 -24.93 -3.75 33.17
CA ARG D 479 -24.52 -4.66 34.27
C ARG D 479 -24.76 -6.12 33.84
N LEU D 480 -25.96 -6.39 33.33
CA LEU D 480 -26.39 -7.75 32.89
C LEU D 480 -25.49 -8.18 31.72
N ALA D 481 -25.50 -7.43 30.62
CA ALA D 481 -24.70 -7.68 29.40
C ALA D 481 -23.27 -8.07 29.77
N ARG D 482 -22.67 -7.39 30.74
CA ARG D 482 -21.27 -7.62 31.18
C ARG D 482 -21.15 -9.00 31.83
N LYS D 483 -22.14 -9.41 32.64
CA LYS D 483 -22.11 -10.70 33.38
C LYS D 483 -22.04 -11.84 32.37
N LEU D 484 -22.88 -11.79 31.33
CA LEU D 484 -22.97 -12.81 30.24
C LEU D 484 -21.64 -12.83 29.47
N GLU D 485 -21.08 -11.66 29.17
CA GLU D 485 -19.75 -11.52 28.53
C GLU D 485 -18.74 -12.40 29.27
N ILE D 486 -18.62 -12.20 30.58
CA ILE D 486 -17.59 -12.84 31.44
C ILE D 486 -17.83 -14.36 31.46
N ARG D 487 -19.09 -14.81 31.51
CA ARG D 487 -19.43 -16.25 31.52
C ARG D 487 -18.90 -16.89 30.23
N ARG D 488 -19.21 -16.30 29.08
CA ARG D 488 -18.75 -16.79 27.74
C ARG D 488 -17.22 -16.88 27.74
N GLU D 489 -16.52 -15.85 28.22
CA GLU D 489 -15.03 -15.81 28.26
C GLU D 489 -14.51 -16.96 29.15
N LEU D 490 -15.07 -17.12 30.34
CA LEU D 490 -14.66 -18.17 31.33
C LEU D 490 -14.83 -19.55 30.71
N GLU D 491 -15.96 -19.78 30.03
CA GLU D 491 -16.24 -21.03 29.27
C GLU D 491 -15.08 -21.31 28.29
N ALA D 492 -14.67 -20.31 27.52
CA ALA D 492 -13.59 -20.39 26.52
C ALA D 492 -12.25 -20.71 27.18
N ILE D 493 -11.84 -19.98 28.23
CA ILE D 493 -10.51 -20.15 28.87
C ILE D 493 -10.48 -21.50 29.60
N ASN D 494 -11.63 -21.99 30.09
CA ASN D 494 -11.76 -23.33 30.73
C ASN D 494 -11.44 -24.43 29.71
N ARG D 495 -11.98 -24.32 28.49
CA ARG D 495 -11.73 -25.26 27.37
C ARG D 495 -10.24 -25.28 27.04
N ASN D 496 -9.62 -24.10 26.85
CA ASN D 496 -8.16 -23.94 26.54
C ASN D 496 -7.34 -24.61 27.65
N ARG D 497 -7.66 -24.28 28.90
CA ARG D 497 -7.04 -24.82 30.14
C ARG D 497 -7.04 -26.36 30.08
N ASP D 498 -8.14 -26.97 29.65
CA ASP D 498 -8.32 -28.45 29.56
C ASP D 498 -7.38 -29.00 28.47
N ARG D 499 -7.51 -28.53 27.23
CA ARG D 499 -6.71 -29.01 26.07
C ARG D 499 -5.21 -28.90 26.40
N LEU D 500 -4.79 -27.79 27.02
CA LEU D 500 -3.39 -27.57 27.45
C LEU D 500 -2.99 -28.68 28.44
N HIS D 501 -3.79 -28.89 29.50
CA HIS D 501 -3.55 -29.93 30.55
C HIS D 501 -3.43 -31.30 29.88
N GLU D 502 -4.31 -31.62 28.93
CA GLU D 502 -4.27 -32.86 28.12
C GLU D 502 -2.90 -33.02 27.46
N GLU D 503 -2.45 -31.97 26.74
CA GLU D 503 -1.31 -32.02 25.80
C GLU D 503 -0.03 -32.48 26.49
N LEU D 504 0.12 -32.27 27.82
CA LEU D 504 1.29 -32.75 28.61
C LEU D 504 1.27 -34.29 28.73
N ALA D 505 2.35 -34.92 28.27
CA ALA D 505 2.54 -36.39 28.18
C ALA D 505 1.94 -36.87 26.87
#